data_8W1K
#
_entry.id   8W1K
#
_cell.length_a   158.905
_cell.length_b   170.367
_cell.length_c   121.603
_cell.angle_alpha   90.00
_cell.angle_beta   90.00
_cell.angle_gamma   90.00
#
_symmetry.space_group_name_H-M   'C 2 2 21'
#
loop_
_entity.id
_entity.type
_entity.pdbx_description
1 polymer 'Fatty acid decarboxylase'
2 non-polymer 'PROTOPORPHYRIN IX CONTAINING FE'
3 non-polymer 'OLEIC ACID'
4 non-polymer DI(HYDROXYETHYL)ETHER
5 non-polymer GLYCEROL
6 non-polymer 'CHLORIDE ION'
7 non-polymer 'TRIETHYLENE GLYCOL'
8 water water
#
_entity_poly.entity_id   1
_entity_poly.type   'polypeptide(L)'
_entity_poly.pdbx_seq_one_letter_code
;MGSSHHHHHHSSGLVPRGSHMMRMTSNQNPRVSGDRTIQFLTDGYLLPSNLRKTAGLEPESMCPVTTKLLGQDATIVRGS
AGIDLFYDEDVMQREGAMPPVIGDALVGKGAVHNLDGEEHKVRKAQMAAMAYEDERVAEFAPLVAEEVERAVAGWEGAQG
NVFEDLSLAFGRAAFRWAGIDLPAENTDELVGRMITLLDNFGTATGTPKAFWQRRQLDNWAEALITDVREGRITARPDCV
LEHMAQLTDASGERVDARTAGIELQNLTRPTVAVGFFASFAAVALAENPQWRTRINESETGREAFAFAQEVRRFYPFVPM
FPAKATKDTEFEGCPIHQGQRVILDFVGTLHSAEEWDNPASFDPERFMAYETQSEAETIKPFIPQGGADVRTGHRCPGEK
IAVTALSAAVEALARPEVRISAEAIDINYSMTEILARPKSGVRVTVASSS
;
_entity_poly.pdbx_strand_id   A,B,C
#
loop_
_chem_comp.id
_chem_comp.type
_chem_comp.name
_chem_comp.formula
CL non-polymer 'CHLORIDE ION' 'Cl -1'
GOL non-polymer GLYCEROL 'C3 H8 O3'
HEM non-polymer 'PROTOPORPHYRIN IX CONTAINING FE' 'C34 H32 Fe N4 O4'
OLA non-polymer 'OLEIC ACID' 'C18 H34 O2'
PEG non-polymer DI(HYDROXYETHYL)ETHER 'C4 H10 O3'
PGE non-polymer 'TRIETHYLENE GLYCOL' 'C6 H14 O4'
#
# COMPACT_ATOMS: atom_id res chain seq x y z
N PRO A 30 32.34 -8.06 11.01
CA PRO A 30 32.92 -6.89 11.69
C PRO A 30 31.86 -6.15 12.49
N ARG A 31 32.11 -5.98 13.78
CA ARG A 31 31.15 -5.33 14.67
C ARG A 31 31.84 -4.23 15.44
N VAL A 32 31.07 -3.20 15.78
CA VAL A 32 31.46 -2.20 16.75
C VAL A 32 30.51 -2.34 17.93
N SER A 33 31.05 -2.44 19.14
CA SER A 33 30.25 -2.77 20.30
C SER A 33 29.52 -1.54 20.82
N GLY A 34 28.44 -1.80 21.56
CA GLY A 34 27.70 -0.74 22.21
C GLY A 34 26.73 -0.07 21.27
N ASP A 35 26.03 0.92 21.81
CA ASP A 35 25.08 1.71 21.03
C ASP A 35 25.76 3.01 20.63
N ARG A 36 25.81 3.27 19.33
CA ARG A 36 26.58 4.39 18.80
C ARG A 36 25.69 5.53 18.34
N THR A 37 24.44 5.57 18.82
CA THR A 37 23.53 6.65 18.41
C THR A 37 24.12 8.02 18.67
N ILE A 38 24.71 8.23 19.86
CA ILE A 38 25.25 9.54 20.19
C ILE A 38 26.37 9.92 19.24
N GLN A 39 27.12 8.93 18.76
CA GLN A 39 28.25 9.19 17.88
C GLN A 39 27.81 9.66 16.50
N PHE A 40 26.57 9.39 16.09
CA PHE A 40 26.10 9.95 14.82
C PHE A 40 26.09 11.47 14.87
N LEU A 41 25.65 12.03 16.01
CA LEU A 41 25.58 13.47 16.13
C LEU A 41 26.96 14.09 16.29
N THR A 42 27.89 13.37 16.92
CA THR A 42 29.21 13.97 17.08
C THR A 42 30.06 13.82 15.81
N ASP A 43 29.87 12.73 15.04
CA ASP A 43 30.72 12.44 13.88
C ASP A 43 30.15 12.92 12.54
N GLY A 44 28.83 13.07 12.43
CA GLY A 44 28.23 13.49 11.16
C GLY A 44 28.68 12.66 9.97
N TYR A 45 29.29 13.31 8.97
CA TYR A 45 29.69 12.59 7.77
C TYR A 45 30.84 11.65 8.03
N LEU A 46 31.60 11.82 9.13
CA LEU A 46 32.71 10.93 9.46
C LEU A 46 32.27 9.63 10.11
N LEU A 47 30.99 9.48 10.46
CA LEU A 47 30.56 8.28 11.17
C LEU A 47 30.90 6.98 10.45
N PRO A 48 30.54 6.76 9.19
CA PRO A 48 30.84 5.42 8.61
C PRO A 48 32.32 5.09 8.57
N SER A 49 33.18 6.04 8.20
CA SER A 49 34.59 5.67 8.13
C SER A 49 35.19 5.51 9.53
N ASN A 50 34.68 6.25 10.52
CA ASN A 50 35.10 6.00 11.90
C ASN A 50 34.71 4.59 12.36
N LEU A 51 33.50 4.14 12.04
CA LEU A 51 33.11 2.80 12.49
C LEU A 51 33.87 1.70 11.75
N ARG A 52 34.12 1.85 10.45
CA ARG A 52 34.92 0.85 9.77
C ARG A 52 36.31 0.76 10.40
N LYS A 53 36.86 1.90 10.78
CA LYS A 53 38.19 1.89 11.40
C LYS A 53 38.12 1.22 12.77
N THR A 54 37.12 1.58 13.58
CA THR A 54 37.00 1.00 14.92
C THR A 54 36.75 -0.49 14.84
N ALA A 55 36.15 -0.94 13.75
CA ALA A 55 35.88 -2.36 13.58
C ALA A 55 37.10 -3.14 13.15
N GLY A 56 38.20 -2.48 12.81
CA GLY A 56 39.39 -3.17 12.37
C GLY A 56 39.47 -3.43 10.89
N LEU A 57 38.61 -2.80 10.10
CA LEU A 57 38.66 -2.99 8.67
C LEU A 57 39.83 -2.20 8.09
N GLU A 58 40.33 -2.64 6.95
CA GLU A 58 41.35 -1.85 6.30
C GLU A 58 40.70 -0.68 5.54
N PRO A 59 41.41 0.42 5.34
CA PRO A 59 40.86 1.50 4.51
C PRO A 59 40.45 0.91 3.18
N GLU A 60 39.35 1.42 2.62
CA GLU A 60 38.82 1.01 1.34
C GLU A 60 38.13 -0.36 1.37
N SER A 61 37.96 -0.96 2.55
CA SER A 61 37.25 -2.23 2.63
C SER A 61 35.81 -2.10 2.16
N MET A 62 35.34 -3.12 1.45
CA MET A 62 33.93 -3.21 1.08
C MET A 62 33.14 -4.13 2.00
N CYS A 63 33.71 -4.53 3.15
N CYS A 63 33.72 -4.53 3.13
CA CYS A 63 33.02 -5.39 4.10
CA CYS A 63 33.01 -5.35 4.09
C CYS A 63 32.03 -4.56 4.93
C CYS A 63 31.98 -4.52 4.86
N PRO A 64 30.83 -5.09 5.18
CA PRO A 64 29.87 -4.37 6.03
C PRO A 64 30.36 -4.24 7.47
N VAL A 65 29.88 -3.22 8.16
CA VAL A 65 30.17 -3.08 9.60
C VAL A 65 28.84 -2.92 10.33
N THR A 66 28.69 -3.62 11.45
CA THR A 66 27.44 -3.64 12.19
C THR A 66 27.64 -3.05 13.57
N THR A 67 26.69 -2.21 13.98
CA THR A 67 26.68 -1.59 15.31
C THR A 67 25.23 -1.54 15.78
N LYS A 68 24.98 -0.89 16.92
CA LYS A 68 23.62 -0.64 17.37
C LYS A 68 23.33 0.84 17.22
N LEU A 69 22.19 1.15 16.62
CA LEU A 69 21.71 2.53 16.51
C LEU A 69 20.25 2.50 16.92
N LEU A 70 19.86 3.44 17.79
CA LEU A 70 18.47 3.54 18.23
C LEU A 70 17.96 2.21 18.79
N GLY A 71 18.82 1.51 19.52
CA GLY A 71 18.44 0.27 20.16
C GLY A 71 18.30 -0.94 19.27
N GLN A 72 18.67 -0.88 18.00
CA GLN A 72 18.61 -2.06 17.13
C GLN A 72 19.88 -2.15 16.31
N ASP A 73 20.14 -3.35 15.78
CA ASP A 73 21.28 -3.50 14.88
C ASP A 73 21.13 -2.61 13.65
N ALA A 74 22.28 -2.17 13.14
CA ALA A 74 22.37 -1.44 11.89
C ALA A 74 23.65 -1.85 11.21
N THR A 75 23.55 -2.26 9.96
CA THR A 75 24.72 -2.68 9.20
C THR A 75 24.97 -1.63 8.13
N ILE A 76 26.19 -1.12 8.06
CA ILE A 76 26.53 -0.05 7.12
C ILE A 76 27.28 -0.67 5.95
N VAL A 77 26.79 -0.41 4.72
CA VAL A 77 27.31 -0.97 3.48
C VAL A 77 27.63 0.18 2.51
N ARG A 78 28.57 -0.07 1.59
CA ARG A 78 28.89 0.95 0.57
C ARG A 78 29.29 0.25 -0.71
N GLY A 79 29.30 1.00 -1.83
CA GLY A 79 29.72 0.41 -3.09
C GLY A 79 28.60 -0.31 -3.82
N SER A 80 28.95 -0.84 -4.99
CA SER A 80 27.95 -1.40 -5.90
C SER A 80 27.17 -2.54 -5.28
N ALA A 81 27.84 -3.44 -4.56
CA ALA A 81 27.12 -4.55 -3.94
C ALA A 81 26.19 -4.03 -2.83
N GLY A 82 26.65 -3.03 -2.09
CA GLY A 82 25.81 -2.43 -1.06
C GLY A 82 24.60 -1.74 -1.67
N ILE A 83 24.78 -1.12 -2.84
CA ILE A 83 23.66 -0.48 -3.54
C ILE A 83 22.62 -1.54 -3.93
N ASP A 84 23.08 -2.66 -4.48
CA ASP A 84 22.16 -3.69 -4.91
C ASP A 84 21.34 -4.22 -3.74
N LEU A 85 21.97 -4.37 -2.57
CA LEU A 85 21.22 -4.82 -1.38
C LEU A 85 20.21 -3.79 -0.95
N PHE A 86 20.65 -2.55 -0.79
CA PHE A 86 19.80 -1.48 -0.25
C PHE A 86 18.54 -1.30 -1.08
N TYR A 87 18.63 -1.43 -2.40
CA TYR A 87 17.51 -1.20 -3.30
C TYR A 87 16.79 -2.49 -3.68
N ASP A 88 17.04 -3.57 -2.96
CA ASP A 88 16.33 -4.84 -3.24
C ASP A 88 15.05 -4.82 -2.41
N GLU A 89 13.94 -4.46 -3.03
CA GLU A 89 12.68 -4.33 -2.29
C GLU A 89 12.07 -5.67 -1.91
N ASP A 90 12.64 -6.79 -2.36
CA ASP A 90 12.24 -8.08 -1.81
C ASP A 90 12.69 -8.26 -0.37
N VAL A 91 13.74 -7.55 0.06
CA VAL A 91 14.28 -7.74 1.41
C VAL A 91 14.37 -6.44 2.21
N MET A 92 14.20 -5.28 1.56
CA MET A 92 14.34 -4.00 2.23
C MET A 92 13.02 -3.22 2.16
N GLN A 93 12.64 -2.59 3.27
CA GLN A 93 11.50 -1.71 3.34
C GLN A 93 11.97 -0.37 3.86
N ARG A 94 11.19 0.68 3.64
CA ARG A 94 11.53 1.98 4.21
C ARG A 94 10.67 2.41 5.38
N GLU A 95 9.49 1.82 5.56
CA GLU A 95 8.65 2.28 6.66
C GLU A 95 9.39 2.09 7.97
N GLY A 96 9.52 3.17 8.74
CA GLY A 96 10.17 3.13 10.04
C GLY A 96 11.69 3.21 9.99
N ALA A 97 12.29 3.28 8.80
CA ALA A 97 13.75 3.26 8.73
C ALA A 97 14.35 4.58 9.18
N MET A 98 13.79 5.68 8.75
CA MET A 98 14.34 6.97 9.12
C MET A 98 13.79 7.36 10.48
N PRO A 99 14.63 7.75 11.43
CA PRO A 99 14.12 8.22 12.72
C PRO A 99 13.23 9.44 12.53
N PRO A 100 12.06 9.44 13.18
CA PRO A 100 11.11 10.55 13.00
C PRO A 100 11.69 11.91 13.31
N VAL A 101 12.59 12.02 14.28
CA VAL A 101 13.12 13.34 14.60
C VAL A 101 13.82 13.97 13.40
N ILE A 102 14.35 13.17 12.47
CA ILE A 102 14.84 13.69 11.19
C ILE A 102 13.73 13.72 10.15
N GLY A 103 13.06 12.58 9.96
CA GLY A 103 12.16 12.44 8.81
C GLY A 103 10.92 13.31 8.92
N ASP A 104 10.31 13.37 10.11
CA ASP A 104 9.10 14.16 10.25
C ASP A 104 9.37 15.63 10.04
N ALA A 105 10.58 16.10 10.37
CA ALA A 105 10.95 17.49 10.07
C ALA A 105 11.33 17.66 8.61
N LEU A 106 12.21 16.79 8.10
CA LEU A 106 12.77 16.99 6.76
C LEU A 106 11.71 16.78 5.67
N VAL A 107 11.02 15.65 5.71
CA VAL A 107 10.11 15.31 4.60
C VAL A 107 8.65 15.30 5.03
N GLY A 108 8.34 15.31 6.32
CA GLY A 108 6.97 15.36 6.79
C GLY A 108 6.35 13.97 6.96
N LYS A 109 5.28 13.93 7.77
CA LYS A 109 4.59 12.68 8.03
C LYS A 109 3.82 12.21 6.82
N GLY A 110 3.80 10.90 6.59
CA GLY A 110 3.06 10.33 5.49
C GLY A 110 3.69 10.52 4.13
N ALA A 111 4.93 11.02 4.07
CA ALA A 111 5.58 11.27 2.79
C ALA A 111 5.88 9.96 2.06
N VAL A 112 6.01 10.07 0.72
CA VAL A 112 6.36 8.95 -0.15
C VAL A 112 7.61 8.22 0.34
N HIS A 113 8.53 8.93 1.01
CA HIS A 113 9.78 8.30 1.48
C HIS A 113 9.50 7.13 2.44
N ASN A 114 8.38 7.20 3.16
CA ASN A 114 8.02 6.21 4.17
C ASN A 114 7.20 5.06 3.63
N LEU A 115 6.82 5.08 2.35
CA LEU A 115 5.89 4.10 1.80
C LEU A 115 6.64 2.92 1.18
N ASP A 116 5.97 1.77 1.12
CA ASP A 116 6.52 0.58 0.50
C ASP A 116 5.49 -0.01 -0.46
N GLY A 117 5.97 -0.90 -1.33
CA GLY A 117 5.00 -1.71 -2.08
C GLY A 117 4.19 -0.93 -3.10
N GLU A 118 3.00 -1.44 -3.43
CA GLU A 118 2.21 -0.80 -4.47
C GLU A 118 1.83 0.63 -4.07
N GLU A 119 1.55 0.88 -2.80
CA GLU A 119 1.22 2.26 -2.43
C GLU A 119 2.40 3.19 -2.72
N HIS A 120 3.63 2.73 -2.43
CA HIS A 120 4.79 3.54 -2.80
C HIS A 120 4.85 3.76 -4.31
N LYS A 121 4.68 2.69 -5.08
CA LYS A 121 4.77 2.81 -6.54
C LYS A 121 3.76 3.82 -7.11
N VAL A 122 2.52 3.80 -6.59
CA VAL A 122 1.47 4.69 -7.07
C VAL A 122 1.78 6.16 -6.72
N ARG A 123 2.19 6.41 -5.47
CA ARG A 123 2.56 7.76 -5.05
C ARG A 123 3.77 8.25 -5.84
N LYS A 124 4.78 7.39 -5.97
CA LYS A 124 6.02 7.79 -6.66
C LYS A 124 5.76 8.03 -8.15
N ALA A 125 4.87 7.26 -8.78
CA ALA A 125 4.55 7.54 -10.18
C ALA A 125 4.03 8.96 -10.34
N GLN A 126 3.15 9.40 -9.41
CA GLN A 126 2.56 10.71 -9.53
C GLN A 126 3.57 11.82 -9.27
N MET A 127 4.53 11.58 -8.37
CA MET A 127 5.54 12.59 -8.08
C MET A 127 6.63 12.61 -9.15
N ALA A 128 7.07 11.45 -9.63
CA ALA A 128 8.03 11.41 -10.73
C ALA A 128 7.45 12.00 -12.02
N ALA A 129 6.13 11.90 -12.20
CA ALA A 129 5.52 12.49 -13.38
C ALA A 129 5.72 14.01 -13.40
N MET A 130 5.82 14.61 -12.22
CA MET A 130 6.04 16.05 -12.08
C MET A 130 7.52 16.41 -12.20
N ALA A 131 8.38 15.73 -11.43
CA ALA A 131 9.77 16.18 -11.33
C ALA A 131 10.67 15.61 -12.41
N TYR A 132 10.36 14.42 -12.93
CA TYR A 132 11.33 13.64 -13.70
C TYR A 132 11.06 13.65 -15.20
N GLU A 133 9.90 14.11 -15.64
CA GLU A 133 9.64 14.14 -17.07
C GLU A 133 10.39 15.28 -17.74
N ASP A 134 11.05 14.96 -18.86
CA ASP A 134 11.89 15.93 -19.56
C ASP A 134 11.14 17.21 -19.92
N GLU A 135 9.87 17.12 -20.34
CA GLU A 135 9.17 18.36 -20.70
C GLU A 135 8.95 19.25 -19.49
N ARG A 136 8.73 18.68 -18.32
CA ARG A 136 8.56 19.49 -17.14
C ARG A 136 9.88 20.07 -16.67
N VAL A 137 10.96 19.31 -16.82
CA VAL A 137 12.28 19.87 -16.54
C VAL A 137 12.56 21.04 -17.46
N ALA A 138 12.22 20.90 -18.75
CA ALA A 138 12.41 21.98 -19.72
C ALA A 138 11.64 23.23 -19.33
N GLU A 139 10.49 23.08 -18.63
CA GLU A 139 9.78 24.25 -18.12
C GLU A 139 10.52 24.90 -16.98
N PHE A 140 11.21 24.10 -16.16
CA PHE A 140 11.95 24.65 -15.03
C PHE A 140 13.18 25.46 -15.47
N ALA A 141 13.86 25.00 -16.51
CA ALA A 141 15.17 25.57 -16.88
C ALA A 141 15.15 27.08 -17.11
N PRO A 142 14.23 27.66 -17.91
CA PRO A 142 14.27 29.13 -18.06
C PRO A 142 13.87 29.87 -16.80
N LEU A 143 13.06 29.25 -15.94
CA LEU A 143 12.66 29.92 -14.70
C LEU A 143 13.85 30.03 -13.75
N VAL A 144 14.60 28.94 -13.63
CA VAL A 144 15.72 28.97 -12.68
C VAL A 144 16.85 29.85 -13.23
N ALA A 145 17.06 29.88 -14.57
CA ALA A 145 18.03 30.81 -15.13
C ALA A 145 17.66 32.27 -14.83
N GLU A 146 16.36 32.60 -14.96
CA GLU A 146 15.87 33.94 -14.68
C GLU A 146 16.05 34.32 -13.21
N GLU A 147 15.74 33.40 -12.29
CA GLU A 147 15.86 33.73 -10.86
C GLU A 147 17.32 33.79 -10.43
N VAL A 148 18.17 32.93 -10.98
CA VAL A 148 19.61 33.04 -10.70
C VAL A 148 20.16 34.36 -11.19
N GLU A 149 19.78 34.78 -12.40
CA GLU A 149 20.27 36.05 -12.94
C GLU A 149 19.83 37.22 -12.06
N ARG A 150 18.61 37.16 -11.53
CA ARG A 150 18.14 38.19 -10.62
C ARG A 150 18.95 38.23 -9.32
N ALA A 151 19.28 37.07 -8.76
CA ALA A 151 20.10 37.05 -7.54
C ALA A 151 21.46 37.66 -7.81
N VAL A 152 22.07 37.29 -8.93
CA VAL A 152 23.43 37.73 -9.25
C VAL A 152 23.43 39.22 -9.53
N ALA A 153 22.40 39.73 -10.21
CA ALA A 153 22.30 41.18 -10.40
C ALA A 153 22.21 41.91 -9.06
N GLY A 154 21.61 41.29 -8.05
CA GLY A 154 21.54 41.89 -6.74
C GLY A 154 22.90 41.99 -6.06
N TRP A 155 23.90 41.23 -6.54
CA TRP A 155 25.25 41.27 -5.97
C TRP A 155 26.10 42.42 -6.52
N GLU A 156 25.62 43.11 -7.53
CA GLU A 156 26.44 44.13 -8.20
C GLU A 156 26.77 45.27 -7.24
N GLY A 157 28.07 45.44 -6.96
CA GLY A 157 28.50 46.46 -6.02
C GLY A 157 28.04 46.25 -4.60
N ALA A 158 27.66 45.02 -4.22
CA ALA A 158 26.98 44.75 -2.95
C ALA A 158 27.51 43.44 -2.39
N GLN A 159 27.18 43.17 -1.12
CA GLN A 159 27.65 41.97 -0.44
C GLN A 159 26.56 40.89 -0.54
N GLY A 160 26.80 39.88 -1.37
CA GLY A 160 25.88 38.78 -1.52
C GLY A 160 26.30 37.56 -0.71
N ASN A 161 25.46 36.53 -0.74
CA ASN A 161 25.70 35.31 0.00
C ASN A 161 25.22 34.16 -0.88
N VAL A 162 26.13 33.26 -1.30
CA VAL A 162 25.71 32.25 -2.29
C VAL A 162 24.62 31.37 -1.72
N PHE A 163 24.86 30.81 -0.53
CA PHE A 163 23.87 29.91 0.05
C PHE A 163 22.50 30.58 0.22
N GLU A 164 22.45 31.74 0.87
CA GLU A 164 21.15 32.35 1.13
C GLU A 164 20.49 32.87 -0.14
N ASP A 165 21.26 33.52 -1.02
CA ASP A 165 20.63 34.16 -2.18
C ASP A 165 20.29 33.16 -3.28
N LEU A 166 21.15 32.14 -3.52
CA LEU A 166 20.77 31.18 -4.57
C LEU A 166 19.74 30.19 -4.07
N SER A 167 19.70 29.91 -2.76
CA SER A 167 18.60 29.08 -2.25
C SER A 167 17.27 29.78 -2.46
N LEU A 168 17.26 31.07 -2.20
CA LEU A 168 16.05 31.87 -2.46
C LEU A 168 15.68 31.84 -3.94
N ALA A 169 16.65 32.07 -4.82
CA ALA A 169 16.40 32.03 -6.26
C ALA A 169 15.81 30.67 -6.68
N PHE A 170 16.39 29.57 -6.18
CA PHE A 170 15.86 28.24 -6.51
C PHE A 170 14.41 28.09 -6.03
N GLY A 171 14.14 28.58 -4.80
CA GLY A 171 12.78 28.48 -4.28
C GLY A 171 11.79 29.32 -5.09
N ARG A 172 12.18 30.52 -5.46
CA ARG A 172 11.31 31.31 -6.31
C ARG A 172 11.02 30.58 -7.62
N ALA A 173 12.07 29.99 -8.24
CA ALA A 173 11.85 29.27 -9.48
C ALA A 173 10.95 28.05 -9.27
N ALA A 174 11.12 27.36 -8.13
CA ALA A 174 10.34 26.17 -7.89
C ALA A 174 8.86 26.49 -7.71
N PHE A 175 8.53 27.58 -6.98
CA PHE A 175 7.13 27.97 -6.79
C PHE A 175 6.51 28.37 -8.13
N ARG A 176 7.20 29.22 -8.92
CA ARG A 176 6.70 29.56 -10.24
C ARG A 176 6.53 28.31 -11.11
N TRP A 177 7.52 27.41 -11.08
CA TRP A 177 7.45 26.19 -11.89
C TRP A 177 6.25 25.33 -11.51
N ALA A 178 5.97 25.21 -10.22
CA ALA A 178 4.90 24.34 -9.73
C ALA A 178 3.51 24.95 -9.90
N GLY A 179 3.43 26.23 -10.30
CA GLY A 179 2.14 26.90 -10.37
C GLY A 179 1.61 27.41 -9.06
N ILE A 180 2.47 27.59 -8.05
CA ILE A 180 2.06 28.19 -6.78
C ILE A 180 2.16 29.69 -6.97
N ASP A 181 1.04 30.35 -7.09
CA ASP A 181 1.00 31.75 -7.53
C ASP A 181 0.65 32.62 -6.32
N LEU A 182 1.66 33.20 -5.71
CA LEU A 182 1.48 34.03 -4.53
C LEU A 182 2.12 35.38 -4.79
N PRO A 183 1.73 36.40 -4.04
CA PRO A 183 2.51 37.65 -4.03
C PRO A 183 3.97 37.39 -3.71
N ALA A 184 4.84 38.25 -4.22
CA ALA A 184 6.28 38.03 -4.07
C ALA A 184 6.69 37.95 -2.59
N GLU A 185 6.12 38.81 -1.76
CA GLU A 185 6.47 38.82 -0.34
C GLU A 185 6.13 37.49 0.31
N ASN A 186 4.98 36.90 -0.03
CA ASN A 186 4.60 35.63 0.58
C ASN A 186 5.50 34.50 0.12
N THR A 187 5.81 34.46 -1.18
CA THR A 187 6.70 33.43 -1.68
C THR A 187 8.04 33.48 -0.98
N ASP A 188 8.62 34.68 -0.88
CA ASP A 188 9.93 34.79 -0.25
C ASP A 188 9.90 34.32 1.19
N GLU A 189 8.82 34.66 1.89
CA GLU A 189 8.72 34.24 3.28
C GLU A 189 8.63 32.74 3.40
N LEU A 190 7.85 32.08 2.52
CA LEU A 190 7.72 30.63 2.57
C LEU A 190 9.03 29.96 2.18
N VAL A 191 9.68 30.46 1.14
CA VAL A 191 10.97 29.89 0.78
C VAL A 191 11.95 30.08 1.93
N GLY A 192 11.87 31.23 2.62
CA GLY A 192 12.72 31.43 3.79
C GLY A 192 12.47 30.40 4.88
N ARG A 193 11.21 30.01 5.08
CA ARG A 193 10.95 28.96 6.08
C ARG A 193 11.60 27.65 5.66
N MET A 194 11.52 27.33 4.37
CA MET A 194 12.17 26.13 3.86
C MET A 194 13.68 26.17 4.08
N ILE A 195 14.32 27.31 3.81
CA ILE A 195 15.76 27.41 4.08
C ILE A 195 16.03 27.18 5.56
N THR A 196 15.25 27.83 6.44
CA THR A 196 15.48 27.66 7.88
C THR A 196 15.34 26.20 8.30
N LEU A 197 14.33 25.52 7.76
CA LEU A 197 14.16 24.09 8.04
C LEU A 197 15.38 23.29 7.58
N LEU A 198 15.79 23.46 6.31
CA LEU A 198 16.92 22.74 5.73
C LEU A 198 18.22 23.00 6.51
N ASP A 199 18.39 24.21 7.01
CA ASP A 199 19.59 24.63 7.71
C ASP A 199 19.62 24.16 9.17
N ASN A 200 18.55 23.56 9.69
CA ASN A 200 18.48 23.24 11.13
C ASN A 200 18.04 21.85 11.52
N PHE A 201 17.53 21.02 10.61
CA PHE A 201 16.90 19.77 11.03
C PHE A 201 17.90 18.73 11.55
N GLY A 202 19.18 18.89 11.29
CA GLY A 202 20.10 17.81 11.58
C GLY A 202 20.92 17.96 12.85
N THR A 203 20.68 18.99 13.67
CA THR A 203 21.42 19.22 14.90
C THR A 203 20.49 19.28 16.12
N ALA A 204 21.08 19.00 17.30
CA ALA A 204 20.32 19.12 18.55
C ALA A 204 19.76 20.53 18.76
N THR A 205 20.57 21.57 18.51
CA THR A 205 20.11 22.93 18.71
C THR A 205 19.07 23.32 17.66
N GLY A 206 19.18 22.76 16.46
CA GLY A 206 18.35 23.22 15.37
C GLY A 206 16.99 22.53 15.29
N THR A 207 16.87 21.31 15.80
CA THR A 207 15.66 20.54 15.52
C THR A 207 14.38 21.22 16.01
N PRO A 208 14.35 21.95 17.14
CA PRO A 208 13.08 22.65 17.46
C PRO A 208 12.73 23.71 16.45
N LYS A 209 13.73 24.42 15.91
CA LYS A 209 13.47 25.39 14.86
C LYS A 209 12.94 24.70 13.60
N ALA A 210 13.53 23.57 13.23
CA ALA A 210 13.06 22.86 12.05
C ALA A 210 11.62 22.40 12.23
N PHE A 211 11.30 21.84 13.40
CA PHE A 211 9.94 21.36 13.60
C PHE A 211 8.95 22.51 13.64
N TRP A 212 9.37 23.67 14.14
CA TRP A 212 8.48 24.84 14.09
C TRP A 212 8.17 25.22 12.65
N GLN A 213 9.20 25.26 11.80
CA GLN A 213 8.97 25.64 10.40
C GLN A 213 8.13 24.59 9.67
N ARG A 214 8.38 23.31 9.94
CA ARG A 214 7.59 22.22 9.35
C ARG A 214 6.11 22.40 9.69
N ARG A 215 5.80 22.74 10.94
CA ARG A 215 4.41 22.96 11.31
C ARG A 215 3.77 24.08 10.49
N GLN A 216 4.43 25.24 10.43
CA GLN A 216 3.88 26.35 9.66
C GLN A 216 3.74 26.01 8.18
N LEU A 217 4.76 25.37 7.58
CA LEU A 217 4.68 25.03 6.17
C LEU A 217 3.57 24.02 5.89
N ASP A 218 3.45 22.98 6.74
CA ASP A 218 2.36 22.01 6.55
C ASP A 218 0.99 22.68 6.65
N ASN A 219 0.79 23.58 7.63
CA ASN A 219 -0.49 24.30 7.70
C ASN A 219 -0.74 25.11 6.43
N TRP A 220 0.29 25.80 5.95
CA TRP A 220 0.16 26.58 4.73
C TRP A 220 -0.19 25.69 3.53
N ALA A 221 0.54 24.60 3.35
CA ALA A 221 0.33 23.74 2.17
C ALA A 221 -1.02 23.02 2.24
N GLU A 222 -1.45 22.61 3.44
CA GLU A 222 -2.76 21.99 3.58
C GLU A 222 -3.85 22.97 3.19
N ALA A 223 -3.75 24.21 3.66
CA ALA A 223 -4.74 25.23 3.33
C ALA A 223 -4.79 25.49 1.83
N LEU A 224 -3.61 25.53 1.17
CA LEU A 224 -3.56 25.72 -0.28
C LEU A 224 -4.18 24.55 -1.04
N ILE A 225 -3.86 23.31 -0.66
CA ILE A 225 -4.48 22.15 -1.32
C ILE A 225 -5.99 22.19 -1.14
N THR A 226 -6.44 22.51 0.08
CA THR A 226 -7.88 22.54 0.34
C THR A 226 -8.56 23.63 -0.47
N ASP A 227 -7.91 24.79 -0.57
CA ASP A 227 -8.43 25.86 -1.42
C ASP A 227 -8.54 25.43 -2.88
N VAL A 228 -7.57 24.67 -3.39
CA VAL A 228 -7.69 24.23 -4.77
C VAL A 228 -8.82 23.23 -4.89
N ARG A 229 -8.89 22.28 -3.95
CA ARG A 229 -9.92 21.23 -4.04
C ARG A 229 -11.33 21.81 -3.88
N GLU A 230 -11.47 22.91 -3.17
CA GLU A 230 -12.80 23.48 -2.96
C GLU A 230 -13.16 24.55 -3.98
N GLY A 231 -12.27 24.86 -4.94
CA GLY A 231 -12.54 25.87 -5.95
C GLY A 231 -12.26 27.30 -5.56
N ARG A 232 -11.76 27.55 -4.36
CA ARG A 232 -11.45 28.91 -3.97
C ARG A 232 -10.23 29.46 -4.67
N ILE A 233 -9.33 28.59 -5.09
CA ILE A 233 -8.16 28.98 -5.87
C ILE A 233 -8.16 28.12 -7.11
N THR A 234 -7.91 28.74 -8.25
CA THR A 234 -7.83 28.01 -9.51
C THR A 234 -6.36 27.83 -9.85
N ALA A 235 -5.93 26.58 -9.94
CA ALA A 235 -4.57 26.26 -10.37
C ALA A 235 -4.53 26.21 -11.89
N ARG A 236 -3.41 26.64 -12.45
CA ARG A 236 -3.15 26.44 -13.86
C ARG A 236 -3.41 24.99 -14.25
N PRO A 237 -4.19 24.73 -15.30
CA PRO A 237 -4.39 23.35 -15.73
C PRO A 237 -3.06 22.67 -16.04
N ASP A 238 -2.91 21.46 -15.51
CA ASP A 238 -1.78 20.55 -15.69
C ASP A 238 -0.54 20.95 -14.88
N CYS A 239 -0.64 21.93 -13.99
CA CYS A 239 0.56 22.30 -13.23
C CYS A 239 0.75 21.34 -12.05
N VAL A 240 1.93 21.43 -11.42
CA VAL A 240 2.25 20.55 -10.29
C VAL A 240 1.23 20.68 -9.18
N LEU A 241 0.84 21.92 -8.88
CA LEU A 241 -0.10 22.15 -7.79
C LEU A 241 -1.42 21.46 -8.05
N GLU A 242 -1.93 21.57 -9.28
CA GLU A 242 -3.14 20.84 -9.64
C GLU A 242 -2.97 19.33 -9.44
N HIS A 243 -1.84 18.79 -9.90
CA HIS A 243 -1.66 17.34 -9.77
C HIS A 243 -1.52 16.91 -8.32
N MET A 244 -0.97 17.77 -7.45
CA MET A 244 -0.91 17.38 -6.05
C MET A 244 -2.29 17.45 -5.42
N ALA A 245 -3.10 18.44 -5.82
CA ALA A 245 -4.48 18.47 -5.32
C ALA A 245 -5.25 17.22 -5.76
N GLN A 246 -4.87 16.63 -6.90
CA GLN A 246 -5.52 15.43 -7.41
C GLN A 246 -4.82 14.14 -6.98
N LEU A 247 -3.93 14.21 -6.00
CA LEU A 247 -3.13 13.05 -5.62
C LEU A 247 -4.05 11.94 -5.10
N THR A 248 -3.89 10.72 -5.61
CA THR A 248 -4.72 9.61 -5.19
C THR A 248 -3.85 8.43 -4.77
N ASP A 249 -4.47 7.51 -4.03
CA ASP A 249 -3.76 6.34 -3.53
C ASP A 249 -4.08 5.12 -4.40
N ALA A 250 -3.59 3.95 -4.00
CA ALA A 250 -3.73 2.79 -4.88
C ALA A 250 -5.19 2.36 -5.05
N SER A 251 -6.05 2.69 -4.09
CA SER A 251 -7.46 2.38 -4.22
C SER A 251 -8.24 3.39 -5.07
N GLY A 252 -7.60 4.48 -5.52
CA GLY A 252 -8.27 5.47 -6.34
C GLY A 252 -8.81 6.66 -5.56
N GLU A 253 -8.74 6.61 -4.24
CA GLU A 253 -9.26 7.66 -3.38
C GLU A 253 -8.25 8.79 -3.24
N ARG A 254 -8.75 10.02 -3.08
CA ARG A 254 -7.86 11.15 -2.86
C ARG A 254 -7.08 10.99 -1.56
N VAL A 255 -5.80 11.37 -1.61
CA VAL A 255 -5.01 11.47 -0.40
C VAL A 255 -5.46 12.70 0.39
N ASP A 256 -5.41 12.60 1.72
CA ASP A 256 -5.89 13.73 2.52
C ASP A 256 -5.06 14.99 2.25
N ALA A 257 -5.65 16.13 2.56
CA ALA A 257 -5.14 17.40 2.07
C ALA A 257 -3.80 17.75 2.69
N ARG A 258 -3.57 17.38 3.96
CA ARG A 258 -2.29 17.70 4.58
C ARG A 258 -1.17 16.85 3.98
N THR A 259 -1.43 15.57 3.75
CA THR A 259 -0.44 14.74 3.06
C THR A 259 -0.17 15.24 1.65
N ALA A 260 -1.21 15.64 0.91
CA ALA A 260 -0.98 16.21 -0.42
C ALA A 260 -0.12 17.47 -0.32
N GLY A 261 -0.35 18.31 0.70
CA GLY A 261 0.48 19.49 0.85
C GLY A 261 1.91 19.16 1.22
N ILE A 262 2.09 18.10 2.02
CA ILE A 262 3.45 17.58 2.28
C ILE A 262 4.13 17.14 0.98
N GLU A 263 3.39 16.51 0.07
CA GLU A 263 4.01 16.11 -1.18
C GLU A 263 4.29 17.29 -2.09
N LEU A 264 3.45 18.32 -2.07
CA LEU A 264 3.79 19.56 -2.79
C LEU A 264 5.10 20.15 -2.27
N GLN A 265 5.29 20.14 -0.94
CA GLN A 265 6.57 20.59 -0.39
C GLN A 265 7.73 19.68 -0.81
N ASN A 266 7.47 18.38 -0.96
CA ASN A 266 8.53 17.47 -1.42
C ASN A 266 8.84 17.64 -2.89
N LEU A 267 8.16 18.53 -3.61
CA LEU A 267 8.55 18.87 -4.97
C LEU A 267 9.00 20.31 -5.12
N THR A 268 9.22 21.03 -4.01
CA THR A 268 9.65 22.42 -4.05
C THR A 268 10.80 22.65 -3.07
N ARG A 269 10.64 22.19 -1.82
CA ARG A 269 11.72 22.34 -0.84
C ARG A 269 13.04 21.68 -1.30
N PRO A 270 13.07 20.48 -1.88
CA PRO A 270 14.37 19.92 -2.31
C PRO A 270 15.03 20.75 -3.40
N THR A 271 14.26 21.52 -4.18
CA THR A 271 14.90 22.44 -5.12
C THR A 271 15.61 23.57 -4.39
N VAL A 272 14.96 24.10 -3.33
CA VAL A 272 15.64 25.07 -2.46
C VAL A 272 16.95 24.49 -1.95
N ALA A 273 16.95 23.19 -1.60
CA ALA A 273 18.11 22.53 -1.01
C ALA A 273 19.29 22.43 -1.97
N VAL A 274 19.06 22.65 -3.28
CA VAL A 274 20.21 22.71 -4.18
C VAL A 274 21.16 23.86 -3.80
N GLY A 275 20.67 24.83 -3.02
CA GLY A 275 21.52 25.89 -2.51
C GLY A 275 22.74 25.38 -1.77
N PHE A 276 22.65 24.21 -1.12
CA PHE A 276 23.84 23.63 -0.49
C PHE A 276 24.89 23.28 -1.54
N PHE A 277 24.50 22.56 -2.61
CA PHE A 277 25.44 22.30 -3.70
C PHE A 277 25.92 23.59 -4.38
N ALA A 278 25.05 24.60 -4.48
CA ALA A 278 25.52 25.83 -5.12
C ALA A 278 26.61 26.51 -4.30
N SER A 279 26.49 26.47 -2.95
CA SER A 279 27.57 27.01 -2.09
C SER A 279 28.88 26.25 -2.31
N PHE A 280 28.82 24.92 -2.32
CA PHE A 280 30.01 24.14 -2.63
C PHE A 280 30.53 24.44 -4.04
N ALA A 281 29.62 24.70 -5.00
CA ALA A 281 30.10 24.96 -6.35
C ALA A 281 30.90 26.25 -6.38
N ALA A 282 30.47 27.26 -5.61
CA ALA A 282 31.25 28.51 -5.54
C ALA A 282 32.62 28.26 -4.95
N VAL A 283 32.69 27.45 -3.91
CA VAL A 283 33.99 27.08 -3.33
C VAL A 283 34.84 26.39 -4.40
N ALA A 284 34.24 25.43 -5.11
CA ALA A 284 35.00 24.68 -6.11
C ALA A 284 35.50 25.59 -7.23
N LEU A 285 34.69 26.60 -7.61
CA LEU A 285 35.14 27.53 -8.65
C LEU A 285 36.32 28.40 -8.17
N ALA A 286 36.31 28.78 -6.89
CA ALA A 286 37.47 29.46 -6.29
C ALA A 286 38.69 28.57 -6.29
N GLU A 287 38.49 27.27 -6.10
CA GLU A 287 39.60 26.35 -6.00
C GLU A 287 40.06 25.81 -7.34
N ASN A 288 39.29 26.00 -8.42
CA ASN A 288 39.62 25.39 -9.71
C ASN A 288 39.54 26.42 -10.83
N PRO A 289 40.46 27.40 -10.83
CA PRO A 289 40.30 28.52 -11.75
C PRO A 289 40.47 28.13 -13.21
N GLN A 290 41.17 27.04 -13.50
CA GLN A 290 41.25 26.64 -14.91
C GLN A 290 39.92 26.09 -15.40
N TRP A 291 39.21 25.32 -14.58
CA TRP A 291 37.85 24.91 -14.95
C TRP A 291 36.95 26.11 -15.10
N ARG A 292 37.09 27.09 -14.22
CA ARG A 292 36.26 28.28 -14.34
C ARG A 292 36.46 28.98 -15.69
N THR A 293 37.71 29.10 -16.12
CA THR A 293 38.01 29.66 -17.42
C THR A 293 37.38 28.85 -18.54
N ARG A 294 37.44 27.52 -18.44
CA ARG A 294 36.86 26.68 -19.49
C ARG A 294 35.35 26.86 -19.57
N ILE A 295 34.67 26.96 -18.40
CA ILE A 295 33.23 27.24 -18.41
C ILE A 295 32.92 28.58 -19.10
N ASN A 296 33.67 29.63 -18.76
CA ASN A 296 33.40 30.93 -19.35
C ASN A 296 33.67 30.95 -20.86
N GLU A 297 34.60 30.13 -21.34
CA GLU A 297 34.91 30.17 -22.76
C GLU A 297 34.06 29.23 -23.58
N SER A 298 33.22 28.42 -22.92
CA SER A 298 32.47 27.38 -23.62
C SER A 298 31.22 27.92 -24.29
N GLU A 299 30.89 27.33 -25.42
CA GLU A 299 29.63 27.55 -26.10
C GLU A 299 28.63 26.44 -25.85
N THR A 300 29.05 25.33 -25.24
CA THR A 300 28.22 24.13 -25.24
C THR A 300 27.50 23.84 -23.93
N GLY A 301 27.91 24.46 -22.84
CA GLY A 301 27.43 24.03 -21.54
C GLY A 301 27.96 22.69 -21.05
N ARG A 302 28.84 22.01 -21.80
CA ARG A 302 29.31 20.69 -21.36
C ARG A 302 30.19 20.77 -20.12
N GLU A 303 31.07 21.77 -20.06
CA GLU A 303 31.96 21.89 -18.90
C GLU A 303 31.17 22.24 -17.64
N ALA A 304 30.18 23.12 -17.77
CA ALA A 304 29.39 23.49 -16.60
C ALA A 304 28.62 22.28 -16.08
N PHE A 305 28.11 21.46 -16.98
CA PHE A 305 27.40 20.23 -16.58
C PHE A 305 28.35 19.29 -15.84
N ALA A 306 29.53 19.06 -16.42
CA ALA A 306 30.47 18.13 -15.81
C ALA A 306 30.91 18.64 -14.45
N PHE A 307 31.13 19.95 -14.35
CA PHE A 307 31.49 20.59 -13.09
C PHE A 307 30.38 20.41 -12.05
N ALA A 308 29.13 20.63 -12.45
CA ALA A 308 28.02 20.46 -11.51
C ALA A 308 27.94 19.01 -11.03
N GLN A 309 28.16 18.05 -11.93
CA GLN A 309 28.12 16.63 -11.51
C GLN A 309 29.24 16.30 -10.55
N GLU A 310 30.42 16.85 -10.78
CA GLU A 310 31.51 16.49 -9.88
C GLU A 310 31.41 17.26 -8.57
N VAL A 311 30.68 18.38 -8.53
CA VAL A 311 30.29 18.93 -7.22
C VAL A 311 29.41 17.93 -6.45
N ARG A 312 28.45 17.33 -7.13
CA ARG A 312 27.54 16.41 -6.46
C ARG A 312 28.27 15.14 -6.03
N ARG A 313 29.28 14.72 -6.81
CA ARG A 313 30.06 13.54 -6.41
C ARG A 313 30.94 13.85 -5.21
N PHE A 314 31.60 15.00 -5.23
CA PHE A 314 32.72 15.24 -4.33
C PHE A 314 32.30 15.76 -2.95
N TYR A 315 31.36 16.70 -2.92
CA TYR A 315 31.05 17.39 -1.67
C TYR A 315 30.01 16.64 -0.84
N PRO A 316 30.07 16.76 0.49
CA PRO A 316 29.15 15.99 1.35
C PRO A 316 27.77 16.65 1.41
N PHE A 317 26.74 15.84 1.18
CA PHE A 317 25.40 16.36 1.29
C PHE A 317 24.60 15.29 2.00
N VAL A 318 24.27 14.19 1.31
CA VAL A 318 23.65 13.06 2.01
C VAL A 318 24.74 12.23 2.68
N PRO A 319 24.72 12.07 4.01
CA PRO A 319 25.79 11.25 4.63
C PRO A 319 25.60 9.77 4.35
N MET A 320 24.36 9.33 4.48
CA MET A 320 23.97 7.92 4.50
C MET A 320 22.45 7.91 4.48
N PHE A 321 21.87 6.73 4.26
CA PHE A 321 20.40 6.67 4.20
C PHE A 321 19.95 5.29 4.66
N PRO A 322 18.78 5.20 5.33
CA PRO A 322 18.44 3.95 5.99
C PRO A 322 17.31 3.18 5.34
N ALA A 323 17.32 1.87 5.54
CA ALA A 323 16.25 0.95 5.19
C ALA A 323 16.18 -0.06 6.32
N LYS A 324 15.11 -0.87 6.31
CA LYS A 324 14.95 -1.96 7.28
C LYS A 324 14.72 -3.29 6.58
N ALA A 325 15.29 -4.36 7.13
CA ALA A 325 15.16 -5.66 6.52
C ALA A 325 13.75 -6.20 6.75
N THR A 326 13.11 -6.69 5.69
CA THR A 326 11.75 -7.22 5.84
C THR A 326 11.72 -8.69 6.23
N LYS A 327 12.86 -9.36 6.18
CA LYS A 327 13.00 -10.77 6.49
C LYS A 327 14.47 -11.03 6.77
N ASP A 328 14.76 -12.16 7.41
CA ASP A 328 16.15 -12.51 7.69
C ASP A 328 16.85 -12.80 6.36
N THR A 329 18.06 -12.28 6.21
CA THR A 329 18.81 -12.50 4.96
C THR A 329 20.29 -12.42 5.31
N GLU A 330 21.13 -12.30 4.28
CA GLU A 330 22.57 -12.35 4.51
C GLU A 330 23.27 -11.55 3.42
N PHE A 331 24.36 -10.89 3.79
CA PHE A 331 25.08 -10.00 2.85
C PHE A 331 26.56 -10.22 3.06
N GLU A 332 27.20 -10.83 2.07
CA GLU A 332 28.64 -11.11 2.12
C GLU A 332 29.05 -11.74 3.44
N GLY A 333 28.34 -12.82 3.81
CA GLY A 333 28.61 -13.53 5.04
C GLY A 333 28.14 -12.87 6.31
N CYS A 334 27.60 -11.69 6.24
CA CYS A 334 27.10 -11.03 7.43
C CYS A 334 25.60 -11.32 7.57
N PRO A 335 25.12 -11.81 8.71
CA PRO A 335 23.67 -12.03 8.84
C PRO A 335 22.96 -10.69 8.97
N ILE A 336 21.78 -10.61 8.34
CA ILE A 336 20.93 -9.44 8.39
C ILE A 336 19.60 -9.89 8.97
N HIS A 337 19.23 -9.40 10.14
CA HIS A 337 18.02 -9.85 10.83
C HIS A 337 16.81 -9.00 10.46
N GLN A 338 15.66 -9.67 10.36
CA GLN A 338 14.43 -8.96 10.08
C GLN A 338 14.26 -7.81 11.06
N GLY A 339 13.93 -6.64 10.54
CA GLY A 339 13.73 -5.48 11.36
C GLY A 339 14.98 -4.64 11.62
N GLN A 340 16.17 -5.19 11.42
CA GLN A 340 17.33 -4.34 11.66
C GLN A 340 17.49 -3.33 10.52
N ARG A 341 18.32 -2.32 10.74
CA ARG A 341 18.58 -1.35 9.69
C ARG A 341 19.76 -1.76 8.82
N VAL A 342 19.65 -1.44 7.55
CA VAL A 342 20.75 -1.45 6.62
C VAL A 342 20.93 0.00 6.21
N ILE A 343 22.14 0.51 6.32
CA ILE A 343 22.42 1.92 6.08
C ILE A 343 23.39 1.98 4.91
N LEU A 344 22.99 2.63 3.82
CA LEU A 344 23.87 2.81 2.68
C LEU A 344 24.71 4.06 2.95
N ASP A 345 26.04 3.89 2.97
CA ASP A 345 26.93 5.01 3.21
C ASP A 345 27.16 5.73 1.87
N PHE A 346 26.62 6.94 1.73
CA PHE A 346 26.72 7.67 0.47
C PHE A 346 28.13 8.22 0.29
N VAL A 347 28.67 8.90 1.30
CA VAL A 347 30.02 9.48 1.18
C VAL A 347 31.02 8.39 0.84
N GLY A 348 30.91 7.24 1.50
CA GLY A 348 31.83 6.14 1.27
C GLY A 348 31.63 5.48 -0.06
N THR A 349 30.49 5.67 -0.71
CA THR A 349 30.34 5.14 -2.08
C THR A 349 30.85 6.13 -3.11
N LEU A 350 30.51 7.40 -2.91
CA LEU A 350 30.96 8.47 -3.79
C LEU A 350 32.48 8.65 -3.71
N HIS A 351 33.11 8.20 -2.62
CA HIS A 351 34.56 8.40 -2.45
C HIS A 351 35.32 7.10 -2.40
N SER A 352 34.68 6.01 -2.80
CA SER A 352 35.32 4.70 -2.69
C SER A 352 36.43 4.58 -3.73
N ALA A 353 37.63 4.20 -3.28
CA ALA A 353 38.72 3.97 -4.23
C ALA A 353 38.49 2.70 -5.05
N GLU A 354 37.61 1.80 -4.61
CA GLU A 354 37.28 0.67 -5.49
C GLU A 354 36.34 1.05 -6.63
N GLU A 355 35.56 2.12 -6.48
CA GLU A 355 34.56 2.51 -7.46
C GLU A 355 35.01 3.66 -8.37
N TRP A 356 36.01 4.44 -7.96
CA TRP A 356 36.42 5.65 -8.67
C TRP A 356 37.95 5.68 -8.75
N ASP A 357 38.46 6.26 -9.81
CA ASP A 357 39.89 6.55 -9.89
C ASP A 357 40.18 7.84 -9.16
N ASN A 358 41.15 7.81 -8.26
CA ASN A 358 41.52 8.98 -7.46
C ASN A 358 40.31 9.71 -6.88
N PRO A 359 39.55 9.08 -5.99
CA PRO A 359 38.31 9.71 -5.49
C PRO A 359 38.52 10.97 -4.69
N ALA A 360 39.71 11.19 -4.08
CA ALA A 360 39.87 12.43 -3.33
C ALA A 360 40.13 13.62 -4.23
N SER A 361 40.32 13.39 -5.52
CA SER A 361 40.57 14.45 -6.49
C SER A 361 39.27 15.02 -7.05
N PHE A 362 39.11 16.35 -6.94
CA PHE A 362 38.00 17.01 -7.59
C PHE A 362 38.35 17.17 -9.06
N ASP A 363 37.66 16.45 -9.94
CA ASP A 363 38.07 16.35 -11.34
C ASP A 363 36.86 16.23 -12.23
N PRO A 364 36.36 17.34 -12.78
CA PRO A 364 35.18 17.27 -13.68
C PRO A 364 35.44 16.49 -14.95
N GLU A 365 36.71 16.18 -15.28
CA GLU A 365 36.93 15.33 -16.45
C GLU A 365 36.19 14.00 -16.33
N ARG A 366 35.95 13.51 -15.11
CA ARG A 366 35.17 12.27 -14.91
C ARG A 366 33.88 12.27 -15.66
N PHE A 367 33.25 13.43 -15.81
CA PHE A 367 31.93 13.51 -16.36
C PHE A 367 31.90 14.17 -17.74
N MET A 368 33.05 14.54 -18.30
CA MET A 368 33.06 15.29 -19.55
C MET A 368 32.56 14.46 -20.74
N ALA A 369 32.59 13.14 -20.67
CA ALA A 369 32.06 12.35 -21.77
C ALA A 369 30.54 12.18 -21.73
N TYR A 370 29.89 12.62 -20.65
CA TYR A 370 28.46 12.46 -20.45
C TYR A 370 27.74 13.75 -20.83
N GLU A 371 26.55 13.60 -21.40
CA GLU A 371 25.82 14.75 -21.92
C GLU A 371 24.53 15.08 -21.18
N THR A 372 23.92 14.12 -20.50
CA THR A 372 22.66 14.37 -19.81
C THR A 372 22.67 13.69 -18.46
N GLN A 373 21.76 14.13 -17.59
CA GLN A 373 21.60 13.44 -16.31
C GLN A 373 21.13 12.01 -16.53
N SER A 374 20.29 11.77 -17.53
CA SER A 374 19.84 10.41 -17.82
C SER A 374 21.03 9.50 -18.13
N GLU A 375 22.00 10.00 -18.90
CA GLU A 375 23.20 9.23 -19.15
C GLU A 375 24.03 9.05 -17.88
N ALA A 376 24.13 10.09 -17.03
CA ALA A 376 24.88 9.93 -15.79
C ALA A 376 24.28 8.88 -14.86
N GLU A 377 22.98 8.59 -14.98
CA GLU A 377 22.34 7.53 -14.19
C GLU A 377 22.98 6.17 -14.42
N THR A 378 23.61 5.94 -15.58
CA THR A 378 24.22 4.65 -15.84
C THR A 378 25.43 4.39 -14.97
N ILE A 379 25.97 5.39 -14.29
CA ILE A 379 27.17 5.21 -13.47
C ILE A 379 26.71 4.66 -12.11
N LYS A 380 26.97 3.38 -11.87
CA LYS A 380 26.35 2.72 -10.71
C LYS A 380 26.69 3.35 -9.36
N PRO A 381 27.94 3.69 -9.04
CA PRO A 381 28.24 4.29 -7.74
C PRO A 381 27.99 5.80 -7.67
N PHE A 382 27.45 6.42 -8.72
CA PHE A 382 27.23 7.86 -8.68
C PHE A 382 25.85 8.04 -8.08
N ILE A 383 25.79 8.08 -6.73
CA ILE A 383 24.50 8.05 -6.03
C ILE A 383 24.31 9.24 -5.10
N PRO A 384 24.65 10.48 -5.50
CA PRO A 384 24.44 11.59 -4.54
C PRO A 384 22.99 11.73 -4.12
N GLN A 385 22.04 11.28 -4.97
CA GLN A 385 20.63 11.40 -4.59
C GLN A 385 19.96 10.01 -4.66
N GLY A 386 20.74 8.96 -4.43
CA GLY A 386 20.27 7.59 -4.39
C GLY A 386 20.67 6.81 -5.64
N GLY A 387 20.43 5.51 -5.58
CA GLY A 387 20.83 4.59 -6.62
C GLY A 387 19.67 3.78 -7.17
N ALA A 388 20.01 2.86 -8.06
CA ALA A 388 19.02 2.01 -8.78
C ALA A 388 18.04 2.89 -9.57
N ASP A 389 16.76 2.50 -9.67
CA ASP A 389 15.85 3.06 -10.67
C ASP A 389 14.88 4.05 -10.02
N VAL A 390 14.64 5.17 -10.71
CA VAL A 390 13.74 6.22 -10.18
C VAL A 390 12.28 5.76 -10.09
N ARG A 391 11.75 5.10 -11.11
CA ARG A 391 10.31 4.82 -11.04
C ARG A 391 9.97 3.57 -10.26
N THR A 392 10.84 2.57 -10.24
CA THR A 392 10.55 1.33 -9.52
C THR A 392 11.09 1.33 -8.11
N GLY A 393 11.93 2.30 -7.74
CA GLY A 393 12.45 2.33 -6.39
C GLY A 393 12.33 3.68 -5.73
N HIS A 394 13.08 3.92 -4.66
CA HIS A 394 12.97 5.14 -3.89
C HIS A 394 13.94 6.22 -4.36
N ARG A 395 14.74 5.96 -5.40
CA ARG A 395 15.70 6.96 -5.87
C ARG A 395 15.02 8.32 -6.11
N CYS A 396 15.76 9.37 -5.82
CA CYS A 396 15.30 10.73 -6.06
C CYS A 396 14.77 10.90 -7.49
N PRO A 397 13.57 11.42 -7.69
CA PRO A 397 13.11 11.80 -9.04
C PRO A 397 13.47 13.23 -9.44
N GLY A 398 14.24 13.95 -8.63
CA GLY A 398 14.50 15.36 -8.93
C GLY A 398 15.90 15.64 -9.38
N GLU A 399 16.65 14.62 -9.81
CA GLU A 399 18.05 14.89 -10.17
C GLU A 399 18.14 15.77 -11.42
N LYS A 400 17.20 15.62 -12.35
CA LYS A 400 17.26 16.48 -13.54
C LYS A 400 17.01 17.93 -13.17
N ILE A 401 16.03 18.15 -12.28
CA ILE A 401 15.79 19.50 -11.76
C ILE A 401 17.03 20.00 -11.05
N ALA A 402 17.59 19.17 -10.16
CA ALA A 402 18.75 19.59 -9.36
C ALA A 402 19.96 19.91 -10.23
N VAL A 403 20.26 19.07 -11.21
CA VAL A 403 21.40 19.38 -12.10
C VAL A 403 21.10 20.61 -12.96
N THR A 404 19.84 20.81 -13.37
CA THR A 404 19.47 22.05 -14.09
C THR A 404 19.73 23.29 -13.25
N ALA A 405 19.24 23.29 -12.01
CA ALA A 405 19.47 24.42 -11.12
C ALA A 405 20.97 24.61 -10.83
N LEU A 406 21.66 23.51 -10.51
CA LEU A 406 23.08 23.62 -10.16
C LEU A 406 23.92 24.09 -11.35
N SER A 407 23.60 23.60 -12.56
CA SER A 407 24.33 24.05 -13.74
C SER A 407 24.10 25.52 -14.01
N ALA A 408 22.87 26.00 -13.82
CA ALA A 408 22.61 27.43 -13.96
C ALA A 408 23.44 28.22 -12.97
N ALA A 409 23.54 27.73 -11.73
CA ALA A 409 24.33 28.42 -10.73
C ALA A 409 25.81 28.42 -11.13
N VAL A 410 26.33 27.28 -11.59
CA VAL A 410 27.74 27.19 -11.96
C VAL A 410 28.08 28.18 -13.06
N GLU A 411 27.22 28.28 -14.08
CA GLU A 411 27.49 29.20 -15.19
C GLU A 411 27.49 30.65 -14.73
N ALA A 412 26.56 31.01 -13.84
CA ALA A 412 26.50 32.40 -13.39
C ALA A 412 27.65 32.70 -12.44
N LEU A 413 27.98 31.76 -11.55
CA LEU A 413 29.06 31.98 -10.57
C LEU A 413 30.43 32.05 -11.24
N ALA A 414 30.60 31.33 -12.35
CA ALA A 414 31.88 31.30 -13.02
C ALA A 414 32.24 32.63 -13.67
N ARG A 415 31.26 33.46 -14.00
CA ARG A 415 31.58 34.65 -14.79
C ARG A 415 32.66 35.48 -14.09
N PRO A 416 33.59 36.07 -14.83
CA PRO A 416 34.77 36.66 -14.18
C PRO A 416 34.45 37.87 -13.33
N GLU A 417 33.31 38.52 -13.52
CA GLU A 417 33.01 39.65 -12.63
C GLU A 417 32.52 39.19 -11.25
N VAL A 418 32.24 37.90 -11.06
CA VAL A 418 31.83 37.42 -9.75
C VAL A 418 33.08 37.23 -8.89
N ARG A 419 33.12 37.87 -7.71
CA ARG A 419 34.30 37.79 -6.87
C ARG A 419 33.92 36.96 -5.64
N ILE A 420 34.49 35.75 -5.57
CA ILE A 420 34.16 34.77 -4.53
C ILE A 420 35.18 34.93 -3.41
N SER A 421 34.70 35.14 -2.19
CA SER A 421 35.60 35.33 -1.06
C SER A 421 36.48 34.10 -0.81
N ALA A 422 37.75 34.31 -0.52
CA ALA A 422 38.64 33.21 -0.22
C ALA A 422 39.00 33.11 1.26
N GLU A 423 38.31 33.85 2.14
CA GLU A 423 38.60 33.78 3.56
C GLU A 423 38.20 32.41 4.13
N ALA A 424 38.82 32.04 5.26
CA ALA A 424 38.64 30.68 5.77
C ALA A 424 37.17 30.35 6.06
N ILE A 425 36.39 31.29 6.58
CA ILE A 425 34.99 30.96 6.89
C ILE A 425 34.15 30.82 5.62
N ASP A 426 34.63 31.32 4.50
CA ASP A 426 33.90 31.17 3.24
C ASP A 426 34.24 29.89 2.51
N ILE A 427 35.40 29.30 2.76
CA ILE A 427 35.92 28.23 1.92
C ILE A 427 35.86 26.88 2.62
N ASN A 428 36.09 26.87 3.92
CA ASN A 428 36.14 25.60 4.65
C ASN A 428 34.76 25.19 5.17
N TYR A 429 34.58 23.89 5.36
CA TYR A 429 33.33 23.38 5.89
C TYR A 429 33.65 22.22 6.82
N SER A 430 32.79 22.06 7.82
CA SER A 430 32.91 20.98 8.79
C SER A 430 32.29 19.71 8.26
N MET A 431 32.90 18.56 8.58
CA MET A 431 32.32 17.26 8.26
C MET A 431 31.51 16.67 9.42
N THR A 432 31.47 17.33 10.58
CA THR A 432 30.84 16.69 11.72
C THR A 432 29.44 17.24 12.02
N GLU A 433 28.90 18.13 11.17
CA GLU A 433 27.53 18.61 11.32
C GLU A 433 26.77 18.33 10.02
N ILE A 434 25.51 17.91 10.14
CA ILE A 434 24.63 17.66 9.00
C ILE A 434 23.53 18.73 8.98
N LEU A 435 23.27 19.35 7.82
CA LEU A 435 23.99 19.27 6.51
C LEU A 435 25.26 20.12 6.63
N ALA A 436 26.19 19.90 5.70
CA ALA A 436 27.44 20.64 5.65
C ALA A 436 27.31 21.83 4.69
N ARG A 437 27.94 22.93 5.05
CA ARG A 437 28.20 24.04 4.15
C ARG A 437 29.26 24.94 4.79
N PRO A 438 29.92 25.77 3.99
CA PRO A 438 30.75 26.83 4.59
C PRO A 438 29.92 27.65 5.54
N LYS A 439 30.52 27.97 6.70
CA LYS A 439 29.81 28.64 7.76
C LYS A 439 29.24 29.96 7.30
N SER A 440 29.97 30.69 6.43
CA SER A 440 29.49 32.00 6.01
C SER A 440 28.37 31.92 5.00
N GLY A 441 28.17 30.77 4.37
CA GLY A 441 27.32 30.67 3.19
C GLY A 441 28.01 30.97 1.88
N VAL A 442 29.27 31.42 1.94
CA VAL A 442 30.14 31.87 0.85
C VAL A 442 29.77 33.28 0.43
N ARG A 443 30.58 34.25 0.86
CA ARG A 443 30.31 35.63 0.53
C ARG A 443 30.82 35.93 -0.87
N VAL A 444 30.08 36.76 -1.59
CA VAL A 444 30.37 37.05 -2.99
C VAL A 444 29.98 38.50 -3.24
N THR A 445 30.61 39.08 -4.25
CA THR A 445 30.17 40.36 -4.78
C THR A 445 30.39 40.33 -6.28
N VAL A 446 29.69 41.19 -7.00
CA VAL A 446 29.87 41.29 -8.44
C VAL A 446 30.48 42.64 -8.72
N ALA A 447 31.61 42.63 -9.43
CA ALA A 447 32.31 43.88 -9.73
C ALA A 447 31.41 44.74 -10.60
N SER A 448 31.43 46.05 -10.34
CA SER A 448 30.59 46.99 -11.05
C SER A 448 31.38 48.26 -11.33
N SER A 449 30.99 48.96 -12.41
CA SER A 449 31.54 50.29 -12.71
C SER A 449 30.66 51.38 -12.09
N ASN B 29 -13.01 -5.77 -0.10
CA ASN B 29 -14.17 -5.08 -0.65
C ASN B 29 -14.91 -4.23 0.41
N PRO B 30 -15.44 -4.82 1.49
CA PRO B 30 -16.16 -4.01 2.49
C PRO B 30 -15.23 -3.02 3.17
N ARG B 31 -15.61 -1.75 3.16
CA ARG B 31 -14.80 -0.71 3.75
C ARG B 31 -15.68 0.16 4.64
N VAL B 32 -15.04 0.88 5.55
CA VAL B 32 -15.69 1.89 6.35
C VAL B 32 -14.84 3.13 6.18
N SER B 33 -15.46 4.23 5.74
CA SER B 33 -14.65 5.36 5.33
C SER B 33 -14.17 6.16 6.54
N GLY B 34 -13.08 6.91 6.33
CA GLY B 34 -12.58 7.83 7.31
C GLY B 34 -11.63 7.18 8.30
N ASP B 35 -10.95 8.02 9.06
CA ASP B 35 -10.09 7.50 10.12
C ASP B 35 -10.94 7.23 11.36
N ARG B 36 -10.96 5.97 11.79
CA ARG B 36 -11.77 5.53 12.93
C ARG B 36 -10.95 5.36 14.20
N THR B 37 -9.76 5.97 14.27
CA THR B 37 -8.92 5.79 15.45
C THR B 37 -9.67 6.12 16.73
N ILE B 38 -10.46 7.21 16.74
CA ILE B 38 -11.08 7.60 18.01
C ILE B 38 -12.14 6.57 18.42
N GLN B 39 -12.75 5.90 17.45
CA GLN B 39 -13.76 4.90 17.75
C GLN B 39 -13.21 3.73 18.54
N PHE B 40 -11.89 3.48 18.51
CA PHE B 40 -11.34 2.42 19.35
C PHE B 40 -11.54 2.72 20.83
N LEU B 41 -11.31 3.96 21.25
CA LEU B 41 -11.56 4.30 22.64
C LEU B 41 -13.04 4.40 22.95
N THR B 42 -13.87 4.85 22.01
CA THR B 42 -15.27 4.99 22.36
C THR B 42 -16.00 3.66 22.31
N ASP B 43 -15.57 2.72 21.47
CA ASP B 43 -16.27 1.45 21.25
C ASP B 43 -15.65 0.25 21.96
N GLY B 44 -14.34 0.24 22.18
CA GLY B 44 -13.72 -0.85 22.92
C GLY B 44 -13.96 -2.20 22.24
N TYR B 45 -14.46 -3.17 23.01
CA TYR B 45 -14.72 -4.52 22.49
C TYR B 45 -15.82 -4.54 21.39
N LEU B 46 -16.63 -3.49 21.30
CA LEU B 46 -17.68 -3.42 20.28
C LEU B 46 -17.15 -2.93 18.93
N LEU B 47 -15.90 -2.49 18.86
CA LEU B 47 -15.39 -1.90 17.61
C LEU B 47 -15.53 -2.85 16.43
N PRO B 48 -15.03 -4.11 16.47
CA PRO B 48 -15.09 -4.93 15.25
C PRO B 48 -16.52 -5.19 14.79
N SER B 49 -17.45 -5.47 15.71
CA SER B 49 -18.80 -5.75 15.22
C SER B 49 -19.52 -4.48 14.79
N ASN B 50 -19.22 -3.31 15.40
CA ASN B 50 -19.75 -2.08 14.84
C ASN B 50 -19.25 -1.82 13.43
N LEU B 51 -17.96 -2.09 13.18
CA LEU B 51 -17.42 -1.80 11.84
C LEU B 51 -18.04 -2.72 10.80
N ARG B 52 -18.15 -4.01 11.11
CA ARG B 52 -18.81 -4.93 10.19
C ARG B 52 -20.23 -4.48 9.90
N LYS B 53 -20.97 -4.02 10.92
CA LYS B 53 -22.32 -3.56 10.66
C LYS B 53 -22.30 -2.31 9.78
N THR B 54 -21.39 -1.37 10.08
CA THR B 54 -21.35 -0.12 9.32
C THR B 54 -20.96 -0.39 7.89
N ALA B 55 -20.11 -1.41 7.65
CA ALA B 55 -19.70 -1.75 6.31
C ALA B 55 -20.81 -2.42 5.51
N GLY B 56 -21.95 -2.72 6.12
CA GLY B 56 -23.02 -3.41 5.43
C GLY B 56 -22.95 -4.92 5.43
N LEU B 57 -22.11 -5.54 6.27
CA LEU B 57 -22.04 -6.99 6.32
C LEU B 57 -23.20 -7.55 7.12
N GLU B 58 -23.57 -8.79 6.80
CA GLU B 58 -24.59 -9.44 7.61
C GLU B 58 -23.98 -9.94 8.92
N PRO B 59 -24.80 -10.06 9.96
CA PRO B 59 -24.33 -10.73 11.18
C PRO B 59 -23.66 -12.05 10.81
N GLU B 60 -22.58 -12.38 11.54
CA GLU B 60 -21.81 -13.63 11.40
C GLU B 60 -20.95 -13.72 10.14
N SER B 61 -20.88 -12.66 9.33
CA SER B 61 -20.07 -12.68 8.12
C SER B 61 -18.61 -12.96 8.44
N MET B 62 -17.98 -13.80 7.63
CA MET B 62 -16.53 -13.99 7.71
C MET B 62 -15.77 -13.12 6.73
N CYS B 63 -16.41 -12.10 6.14
N CYS B 63 -16.42 -12.14 6.10
CA CYS B 63 -15.75 -11.22 5.17
CA CYS B 63 -15.73 -11.21 5.23
C CYS B 63 -14.95 -10.13 5.89
C CYS B 63 -14.84 -10.26 6.04
N PRO B 64 -13.72 -9.86 5.47
CA PRO B 64 -12.91 -8.82 6.12
C PRO B 64 -13.54 -7.45 5.93
N VAL B 65 -13.24 -6.55 6.87
CA VAL B 65 -13.67 -5.14 6.76
C VAL B 65 -12.44 -4.26 6.92
N THR B 66 -12.29 -3.28 6.04
CA THR B 66 -11.11 -2.41 6.03
C THR B 66 -11.50 -1.00 6.40
N THR B 67 -10.70 -0.37 7.25
CA THR B 67 -10.91 1.03 7.59
C THR B 67 -9.54 1.64 7.78
N LYS B 68 -9.50 2.85 8.31
CA LYS B 68 -8.24 3.54 8.59
C LYS B 68 -8.06 3.66 10.09
N LEU B 69 -6.89 3.26 10.58
CA LEU B 69 -6.55 3.42 11.99
C LEU B 69 -5.13 3.93 12.08
N LEU B 70 -4.92 4.94 12.91
CA LEU B 70 -3.58 5.53 13.08
C LEU B 70 -3.00 5.95 11.74
N GLY B 71 -3.86 6.49 10.88
CA GLY B 71 -3.43 7.00 9.60
C GLY B 71 -3.00 5.98 8.56
N GLN B 72 -3.30 4.70 8.75
CA GLN B 72 -2.99 3.67 7.76
C GLN B 72 -4.18 2.71 7.66
N ASP B 73 -4.22 1.96 6.57
CA ASP B 73 -5.28 0.98 6.43
C ASP B 73 -5.15 -0.08 7.52
N ALA B 74 -6.29 -0.64 7.91
CA ALA B 74 -6.37 -1.74 8.86
C ALA B 74 -7.50 -2.66 8.41
N THR B 75 -7.21 -3.94 8.24
CA THR B 75 -8.23 -4.89 7.82
C THR B 75 -8.53 -5.84 8.99
N ILE B 76 -9.79 -5.91 9.41
CA ILE B 76 -10.17 -6.72 10.57
C ILE B 76 -10.69 -8.06 10.07
N VAL B 77 -10.14 -9.16 10.61
CA VAL B 77 -10.49 -10.51 10.17
C VAL B 77 -10.86 -11.31 11.41
N ARG B 78 -11.63 -12.39 11.22
CA ARG B 78 -11.97 -13.26 12.36
C ARG B 78 -12.20 -14.68 11.86
N GLY B 79 -12.25 -15.62 12.80
CA GLY B 79 -12.49 -17.01 12.44
C GLY B 79 -11.24 -17.72 11.91
N SER B 80 -11.44 -18.98 11.50
CA SER B 80 -10.28 -19.85 11.27
C SER B 80 -9.39 -19.35 10.12
N ALA B 81 -9.98 -18.89 9.03
CA ALA B 81 -9.20 -18.37 7.92
C ALA B 81 -8.44 -17.10 8.32
N GLY B 82 -9.06 -16.25 9.13
CA GLY B 82 -8.38 -15.07 9.61
C GLY B 82 -7.21 -15.39 10.53
N ILE B 83 -7.35 -16.45 11.33
CA ILE B 83 -6.26 -16.93 12.16
C ILE B 83 -5.10 -17.37 11.28
N ASP B 84 -5.39 -18.15 10.24
CA ASP B 84 -4.31 -18.61 9.36
C ASP B 84 -3.53 -17.43 8.75
N LEU B 85 -4.27 -16.41 8.30
CA LEU B 85 -3.61 -15.22 7.74
C LEU B 85 -2.76 -14.52 8.79
N PHE B 86 -3.33 -14.30 9.98
CA PHE B 86 -2.68 -13.51 11.01
C PHE B 86 -1.37 -14.16 11.46
N TYR B 87 -1.33 -15.49 11.51
CA TYR B 87 -0.17 -16.22 11.99
C TYR B 87 0.74 -16.69 10.84
N ASP B 88 0.57 -16.14 9.63
CA ASP B 88 1.42 -16.49 8.48
C ASP B 88 2.62 -15.56 8.49
N GLU B 89 3.74 -16.01 9.05
CA GLU B 89 4.91 -15.12 9.15
C GLU B 89 5.61 -14.87 7.82
N ASP B 90 5.15 -15.50 6.73
CA ASP B 90 5.58 -15.12 5.39
C ASP B 90 5.01 -13.78 4.95
N VAL B 91 3.88 -13.33 5.52
CA VAL B 91 3.28 -12.07 5.09
C VAL B 91 2.98 -11.12 6.24
N MET B 92 3.13 -11.57 7.48
CA MET B 92 2.83 -10.73 8.63
C MET B 92 4.07 -10.56 9.52
N GLN B 93 4.24 -9.36 10.06
CA GLN B 93 5.25 -9.12 11.08
C GLN B 93 4.62 -8.34 12.23
N ARG B 94 5.29 -8.33 13.38
CA ARG B 94 4.71 -7.62 14.52
C ARG B 94 5.38 -6.30 14.84
N GLU B 95 6.60 -6.06 14.36
CA GLU B 95 7.27 -4.83 14.72
C GLU B 95 6.47 -3.62 14.24
N GLY B 96 6.19 -2.72 15.17
CA GLY B 96 5.39 -1.54 14.90
C GLY B 96 3.89 -1.76 14.79
N ALA B 97 3.41 -3.01 14.91
CA ALA B 97 1.98 -3.23 14.73
C ALA B 97 1.16 -2.68 15.89
N MET B 98 1.61 -2.91 17.11
CA MET B 98 0.91 -2.37 18.28
C MET B 98 1.29 -0.90 18.46
N PRO B 99 0.32 0.01 18.57
CA PRO B 99 0.65 1.41 18.87
C PRO B 99 1.49 1.50 20.12
N PRO B 100 2.57 2.26 20.11
CA PRO B 100 3.44 2.33 21.29
C PRO B 100 2.74 2.80 22.53
N VAL B 101 1.70 3.62 22.40
CA VAL B 101 1.04 4.12 23.59
C VAL B 101 0.43 2.97 24.38
N ILE B 102 0.09 1.87 23.72
CA ILE B 102 -0.36 0.66 24.41
C ILE B 102 0.83 -0.23 24.71
N GLY B 103 1.59 -0.57 23.67
CA GLY B 103 2.61 -1.61 23.80
C GLY B 103 3.75 -1.21 24.73
N ASP B 104 4.18 0.06 24.66
CA ASP B 104 5.30 0.44 25.51
C ASP B 104 4.91 0.42 26.98
N ALA B 105 3.64 0.66 27.32
CA ALA B 105 3.22 0.54 28.71
C ALA B 105 2.97 -0.92 29.07
N LEU B 106 2.25 -1.63 28.21
CA LEU B 106 1.77 -2.96 28.56
C LEU B 106 2.90 -3.99 28.60
N VAL B 107 3.72 -4.07 27.54
CA VAL B 107 4.77 -5.10 27.52
C VAL B 107 6.18 -4.52 27.60
N GLY B 108 6.35 -3.22 27.44
CA GLY B 108 7.69 -2.63 27.51
C GLY B 108 8.39 -2.57 26.17
N LYS B 109 9.45 -1.75 26.11
CA LYS B 109 10.22 -1.60 24.89
C LYS B 109 11.14 -2.80 24.66
N GLY B 110 11.28 -3.21 23.40
CA GLY B 110 12.16 -4.32 23.09
C GLY B 110 11.63 -5.69 23.46
N ALA B 111 10.35 -5.78 23.84
CA ALA B 111 9.80 -7.06 24.30
C ALA B 111 9.68 -8.05 23.14
N VAL B 112 9.64 -9.34 23.49
CA VAL B 112 9.47 -10.42 22.50
C VAL B 112 8.29 -10.14 21.55
N HIS B 113 7.26 -9.44 22.04
CA HIS B 113 6.04 -9.21 21.24
C HIS B 113 6.35 -8.45 19.96
N ASN B 114 7.38 -7.61 20.01
CA ASN B 114 7.73 -6.72 18.93
C ASN B 114 8.75 -7.31 17.98
N LEU B 115 9.25 -8.52 18.25
CA LEU B 115 10.29 -9.09 17.42
C LEU B 115 9.73 -9.96 16.32
N ASP B 116 10.55 -10.16 15.29
CA ASP B 116 10.21 -11.00 14.14
C ASP B 116 11.40 -11.89 13.77
N GLY B 117 11.13 -12.88 12.93
CA GLY B 117 12.17 -13.72 12.36
C GLY B 117 12.95 -14.52 13.40
N GLU B 118 14.23 -14.75 13.09
CA GLU B 118 15.06 -15.60 13.95
C GLU B 118 15.29 -14.99 15.33
N GLU B 119 15.41 -13.66 15.43
CA GLU B 119 15.54 -13.06 16.75
C GLU B 119 14.30 -13.32 17.59
N HIS B 120 13.11 -13.23 16.99
CA HIS B 120 11.91 -13.60 17.76
C HIS B 120 11.95 -15.06 18.17
N LYS B 121 12.32 -15.96 17.25
CA LYS B 121 12.28 -17.38 17.58
C LYS B 121 13.25 -17.70 18.73
N VAL B 122 14.40 -17.03 18.76
CA VAL B 122 15.39 -17.30 19.79
C VAL B 122 14.93 -16.79 21.14
N ARG B 123 14.34 -15.59 21.17
CA ARG B 123 13.82 -15.01 22.39
C ARG B 123 12.62 -15.80 22.89
N LYS B 124 11.73 -16.18 21.98
CA LYS B 124 10.54 -16.93 22.34
C LYS B 124 10.88 -18.31 22.85
N ALA B 125 11.94 -18.93 22.32
CA ALA B 125 12.36 -20.23 22.82
C ALA B 125 12.73 -20.15 24.30
N GLN B 126 13.39 -19.06 24.72
CA GLN B 126 13.87 -18.93 26.08
C GLN B 126 12.73 -18.57 27.04
N MET B 127 11.72 -17.86 26.55
CA MET B 127 10.58 -17.54 27.39
C MET B 127 9.58 -18.68 27.45
N ALA B 128 9.36 -19.38 26.32
CA ALA B 128 8.51 -20.57 26.37
C ALA B 128 9.13 -21.65 27.25
N ALA B 129 10.46 -21.73 27.30
CA ALA B 129 11.06 -22.75 28.15
C ALA B 129 10.69 -22.50 29.62
N MET B 130 10.42 -21.26 29.98
CA MET B 130 10.04 -20.96 31.37
C MET B 130 8.54 -21.17 31.59
N ALA B 131 7.68 -20.64 30.71
CA ALA B 131 6.24 -20.65 30.99
C ALA B 131 5.52 -21.88 30.50
N TYR B 132 6.03 -22.56 29.49
CA TYR B 132 5.22 -23.52 28.76
C TYR B 132 5.56 -24.97 29.08
N GLU B 133 6.70 -25.21 29.72
CA GLU B 133 7.14 -26.58 30.04
C GLU B 133 6.32 -27.15 31.19
N ASP B 134 5.82 -28.38 31.01
CA ASP B 134 4.90 -28.95 31.99
C ASP B 134 5.52 -29.00 33.39
N GLU B 135 6.81 -29.32 33.48
CA GLU B 135 7.44 -29.39 34.80
C GLU B 135 7.45 -28.05 35.51
N ARG B 136 7.53 -26.95 34.77
CA ARG B 136 7.52 -25.65 35.41
C ARG B 136 6.11 -25.22 35.80
N VAL B 137 5.12 -25.59 34.98
CA VAL B 137 3.73 -25.36 35.35
C VAL B 137 3.39 -26.12 36.63
N ALA B 138 3.85 -27.38 36.73
CA ALA B 138 3.62 -28.16 37.95
C ALA B 138 4.27 -27.52 39.17
N GLU B 139 5.36 -26.75 39.01
CA GLU B 139 5.89 -26.02 40.16
C GLU B 139 4.99 -24.85 40.54
N PHE B 140 4.30 -24.27 39.55
CA PHE B 140 3.43 -23.12 39.80
C PHE B 140 2.15 -23.54 40.51
N ALA B 141 1.62 -24.74 40.19
CA ALA B 141 0.30 -25.13 40.70
C ALA B 141 0.21 -25.10 42.23
N PRO B 142 1.13 -25.67 43.02
CA PRO B 142 0.93 -25.61 44.48
C PRO B 142 1.11 -24.22 45.04
N LEU B 143 1.94 -23.38 44.40
CA LEU B 143 2.15 -22.01 44.87
C LEU B 143 0.89 -21.16 44.70
N VAL B 144 0.26 -21.23 43.53
CA VAL B 144 -0.91 -20.39 43.35
C VAL B 144 -2.08 -20.91 44.19
N ALA B 145 -2.19 -22.23 44.40
CA ALA B 145 -3.20 -22.75 45.34
C ALA B 145 -3.01 -22.15 46.73
N GLU B 146 -1.76 -22.10 47.20
CA GLU B 146 -1.47 -21.58 48.52
C GLU B 146 -1.76 -20.09 48.62
N GLU B 147 -1.42 -19.31 47.58
CA GLU B 147 -1.67 -17.87 47.65
C GLU B 147 -3.15 -17.57 47.51
N VAL B 148 -3.87 -18.35 46.70
CA VAL B 148 -5.32 -18.15 46.62
C VAL B 148 -5.97 -18.49 47.96
N GLU B 149 -5.52 -19.56 48.60
CA GLU B 149 -6.10 -19.95 49.89
C GLU B 149 -5.88 -18.85 50.92
N ARG B 150 -4.71 -18.22 50.88
CA ARG B 150 -4.41 -17.11 51.77
C ARG B 150 -5.30 -15.90 51.52
N ALA B 151 -5.57 -15.56 50.25
CA ALA B 151 -6.43 -14.40 49.99
C ALA B 151 -7.85 -14.67 50.45
N VAL B 152 -8.36 -15.89 50.20
CA VAL B 152 -9.72 -16.24 50.59
C VAL B 152 -9.85 -16.28 52.11
N ALA B 153 -8.80 -16.77 52.81
CA ALA B 153 -8.80 -16.69 54.27
C ALA B 153 -8.94 -15.24 54.76
N GLY B 154 -8.37 -14.28 54.02
CA GLY B 154 -8.48 -12.87 54.38
C GLY B 154 -9.88 -12.32 54.27
N TRP B 155 -10.77 -13.04 53.59
CA TRP B 155 -12.13 -12.60 53.43
C TRP B 155 -13.02 -13.01 54.59
N GLU B 156 -12.52 -13.84 55.51
CA GLU B 156 -13.41 -14.36 56.54
C GLU B 156 -13.91 -13.23 57.41
N GLY B 157 -15.23 -13.00 57.40
CA GLY B 157 -15.80 -11.93 58.19
C GLY B 157 -15.37 -10.55 57.79
N ALA B 158 -14.92 -10.37 56.54
CA ALA B 158 -14.30 -9.13 56.10
C ALA B 158 -14.79 -8.83 54.68
N GLN B 159 -14.58 -7.60 54.22
CA GLN B 159 -15.04 -7.20 52.89
C GLN B 159 -13.87 -7.40 51.93
N GLY B 160 -14.02 -8.36 51.03
CA GLY B 160 -12.99 -8.67 50.06
C GLY B 160 -13.36 -8.19 48.67
N ASN B 161 -12.40 -8.36 47.76
CA ASN B 161 -12.53 -7.88 46.40
C ASN B 161 -11.86 -8.90 45.50
N VAL B 162 -12.62 -9.56 44.60
CA VAL B 162 -12.00 -10.63 43.82
C VAL B 162 -10.86 -10.08 42.98
N PHE B 163 -11.12 -9.02 42.22
CA PHE B 163 -10.10 -8.52 41.30
C PHE B 163 -8.83 -8.11 42.06
N GLU B 164 -8.96 -7.26 43.06
CA GLU B 164 -7.76 -6.78 43.76
C GLU B 164 -7.06 -7.91 44.51
N ASP B 165 -7.80 -8.74 45.25
CA ASP B 165 -7.12 -9.68 46.14
C ASP B 165 -6.61 -10.91 45.40
N LEU B 166 -7.33 -11.39 44.38
CA LEU B 166 -6.78 -12.54 43.66
C LEU B 166 -5.70 -12.10 42.66
N SER B 167 -5.78 -10.88 42.11
CA SER B 167 -4.64 -10.38 41.33
C SER B 167 -3.38 -10.32 42.18
N LEU B 168 -3.53 -9.93 43.45
CA LEU B 168 -2.39 -9.92 44.36
C LEU B 168 -1.90 -11.33 44.68
N ALA B 169 -2.83 -12.27 44.94
CA ALA B 169 -2.45 -13.68 45.13
C ALA B 169 -1.68 -14.21 43.94
N PHE B 170 -2.15 -13.89 42.73
CA PHE B 170 -1.49 -14.44 41.54
C PHE B 170 -0.08 -13.89 41.40
N GLY B 171 0.10 -12.59 41.69
CA GLY B 171 1.42 -12.00 41.60
C GLY B 171 2.38 -12.52 42.67
N ARG B 172 1.89 -12.71 43.91
CA ARG B 172 2.71 -13.35 44.92
C ARG B 172 3.18 -14.73 44.44
N ALA B 173 2.26 -15.51 43.85
CA ALA B 173 2.62 -16.85 43.36
C ALA B 173 3.62 -16.78 42.23
N ALA B 174 3.43 -15.83 41.30
CA ALA B 174 4.34 -15.67 40.17
C ALA B 174 5.74 -15.31 40.63
N PHE B 175 5.86 -14.38 41.59
CA PHE B 175 7.18 -13.96 42.08
C PHE B 175 7.89 -15.14 42.74
N ARG B 176 7.19 -15.90 43.59
CA ARG B 176 7.83 -17.06 44.21
C ARG B 176 8.19 -18.09 43.15
N TRP B 177 7.29 -18.33 42.19
CA TRP B 177 7.57 -19.31 41.14
C TRP B 177 8.80 -18.92 40.33
N ALA B 178 8.92 -17.64 40.03
CA ALA B 178 10.01 -17.18 39.19
C ALA B 178 11.34 -17.11 39.93
N GLY B 179 11.32 -17.26 41.27
CA GLY B 179 12.50 -17.11 42.08
C GLY B 179 12.84 -15.68 42.44
N ILE B 180 11.86 -14.78 42.42
CA ILE B 180 12.04 -13.42 42.93
C ILE B 180 11.72 -13.47 44.42
N ASP B 181 12.74 -13.41 45.26
CA ASP B 181 12.58 -13.59 46.70
C ASP B 181 12.81 -12.24 47.37
N LEU B 182 11.74 -11.57 47.73
CA LEU B 182 11.77 -10.23 48.30
C LEU B 182 10.89 -10.23 49.53
N PRO B 183 11.13 -9.33 50.47
CA PRO B 183 10.24 -9.23 51.63
C PRO B 183 8.79 -9.05 51.18
N ALA B 184 7.86 -9.53 52.01
CA ALA B 184 6.46 -9.55 51.62
C ALA B 184 5.93 -8.16 51.29
N GLU B 185 6.38 -7.14 52.02
CA GLU B 185 5.84 -5.81 51.74
C GLU B 185 6.31 -5.31 50.39
N ASN B 186 7.57 -5.60 50.05
CA ASN B 186 8.14 -5.20 48.78
C ASN B 186 7.49 -5.93 47.60
N THR B 187 7.29 -7.24 47.76
CA THR B 187 6.57 -8.01 46.74
C THR B 187 5.19 -7.41 46.50
N ASP B 188 4.44 -7.15 47.58
CA ASP B 188 3.09 -6.62 47.43
C ASP B 188 3.08 -5.27 46.75
N GLU B 189 4.06 -4.40 47.07
CA GLU B 189 4.13 -3.10 46.40
C GLU B 189 4.38 -3.25 44.90
N LEU B 190 5.30 -4.14 44.51
CA LEU B 190 5.60 -4.33 43.09
C LEU B 190 4.42 -4.97 42.35
N VAL B 191 3.78 -5.99 42.94
CA VAL B 191 2.58 -6.55 42.32
C VAL B 191 1.50 -5.49 42.23
N GLY B 192 1.38 -4.65 43.27
CA GLY B 192 0.45 -3.54 43.20
C GLY B 192 0.70 -2.62 42.03
N ARG B 193 1.97 -2.34 41.72
CA ARG B 193 2.27 -1.52 40.55
C ARG B 193 1.85 -2.20 39.27
N MET B 194 2.02 -3.52 39.19
CA MET B 194 1.58 -4.25 38.00
C MET B 194 0.06 -4.19 37.87
N ILE B 195 -0.66 -4.34 38.98
CA ILE B 195 -2.13 -4.23 38.95
C ILE B 195 -2.54 -2.85 38.48
N THR B 196 -1.91 -1.80 39.03
CA THR B 196 -2.21 -0.45 38.58
C THR B 196 -1.95 -0.29 37.09
N LEU B 197 -0.81 -0.79 36.62
CA LEU B 197 -0.49 -0.75 35.20
C LEU B 197 -1.58 -1.44 34.38
N LEU B 198 -1.89 -2.69 34.72
CA LEU B 198 -2.92 -3.45 33.97
C LEU B 198 -4.28 -2.76 33.97
N ASP B 199 -4.61 -2.06 35.06
CA ASP B 199 -5.95 -1.50 35.20
C ASP B 199 -6.09 -0.16 34.50
N ASN B 200 -5.03 0.33 33.88
CA ASN B 200 -4.98 1.70 33.38
C ASN B 200 -4.42 1.89 31.98
N PHE B 201 -3.71 0.92 31.37
CA PHE B 201 -3.01 1.20 30.12
C PHE B 201 -3.95 1.44 28.94
N GLY B 202 -5.19 1.00 29.03
CA GLY B 202 -6.05 1.09 27.86
C GLY B 202 -6.98 2.29 27.75
N THR B 203 -6.91 3.26 28.64
CA THR B 203 -7.83 4.40 28.61
C THR B 203 -7.06 5.70 28.55
N ALA B 204 -7.74 6.75 28.12
CA ALA B 204 -7.09 8.05 27.96
C ALA B 204 -6.73 8.64 29.30
N THR B 205 -7.59 8.48 30.31
CA THR B 205 -7.24 8.97 31.64
C THR B 205 -6.24 8.09 32.35
N GLY B 206 -6.19 6.79 32.03
CA GLY B 206 -5.27 5.91 32.74
C GLY B 206 -3.85 5.83 32.17
N THR B 207 -3.64 6.15 30.89
CA THR B 207 -2.34 5.89 30.29
C THR B 207 -1.19 6.62 31.01
N PRO B 208 -1.33 7.86 31.53
CA PRO B 208 -0.18 8.41 32.32
C PRO B 208 0.16 7.58 33.54
N LYS B 209 -0.83 7.03 34.21
CA LYS B 209 -0.57 6.20 35.39
C LYS B 209 0.11 4.91 34.98
N ALA B 210 -0.34 4.30 33.88
CA ALA B 210 0.32 3.09 33.41
C ALA B 210 1.79 3.35 33.07
N PHE B 211 2.08 4.47 32.37
CA PHE B 211 3.48 4.71 32.01
C PHE B 211 4.32 5.03 33.22
N TRP B 212 3.74 5.69 34.23
CA TRP B 212 4.48 5.93 35.46
C TRP B 212 4.86 4.61 36.12
N GLN B 213 3.90 3.67 36.23
CA GLN B 213 4.23 2.37 36.83
C GLN B 213 5.23 1.61 35.98
N ARG B 214 5.06 1.64 34.66
CA ARG B 214 6.00 0.99 33.75
C ARG B 214 7.45 1.43 34.02
N ARG B 215 7.64 2.74 34.16
CA ARG B 215 8.97 3.28 34.43
C ARG B 215 9.52 2.75 35.76
N GLN B 216 8.71 2.79 36.81
CA GLN B 216 9.19 2.31 38.11
C GLN B 216 9.50 0.82 38.08
N LEU B 217 8.64 0.03 37.43
CA LEU B 217 8.86 -1.41 37.32
C LEU B 217 10.10 -1.73 36.47
N ASP B 218 10.27 -1.04 35.35
CA ASP B 218 11.46 -1.28 34.51
C ASP B 218 12.76 -0.97 35.26
N ASN B 219 12.77 0.15 35.99
CA ASN B 219 13.93 0.47 36.84
C ASN B 219 14.17 -0.65 37.85
N TRP B 220 13.11 -1.08 38.55
CA TRP B 220 13.27 -2.14 39.53
C TRP B 220 13.85 -3.41 38.92
N ALA B 221 13.26 -3.86 37.80
CA ALA B 221 13.69 -5.11 37.16
C ALA B 221 15.11 -4.99 36.61
N GLU B 222 15.46 -3.85 36.04
CA GLU B 222 16.81 -3.70 35.52
C GLU B 222 17.83 -3.85 36.65
N ALA B 223 17.57 -3.21 37.79
CA ALA B 223 18.49 -3.31 38.91
C ALA B 223 18.54 -4.73 39.46
N LEU B 224 17.43 -5.46 39.42
CA LEU B 224 17.44 -6.86 39.85
C LEU B 224 18.30 -7.71 38.93
N ILE B 225 18.09 -7.58 37.61
CA ILE B 225 18.85 -8.36 36.64
C ILE B 225 20.34 -8.07 36.81
N THR B 226 20.69 -6.79 36.92
CA THR B 226 22.08 -6.38 37.09
C THR B 226 22.69 -6.96 38.37
N ASP B 227 21.95 -6.90 39.48
CA ASP B 227 22.43 -7.48 40.73
C ASP B 227 22.70 -8.97 40.58
N VAL B 228 21.82 -9.69 39.89
CA VAL B 228 22.07 -11.10 39.64
C VAL B 228 23.31 -11.28 38.79
N ARG B 229 23.44 -10.49 37.73
CA ARG B 229 24.55 -10.67 36.81
C ARG B 229 25.88 -10.34 37.47
N GLU B 230 25.88 -9.47 38.48
CA GLU B 230 27.08 -9.04 39.18
C GLU B 230 27.32 -9.79 40.48
N GLY B 231 26.49 -10.77 40.79
CA GLY B 231 26.64 -11.61 41.96
C GLY B 231 26.14 -11.02 43.26
N ARG B 232 25.66 -9.77 43.26
CA ARG B 232 25.15 -9.20 44.51
C ARG B 232 23.89 -9.88 45.01
N ILE B 233 23.15 -10.55 44.14
CA ILE B 233 21.98 -11.34 44.51
C ILE B 233 22.16 -12.71 43.91
N THR B 234 21.79 -13.75 44.65
CA THR B 234 21.93 -15.12 44.18
C THR B 234 20.56 -15.65 43.82
N ALA B 235 20.38 -16.01 42.56
CA ALA B 235 19.14 -16.63 42.12
C ALA B 235 19.24 -18.13 42.28
N ARG B 236 18.14 -18.74 42.66
CA ARG B 236 18.06 -20.19 42.72
C ARG B 236 18.49 -20.76 41.36
N PRO B 237 19.35 -21.78 41.34
CA PRO B 237 19.77 -22.33 40.05
C PRO B 237 18.56 -22.87 39.29
N ASP B 238 18.57 -22.63 37.97
CA ASP B 238 17.56 -23.07 37.02
C ASP B 238 16.20 -22.37 37.17
N CYS B 239 16.10 -21.30 37.98
CA CYS B 239 14.83 -20.61 38.13
C CYS B 239 14.66 -19.58 37.01
N VAL B 240 13.44 -19.04 36.89
CA VAL B 240 13.12 -18.08 35.83
C VAL B 240 14.02 -16.85 35.91
N LEU B 241 14.18 -16.29 37.11
CA LEU B 241 15.04 -15.11 37.28
C LEU B 241 16.45 -15.38 36.73
N GLU B 242 17.00 -16.57 36.99
CA GLU B 242 18.34 -16.90 36.50
C GLU B 242 18.37 -16.97 34.98
N HIS B 243 17.36 -17.58 34.38
CA HIS B 243 17.35 -17.68 32.93
C HIS B 243 17.13 -16.33 32.26
N MET B 244 16.39 -15.43 32.91
CA MET B 244 16.26 -14.09 32.35
C MET B 244 17.57 -13.32 32.48
N ALA B 245 18.28 -13.49 33.60
CA ALA B 245 19.61 -12.91 33.72
C ALA B 245 20.54 -13.41 32.63
N GLN B 246 20.38 -14.67 32.22
CA GLN B 246 21.14 -15.28 31.15
C GLN B 246 20.49 -15.12 29.77
N LEU B 247 19.52 -14.23 29.62
CA LEU B 247 18.84 -14.09 28.31
C LEU B 247 19.84 -13.68 27.23
N THR B 248 19.85 -14.40 26.11
CA THR B 248 20.79 -14.08 25.04
C THR B 248 20.04 -13.90 23.72
N ASP B 249 20.72 -13.31 22.72
CA ASP B 249 20.08 -13.11 21.43
C ASP B 249 20.62 -14.13 20.43
N ALA B 250 20.26 -13.96 19.14
CA ALA B 250 20.57 -15.00 18.16
C ALA B 250 22.07 -15.18 17.94
N SER B 251 22.86 -14.16 18.21
CA SER B 251 24.32 -14.23 18.11
C SER B 251 24.98 -14.79 19.36
N GLY B 252 24.20 -15.22 20.35
CA GLY B 252 24.76 -15.72 21.59
C GLY B 252 25.19 -14.68 22.59
N GLU B 253 25.06 -13.39 22.26
CA GLU B 253 25.40 -12.30 23.17
C GLU B 253 24.29 -12.05 24.17
N ARG B 254 24.70 -11.62 25.36
CA ARG B 254 23.75 -11.34 26.43
C ARG B 254 22.90 -10.13 26.07
N VAL B 255 21.59 -10.23 26.29
CA VAL B 255 20.69 -9.11 26.11
C VAL B 255 20.92 -8.09 27.23
N ASP B 256 20.76 -6.80 26.91
CA ASP B 256 20.97 -5.76 27.93
C ASP B 256 20.03 -5.95 29.13
N ALA B 257 20.47 -5.42 30.27
CA ALA B 257 19.81 -5.70 31.54
C ALA B 257 18.37 -5.17 31.58
N ARG B 258 18.12 -3.99 31.01
CA ARG B 258 16.76 -3.45 31.06
C ARG B 258 15.79 -4.30 30.24
N THR B 259 16.23 -4.77 29.06
CA THR B 259 15.40 -5.65 28.24
C THR B 259 15.15 -6.98 28.95
N ALA B 260 16.18 -7.51 29.61
CA ALA B 260 15.98 -8.75 30.35
C ALA B 260 15.01 -8.56 31.52
N GLY B 261 15.08 -7.40 32.18
CA GLY B 261 14.10 -7.11 33.22
C GLY B 261 12.69 -6.94 32.66
N ILE B 262 12.58 -6.45 31.42
CA ILE B 262 11.28 -6.35 30.76
C ILE B 262 10.73 -7.73 30.46
N GLU B 263 11.60 -8.66 30.05
CA GLU B 263 11.15 -10.03 29.81
C GLU B 263 10.83 -10.77 31.12
N LEU B 264 11.53 -10.48 32.21
CA LEU B 264 11.13 -11.02 33.50
C LEU B 264 9.72 -10.56 33.88
N GLN B 265 9.39 -9.28 33.63
CA GLN B 265 8.03 -8.81 33.88
C GLN B 265 7.03 -9.46 32.94
N ASN B 266 7.43 -9.75 31.70
CA ASN B 266 6.56 -10.47 30.75
C ASN B 266 6.36 -11.94 31.14
N LEU B 267 7.00 -12.44 32.20
CA LEU B 267 6.71 -13.77 32.72
C LEU B 267 6.09 -13.74 34.12
N THR B 268 5.74 -12.56 34.65
CA THR B 268 5.10 -12.42 35.95
C THR B 268 3.85 -11.54 35.90
N ARG B 269 3.96 -10.36 35.31
CA ARG B 269 2.79 -9.49 35.17
C ARG B 269 1.58 -10.17 34.49
N PRO B 270 1.74 -10.97 33.42
CA PRO B 270 0.57 -11.60 32.81
C PRO B 270 -0.10 -12.59 33.72
N THR B 271 0.64 -13.17 34.68
CA THR B 271 0.00 -13.98 35.70
C THR B 271 -0.90 -13.13 36.59
N VAL B 272 -0.42 -11.95 36.99
CA VAL B 272 -1.27 -11.02 37.73
C VAL B 272 -2.56 -10.74 36.94
N ALA B 273 -2.43 -10.57 35.62
CA ALA B 273 -3.57 -10.25 34.77
C ALA B 273 -4.63 -11.34 34.77
N VAL B 274 -4.31 -12.57 35.22
CA VAL B 274 -5.37 -13.57 35.33
C VAL B 274 -6.46 -13.10 36.30
N GLY B 275 -6.16 -12.11 37.14
CA GLY B 275 -7.16 -11.50 38.00
C GLY B 275 -8.39 -11.00 37.26
N PHE B 276 -8.22 -10.53 36.02
CA PHE B 276 -9.39 -10.15 35.24
C PHE B 276 -10.31 -11.33 34.99
N PHE B 277 -9.75 -12.46 34.56
CA PHE B 277 -10.56 -13.65 34.36
C PHE B 277 -11.12 -14.17 35.70
N ALA B 278 -10.35 -14.04 36.79
CA ALA B 278 -10.86 -14.49 38.09
C ALA B 278 -12.10 -13.69 38.49
N SER B 279 -12.10 -12.38 38.24
CA SER B 279 -13.27 -11.60 38.60
C SER B 279 -14.45 -12.01 37.72
N PHE B 280 -14.21 -12.24 36.42
CA PHE B 280 -15.32 -12.78 35.61
C PHE B 280 -15.76 -14.17 36.08
N ALA B 281 -14.84 -15.01 36.54
CA ALA B 281 -15.27 -16.31 37.05
C ALA B 281 -16.21 -16.18 38.25
N ALA B 282 -15.96 -15.21 39.11
CA ALA B 282 -16.83 -15.03 40.27
C ALA B 282 -18.23 -14.61 39.80
N VAL B 283 -18.29 -13.73 38.80
CA VAL B 283 -19.59 -13.38 38.21
C VAL B 283 -20.27 -14.63 37.65
N ALA B 284 -19.52 -15.39 36.88
CA ALA B 284 -20.05 -16.61 36.28
C ALA B 284 -20.53 -17.62 37.33
N LEU B 285 -19.82 -17.73 38.46
CA LEU B 285 -20.28 -18.65 39.51
C LEU B 285 -21.59 -18.17 40.12
N ALA B 286 -21.72 -16.85 40.34
CA ALA B 286 -22.99 -16.29 40.80
C ALA B 286 -24.10 -16.55 39.78
N GLU B 287 -23.78 -16.53 38.49
CA GLU B 287 -24.81 -16.68 37.47
C GLU B 287 -25.14 -18.13 37.12
N ASN B 288 -24.32 -19.08 37.56
CA ASN B 288 -24.45 -20.49 37.14
C ASN B 288 -24.38 -21.36 38.39
N PRO B 289 -25.39 -21.29 39.26
CA PRO B 289 -25.26 -22.01 40.53
C PRO B 289 -25.24 -23.52 40.39
N GLN B 290 -25.82 -24.09 39.33
CA GLN B 290 -25.75 -25.54 39.19
C GLN B 290 -24.33 -26.00 38.85
N TRP B 291 -23.58 -25.21 38.04
CA TRP B 291 -22.17 -25.52 37.81
C TRP B 291 -21.35 -25.35 39.10
N ARG B 292 -21.67 -24.33 39.87
CA ARG B 292 -21.00 -24.13 41.14
C ARG B 292 -21.15 -25.36 42.04
N THR B 293 -22.36 -25.90 42.12
CA THR B 293 -22.59 -27.10 42.92
C THR B 293 -21.79 -28.27 42.39
N ARG B 294 -21.77 -28.46 41.06
CA ARG B 294 -21.00 -29.55 40.49
C ARG B 294 -19.53 -29.43 40.81
N ILE B 295 -18.98 -28.21 40.78
CA ILE B 295 -17.57 -28.02 41.15
C ILE B 295 -17.37 -28.38 42.62
N ASN B 296 -18.26 -27.91 43.50
CA ASN B 296 -18.10 -28.20 44.93
C ASN B 296 -18.20 -29.70 45.24
N GLU B 297 -18.95 -30.45 44.45
CA GLU B 297 -19.16 -31.87 44.76
C GLU B 297 -18.18 -32.77 44.02
N SER B 298 -17.31 -32.20 43.20
CA SER B 298 -16.47 -33.00 42.34
C SER B 298 -15.21 -33.48 43.05
N GLU B 299 -14.76 -34.65 42.64
CA GLU B 299 -13.48 -35.18 43.10
C GLU B 299 -12.37 -35.02 42.07
N THR B 300 -12.69 -34.63 40.83
CA THR B 300 -11.75 -34.74 39.73
C THR B 300 -11.11 -33.42 39.32
N GLY B 301 -11.69 -32.28 39.69
CA GLY B 301 -11.23 -31.03 39.13
C GLY B 301 -11.63 -30.77 37.69
N ARG B 302 -12.32 -31.73 37.04
CA ARG B 302 -12.66 -31.58 35.63
C ARG B 302 -13.65 -30.44 35.40
N GLU B 303 -14.68 -30.33 36.24
CA GLU B 303 -15.68 -29.29 36.07
C GLU B 303 -15.06 -27.91 36.26
N ALA B 304 -14.16 -27.77 37.25
CA ALA B 304 -13.50 -26.49 37.47
C ALA B 304 -12.65 -26.11 36.26
N PHE B 305 -11.95 -27.08 35.67
CA PHE B 305 -11.14 -26.81 34.48
C PHE B 305 -12.02 -26.39 33.31
N ALA B 306 -13.12 -27.11 33.06
CA ALA B 306 -14.03 -26.74 31.98
C ALA B 306 -14.64 -25.38 32.22
N PHE B 307 -14.96 -25.06 33.48
CA PHE B 307 -15.56 -23.77 33.81
C PHE B 307 -14.55 -22.66 33.53
N ALA B 308 -13.31 -22.86 33.99
CA ALA B 308 -12.24 -21.89 33.71
C ALA B 308 -12.07 -21.66 32.21
N GLN B 309 -12.09 -22.73 31.40
CA GLN B 309 -11.93 -22.54 29.96
C GLN B 309 -13.09 -21.77 29.35
N GLU B 310 -14.31 -22.08 29.77
CA GLU B 310 -15.45 -21.34 29.22
C GLU B 310 -15.49 -19.91 29.75
N VAL B 311 -14.86 -19.60 30.89
CA VAL B 311 -14.69 -18.17 31.21
C VAL B 311 -13.74 -17.51 30.21
N ARG B 312 -12.67 -18.19 29.81
CA ARG B 312 -11.73 -17.60 28.83
C ARG B 312 -12.37 -17.47 27.46
N ARG B 313 -13.27 -18.39 27.10
CA ARG B 313 -13.94 -18.23 25.80
C ARG B 313 -14.98 -17.10 25.82
N PHE B 314 -15.76 -16.99 26.89
CA PHE B 314 -16.99 -16.20 26.89
C PHE B 314 -16.76 -14.73 27.20
N TYR B 315 -15.89 -14.42 28.15
CA TYR B 315 -15.77 -13.06 28.67
C TYR B 315 -14.70 -12.28 27.93
N PRO B 316 -14.88 -10.97 27.81
CA PRO B 316 -13.95 -10.18 27.00
C PRO B 316 -12.67 -9.89 27.77
N PHE B 317 -11.54 -10.16 27.13
CA PHE B 317 -10.26 -9.80 27.71
C PHE B 317 -9.44 -9.18 26.59
N VAL B 318 -8.94 -10.00 25.67
CA VAL B 318 -8.27 -9.44 24.50
C VAL B 318 -9.33 -9.02 23.49
N PRO B 319 -9.42 -7.75 23.11
CA PRO B 319 -10.44 -7.37 22.13
C PRO B 319 -10.09 -7.84 20.72
N MET B 320 -8.81 -7.68 20.38
CA MET B 320 -8.29 -7.81 19.03
C MET B 320 -6.78 -7.69 19.18
N PHE B 321 -6.05 -8.02 18.12
CA PHE B 321 -4.60 -7.93 18.20
C PHE B 321 -4.05 -7.63 16.82
N PRO B 322 -2.93 -6.87 16.73
CA PRO B 322 -2.49 -6.38 15.42
C PRO B 322 -1.19 -6.99 14.91
N ALA B 323 -1.12 -7.08 13.59
CA ALA B 323 0.09 -7.38 12.84
C ALA B 323 0.18 -6.41 11.66
N LYS B 324 1.32 -6.41 10.97
CA LYS B 324 1.48 -5.55 9.80
C LYS B 324 1.94 -6.40 8.62
N ALA B 325 1.40 -6.10 7.44
CA ALA B 325 1.75 -6.86 6.24
C ALA B 325 3.18 -6.52 5.79
N THR B 326 3.97 -7.55 5.52
CA THR B 326 5.36 -7.37 5.08
C THR B 326 5.46 -7.19 3.57
N LYS B 327 4.39 -7.44 2.84
CA LYS B 327 4.40 -7.33 1.39
C LYS B 327 2.97 -7.20 0.95
N ASP B 328 2.76 -6.82 -0.32
CA ASP B 328 1.40 -6.79 -0.85
C ASP B 328 0.88 -8.21 -0.97
N THR B 329 -0.36 -8.44 -0.56
CA THR B 329 -0.93 -9.78 -0.69
C THR B 329 -2.44 -9.62 -0.77
N GLU B 330 -3.17 -10.70 -0.53
CA GLU B 330 -4.62 -10.65 -0.66
C GLU B 330 -5.21 -11.61 0.36
N PHE B 331 -6.42 -11.29 0.82
CA PHE B 331 -7.14 -12.19 1.71
C PHE B 331 -8.59 -12.22 1.30
N GLU B 332 -9.08 -13.39 0.88
CA GLU B 332 -10.49 -13.54 0.48
C GLU B 332 -10.90 -12.48 -0.54
N GLY B 333 -10.04 -12.25 -1.52
CA GLY B 333 -10.25 -11.21 -2.51
C GLY B 333 -9.90 -9.80 -2.07
N CYS B 334 -9.71 -9.55 -0.81
CA CYS B 334 -9.47 -8.18 -0.36
C CYS B 334 -7.99 -7.86 -0.46
N PRO B 335 -7.61 -6.77 -1.10
CA PRO B 335 -6.18 -6.43 -1.21
C PRO B 335 -5.60 -6.09 0.15
N ILE B 336 -4.38 -6.56 0.38
CA ILE B 336 -3.63 -6.24 1.59
C ILE B 336 -2.35 -5.55 1.16
N HIS B 337 -2.19 -4.28 1.57
CA HIS B 337 -1.06 -3.46 1.15
C HIS B 337 0.09 -3.54 2.15
N GLN B 338 1.32 -3.63 1.63
CA GLN B 338 2.49 -3.68 2.50
C GLN B 338 2.46 -2.56 3.51
N GLY B 339 2.67 -2.89 4.78
CA GLY B 339 2.66 -1.91 5.82
C GLY B 339 1.33 -1.68 6.50
N GLN B 340 0.22 -2.10 5.89
CA GLN B 340 -1.06 -1.89 6.54
C GLN B 340 -1.21 -2.84 7.71
N ARG B 341 -2.16 -2.55 8.58
CA ARG B 341 -2.42 -3.48 9.67
C ARG B 341 -3.39 -4.57 9.25
N VAL B 342 -3.19 -5.77 9.77
CA VAL B 342 -4.23 -6.80 9.81
C VAL B 342 -4.52 -7.01 11.28
N ILE B 343 -5.79 -6.95 11.65
CA ILE B 343 -6.18 -7.04 13.04
C ILE B 343 -7.05 -8.28 13.19
N LEU B 344 -6.62 -9.23 14.02
CA LEU B 344 -7.44 -10.40 14.34
C LEU B 344 -8.42 -10.05 15.46
N ASP B 345 -9.72 -10.21 15.18
CA ASP B 345 -10.78 -9.90 16.12
C ASP B 345 -10.95 -11.11 17.03
N PHE B 346 -10.53 -10.99 18.29
CA PHE B 346 -10.61 -12.12 19.22
C PHE B 346 -12.04 -12.37 19.66
N VAL B 347 -12.75 -11.33 20.09
CA VAL B 347 -14.13 -11.51 20.55
C VAL B 347 -14.98 -12.14 19.47
N GLY B 348 -14.87 -11.64 18.23
CA GLY B 348 -15.63 -12.19 17.12
C GLY B 348 -15.21 -13.57 16.66
N THR B 349 -14.02 -14.03 17.06
CA THR B 349 -13.68 -15.43 16.80
C THR B 349 -14.19 -16.35 17.91
N LEU B 350 -14.05 -15.90 19.15
CA LEU B 350 -14.56 -16.64 20.30
C LEU B 350 -16.08 -16.68 20.34
N HIS B 351 -16.77 -15.76 19.64
CA HIS B 351 -18.23 -15.72 19.65
C HIS B 351 -18.85 -15.94 18.29
N SER B 352 -18.08 -16.41 17.32
CA SER B 352 -18.61 -16.60 15.98
C SER B 352 -19.57 -17.79 15.95
N ALA B 353 -20.77 -17.57 15.39
CA ALA B 353 -21.71 -18.67 15.24
C ALA B 353 -21.28 -19.68 14.18
N GLU B 354 -20.38 -19.29 13.27
CA GLU B 354 -19.85 -20.26 12.32
C GLU B 354 -18.88 -21.22 12.99
N GLU B 355 -18.21 -20.81 14.06
CA GLU B 355 -17.15 -21.62 14.67
C GLU B 355 -17.60 -22.37 15.92
N TRP B 356 -18.72 -21.96 16.54
CA TRP B 356 -19.19 -22.50 17.82
C TRP B 356 -20.69 -22.74 17.75
N ASP B 357 -21.15 -23.77 18.45
CA ASP B 357 -22.60 -23.93 18.66
C ASP B 357 -23.07 -23.02 19.79
N ASN B 358 -24.12 -22.24 19.55
CA ASN B 358 -24.68 -21.32 20.54
C ASN B 358 -23.61 -20.50 21.26
N PRO B 359 -22.86 -19.67 20.53
CA PRO B 359 -21.73 -18.96 21.18
C PRO B 359 -22.18 -17.99 22.23
N ALA B 360 -23.42 -17.50 22.19
CA ALA B 360 -23.87 -16.57 23.23
C ALA B 360 -24.14 -17.26 24.55
N SER B 361 -24.14 -18.59 24.60
CA SER B 361 -24.48 -19.32 25.83
C SER B 361 -23.19 -19.65 26.60
N PHE B 362 -23.15 -19.28 27.88
CA PHE B 362 -22.06 -19.69 28.76
C PHE B 362 -22.28 -21.16 29.12
N ASP B 363 -21.44 -22.06 28.60
CA ASP B 363 -21.73 -23.48 28.75
C ASP B 363 -20.45 -24.27 28.87
N PRO B 364 -20.00 -24.53 30.11
CA PRO B 364 -18.77 -25.29 30.30
C PRO B 364 -18.82 -26.72 29.74
N GLU B 365 -20.01 -27.25 29.44
CA GLU B 365 -20.08 -28.57 28.83
C GLU B 365 -19.29 -28.62 27.53
N ARG B 366 -19.13 -27.48 26.83
CA ARG B 366 -18.38 -27.57 25.59
C ARG B 366 -16.90 -27.93 25.81
N PHE B 367 -16.36 -27.80 27.05
CA PHE B 367 -14.99 -28.19 27.33
C PHE B 367 -14.85 -29.45 28.19
N MET B 368 -15.97 -30.09 28.55
CA MET B 368 -15.87 -31.25 29.45
C MET B 368 -15.14 -32.44 28.82
N ALA B 369 -15.10 -32.53 27.49
CA ALA B 369 -14.33 -33.62 26.88
C ALA B 369 -12.83 -33.36 26.88
N TYR B 370 -12.38 -32.17 27.24
CA TYR B 370 -10.96 -31.84 27.22
C TYR B 370 -10.41 -31.91 28.64
N GLU B 371 -9.24 -32.51 28.78
CA GLU B 371 -8.66 -32.68 30.10
C GLU B 371 -7.52 -31.72 30.39
N THR B 372 -6.80 -31.27 29.36
CA THR B 372 -5.59 -30.47 29.56
C THR B 372 -5.62 -29.28 28.61
N GLN B 373 -4.83 -28.27 28.94
CA GLN B 373 -4.67 -27.13 28.04
C GLN B 373 -4.08 -27.56 26.69
N SER B 374 -3.15 -28.52 26.71
CA SER B 374 -2.62 -29.04 25.45
C SER B 374 -3.73 -29.57 24.55
N GLU B 375 -4.70 -30.32 25.12
CA GLU B 375 -5.82 -30.77 24.29
C GLU B 375 -6.67 -29.60 23.78
N ALA B 376 -6.86 -28.58 24.60
CA ALA B 376 -7.65 -27.42 24.19
C ALA B 376 -6.97 -26.65 23.05
N GLU B 377 -5.65 -26.76 22.89
CA GLU B 377 -4.99 -26.14 21.74
C GLU B 377 -5.44 -26.67 20.41
N THR B 378 -6.04 -27.87 20.36
CA THR B 378 -6.52 -28.39 19.09
C THR B 378 -7.80 -27.72 18.64
N ILE B 379 -8.39 -26.88 19.48
CA ILE B 379 -9.62 -26.18 19.12
C ILE B 379 -9.22 -24.90 18.39
N LYS B 380 -9.37 -24.90 17.08
CA LYS B 380 -8.77 -23.81 16.30
C LYS B 380 -9.32 -22.43 16.64
N PRO B 381 -10.63 -22.19 16.76
CA PRO B 381 -11.10 -20.85 17.11
C PRO B 381 -11.00 -20.50 18.60
N PHE B 382 -10.46 -21.37 19.43
CA PHE B 382 -10.36 -21.07 20.87
C PHE B 382 -9.03 -20.32 21.05
N ILE B 383 -9.08 -19.00 20.86
CA ILE B 383 -7.86 -18.18 20.85
C ILE B 383 -7.89 -17.04 21.87
N PRO B 384 -8.35 -17.25 23.11
CA PRO B 384 -8.35 -16.14 24.07
C PRO B 384 -6.96 -15.55 24.32
N GLN B 385 -5.91 -16.31 24.05
CA GLN B 385 -4.55 -15.82 24.21
C GLN B 385 -3.75 -16.10 22.94
N GLY B 386 -4.40 -16.07 21.78
CA GLY B 386 -3.73 -16.24 20.49
C GLY B 386 -3.96 -17.62 19.92
N GLY B 387 -3.62 -17.75 18.62
CA GLY B 387 -3.76 -19.01 17.91
C GLY B 387 -2.48 -19.52 17.23
N ALA B 388 -2.63 -20.55 16.41
CA ALA B 388 -1.49 -21.29 15.79
C ALA B 388 -0.59 -21.81 16.92
N ASP B 389 0.73 -21.78 16.74
CA ASP B 389 1.65 -22.57 17.54
C ASP B 389 2.46 -21.70 18.50
N VAL B 390 2.67 -22.22 19.71
CA VAL B 390 3.36 -21.42 20.74
C VAL B 390 4.83 -21.19 20.39
N ARG B 391 5.55 -22.26 20.03
CA ARG B 391 6.99 -22.11 19.86
C ARG B 391 7.37 -21.49 18.52
N THR B 392 6.60 -21.74 17.46
CA THR B 392 6.99 -21.21 16.16
C THR B 392 6.34 -19.88 15.85
N GLY B 393 5.36 -19.44 16.65
CA GLY B 393 4.71 -18.17 16.36
C GLY B 393 4.63 -17.29 17.59
N HIS B 394 3.75 -16.28 17.57
CA HIS B 394 3.65 -15.33 18.67
C HIS B 394 2.60 -15.72 19.72
N ARG B 395 1.94 -16.86 19.57
CA ARG B 395 0.93 -17.26 20.55
C ARG B 395 1.48 -17.24 21.98
N CYS B 396 0.61 -16.87 22.90
CA CYS B 396 0.94 -16.84 24.33
C CYS B 396 1.55 -18.16 24.81
N PRO B 397 2.71 -18.13 25.45
CA PRO B 397 3.30 -19.33 26.06
C PRO B 397 2.81 -19.58 27.48
N GLY B 398 1.91 -18.76 27.99
CA GLY B 398 1.50 -18.81 29.37
C GLY B 398 0.10 -19.35 29.62
N GLU B 399 -0.53 -19.99 28.64
CA GLU B 399 -1.90 -20.46 28.83
C GLU B 399 -1.97 -21.58 29.87
N LYS B 400 -0.92 -22.39 30.00
CA LYS B 400 -0.99 -23.43 31.03
C LYS B 400 -0.91 -22.82 32.41
N ILE B 401 -0.05 -21.81 32.57
CA ILE B 401 0.00 -21.02 33.81
C ILE B 401 -1.32 -20.32 34.08
N ALA B 402 -1.90 -19.67 33.06
CA ALA B 402 -3.16 -18.94 33.25
C ALA B 402 -4.28 -19.88 33.68
N VAL B 403 -4.43 -21.01 33.02
CA VAL B 403 -5.53 -21.94 33.32
C VAL B 403 -5.31 -22.59 34.68
N THR B 404 -4.05 -22.78 35.04
CA THR B 404 -3.76 -23.30 36.38
C THR B 404 -4.18 -22.30 37.44
N ALA B 405 -3.83 -21.02 37.28
CA ALA B 405 -4.25 -20.01 38.25
C ALA B 405 -5.76 -19.84 38.25
N LEU B 406 -6.37 -19.80 37.06
CA LEU B 406 -7.80 -19.55 37.00
C LEU B 406 -8.62 -20.72 37.58
N SER B 407 -8.20 -21.95 37.31
CA SER B 407 -8.85 -23.12 37.91
C SER B 407 -8.74 -23.10 39.43
N ALA B 408 -7.55 -22.73 39.94
CA ALA B 408 -7.42 -22.63 41.39
C ALA B 408 -8.38 -21.59 41.96
N ALA B 409 -8.57 -20.47 41.24
CA ALA B 409 -9.51 -19.46 41.72
C ALA B 409 -10.95 -19.97 41.64
N VAL B 410 -11.28 -20.67 40.56
CA VAL B 410 -12.64 -21.19 40.42
C VAL B 410 -12.97 -22.14 41.57
N GLU B 411 -12.05 -23.05 41.89
CA GLU B 411 -12.33 -23.99 42.99
C GLU B 411 -12.54 -23.27 44.32
N ALA B 412 -11.71 -22.28 44.62
CA ALA B 412 -11.85 -21.53 45.88
C ALA B 412 -13.10 -20.64 45.90
N LEU B 413 -13.40 -19.95 44.79
CA LEU B 413 -14.57 -19.08 44.79
C LEU B 413 -15.88 -19.87 44.88
N ALA B 414 -15.92 -21.09 44.36
CA ALA B 414 -17.12 -21.90 44.31
C ALA B 414 -17.58 -22.33 45.70
N ARG B 415 -16.68 -22.40 46.67
CA ARG B 415 -17.04 -22.96 47.98
C ARG B 415 -18.22 -22.22 48.58
N PRO B 416 -19.14 -22.94 49.25
CA PRO B 416 -20.42 -22.30 49.62
C PRO B 416 -20.28 -21.21 50.64
N GLU B 417 -19.19 -21.16 51.42
CA GLU B 417 -19.04 -20.06 52.36
C GLU B 417 -18.67 -18.73 51.70
N VAL B 418 -18.25 -18.75 50.43
CA VAL B 418 -17.94 -17.53 49.69
C VAL B 418 -19.24 -16.90 49.23
N ARG B 419 -19.49 -15.67 49.68
CA ARG B 419 -20.73 -14.97 49.34
C ARG B 419 -20.37 -13.86 48.36
N ILE B 420 -20.76 -14.06 47.10
CA ILE B 420 -20.41 -13.18 45.99
C ILE B 420 -21.52 -12.14 45.85
N SER B 421 -21.16 -10.87 45.93
CA SER B 421 -22.19 -9.84 45.85
C SER B 421 -22.92 -9.91 44.51
N ALA B 422 -24.24 -9.70 44.53
CA ALA B 422 -25.03 -9.71 43.30
C ALA B 422 -25.53 -8.31 42.91
N GLU B 423 -24.98 -7.26 43.52
CA GLU B 423 -25.44 -5.92 43.16
C GLU B 423 -24.90 -5.55 41.78
N ALA B 424 -25.54 -4.55 41.18
CA ALA B 424 -25.32 -4.29 39.77
C ALA B 424 -23.87 -3.92 39.46
N ILE B 425 -23.23 -3.13 40.32
CA ILE B 425 -21.83 -2.78 40.10
C ILE B 425 -20.89 -3.96 40.28
N ASP B 426 -21.35 -5.08 40.88
CA ASP B 426 -20.50 -6.26 41.03
C ASP B 426 -20.63 -7.25 39.88
N ILE B 427 -21.76 -7.27 39.19
CA ILE B 427 -22.09 -8.32 38.23
C ILE B 427 -21.98 -7.83 36.79
N ASN B 428 -22.24 -6.56 36.53
CA ASN B 428 -22.23 -6.04 35.17
C ASN B 428 -20.87 -5.47 34.80
N TYR B 429 -20.61 -5.44 33.48
CA TYR B 429 -19.33 -4.92 33.01
C TYR B 429 -19.57 -4.19 31.69
N SER B 430 -18.80 -3.14 31.49
CA SER B 430 -18.87 -2.40 30.23
C SER B 430 -18.07 -3.09 29.13
N MET B 431 -18.60 -3.04 27.92
CA MET B 431 -17.88 -3.53 26.76
C MET B 431 -17.08 -2.42 26.08
N THR B 432 -17.17 -1.17 26.54
CA THR B 432 -16.60 -0.09 25.76
C THR B 432 -15.28 0.45 26.33
N GLU B 433 -14.73 -0.20 27.35
N GLU B 433 -14.75 -0.20 27.36
CA GLU B 433 -13.48 0.19 27.98
CA GLU B 433 -13.50 0.16 28.02
C GLU B 433 -12.58 -1.03 28.11
C GLU B 433 -12.60 -1.06 27.99
N ILE B 434 -11.30 -0.85 27.77
CA ILE B 434 -10.31 -1.92 27.74
C ILE B 434 -9.34 -1.64 28.91
N LEU B 435 -9.04 -2.66 29.72
CA LEU B 435 -9.63 -4.00 29.78
C LEU B 435 -10.98 -3.93 30.50
N ALA B 436 -11.81 -4.95 30.31
CA ALA B 436 -13.13 -5.00 30.91
C ALA B 436 -13.07 -5.69 32.25
N ARG B 437 -13.85 -5.16 33.22
CA ARG B 437 -14.14 -5.92 34.44
C ARG B 437 -15.33 -5.27 35.12
N PRO B 438 -16.04 -6.00 35.98
CA PRO B 438 -17.02 -5.34 36.84
C PRO B 438 -16.39 -4.16 37.56
N LYS B 439 -17.10 -3.02 37.57
CA LYS B 439 -16.58 -1.77 38.11
C LYS B 439 -16.12 -1.93 39.55
N SER B 440 -16.81 -2.73 40.33
CA SER B 440 -16.40 -2.81 41.71
C SER B 440 -15.23 -3.75 41.93
N GLY B 441 -14.86 -4.53 40.91
CA GLY B 441 -13.90 -5.63 41.13
C GLY B 441 -14.50 -6.93 41.65
N VAL B 442 -15.82 -6.93 41.93
CA VAL B 442 -16.61 -8.02 42.48
C VAL B 442 -16.36 -8.14 43.99
N ARG B 443 -17.27 -7.61 44.79
CA ARG B 443 -17.10 -7.67 46.23
C ARG B 443 -17.51 -9.06 46.73
N VAL B 444 -16.78 -9.57 47.72
CA VAL B 444 -17.02 -10.90 48.28
C VAL B 444 -16.80 -10.82 49.78
N THR B 445 -17.41 -11.75 50.49
CA THR B 445 -17.04 -12.00 51.88
C THR B 445 -17.11 -13.49 52.14
N VAL B 446 -16.45 -13.97 53.18
CA VAL B 446 -16.53 -15.39 53.53
C VAL B 446 -17.24 -15.48 54.86
N ALA B 447 -18.34 -16.22 54.88
CA ALA B 447 -19.09 -16.42 56.10
C ALA B 447 -18.18 -16.98 57.19
N SER B 448 -18.25 -16.37 58.37
CA SER B 448 -17.48 -16.80 59.53
C SER B 448 -18.41 -16.90 60.73
N SER B 449 -18.20 -17.91 61.56
CA SER B 449 -18.99 -18.02 62.78
C SER B 449 -18.39 -17.05 63.82
N ASN C 29 -3.10 21.00 -44.49
CA ASN C 29 -2.91 19.82 -43.62
C ASN C 29 -3.27 20.13 -42.18
N PRO C 30 -4.52 19.85 -41.80
CA PRO C 30 -5.04 20.36 -40.51
C PRO C 30 -4.24 19.81 -39.33
N ARG C 31 -3.78 20.72 -38.48
CA ARG C 31 -2.93 20.34 -37.37
C ARG C 31 -3.37 21.12 -36.13
N VAL C 32 -3.20 20.49 -34.97
CA VAL C 32 -3.34 21.14 -33.68
C VAL C 32 -1.95 21.15 -33.06
N SER C 33 -1.46 22.33 -32.72
CA SER C 33 -0.06 22.46 -32.30
C SER C 33 0.14 21.93 -30.88
N GLY C 34 1.38 21.48 -30.61
CA GLY C 34 1.75 21.06 -29.27
C GLY C 34 1.43 19.60 -28.98
N ASP C 35 1.74 19.19 -27.77
CA ASP C 35 1.47 17.82 -27.33
C ASP C 35 0.15 17.79 -26.56
N ARG C 36 -0.81 17.01 -27.08
CA ARG C 36 -2.16 16.99 -26.56
C ARG C 36 -2.46 15.72 -25.76
N THR C 37 -1.42 15.04 -25.26
CA THR C 37 -1.64 13.78 -24.55
C THR C 37 -2.57 13.96 -23.35
N ILE C 38 -2.42 15.05 -22.59
CA ILE C 38 -3.23 15.19 -21.38
C ILE C 38 -4.70 15.38 -21.73
N GLN C 39 -4.99 15.85 -22.94
CA GLN C 39 -6.37 15.99 -23.38
C GLN C 39 -7.08 14.65 -23.51
N PHE C 40 -6.35 13.53 -23.55
CA PHE C 40 -7.03 12.22 -23.57
C PHE C 40 -7.79 11.95 -22.28
N LEU C 41 -7.15 12.20 -21.13
CA LEU C 41 -7.86 12.04 -19.87
C LEU C 41 -8.94 13.10 -19.68
N THR C 42 -8.70 14.33 -20.13
CA THR C 42 -9.68 15.35 -19.84
C THR C 42 -10.86 15.32 -20.82
N ASP C 43 -10.65 14.84 -22.06
CA ASP C 43 -11.72 14.89 -23.06
C ASP C 43 -12.39 13.55 -23.32
N GLY C 44 -11.66 12.45 -23.14
CA GLY C 44 -12.24 11.12 -23.33
C GLY C 44 -12.79 10.97 -24.74
N TYR C 45 -14.06 10.55 -24.82
CA TYR C 45 -14.70 10.36 -26.13
C TYR C 45 -14.84 11.67 -26.92
N LEU C 46 -14.71 12.83 -26.26
CA LEU C 46 -14.83 14.11 -26.97
C LEU C 46 -13.54 14.52 -27.65
N LEU C 47 -12.45 13.79 -27.46
CA LEU C 47 -11.15 14.24 -27.95
C LEU C 47 -11.14 14.43 -29.47
N PRO C 48 -11.60 13.48 -30.30
CA PRO C 48 -11.48 13.70 -31.75
C PRO C 48 -12.30 14.88 -32.23
N SER C 49 -13.55 15.05 -31.75
CA SER C 49 -14.30 16.20 -32.28
C SER C 49 -13.74 17.51 -31.74
N ASN C 50 -13.13 17.49 -30.55
CA ASN C 50 -12.49 18.72 -30.07
C ASN C 50 -11.28 19.08 -30.91
N LEU C 51 -10.47 18.08 -31.27
CA LEU C 51 -9.29 18.37 -32.10
C LEU C 51 -9.69 18.85 -33.50
N ARG C 52 -10.66 18.20 -34.15
CA ARG C 52 -11.12 18.69 -35.44
C ARG C 52 -11.58 20.15 -35.34
N LYS C 53 -12.30 20.47 -34.26
CA LYS C 53 -12.76 21.84 -34.07
C LYS C 53 -11.58 22.79 -33.93
N THR C 54 -10.64 22.45 -33.04
CA THR C 54 -9.49 23.31 -32.79
C THR C 54 -8.65 23.48 -34.06
N ALA C 55 -8.59 22.45 -34.90
CA ALA C 55 -7.84 22.53 -36.14
C ALA C 55 -8.50 23.43 -37.19
N GLY C 56 -9.72 23.91 -36.94
CA GLY C 56 -10.42 24.75 -37.91
C GLY C 56 -11.25 24.01 -38.93
N LEU C 57 -11.43 22.71 -38.78
CA LEU C 57 -12.27 21.96 -39.69
C LEU C 57 -13.76 22.25 -39.43
N GLU C 58 -14.55 22.18 -40.48
CA GLU C 58 -15.98 22.34 -40.30
C GLU C 58 -16.58 21.07 -39.69
N PRO C 59 -17.70 21.21 -38.97
CA PRO C 59 -18.40 20.01 -38.50
C PRO C 59 -18.65 19.08 -39.66
N GLU C 60 -18.54 17.78 -39.38
CA GLU C 60 -18.74 16.69 -40.33
C GLU C 60 -17.64 16.56 -41.37
N SER C 61 -16.57 17.35 -41.28
CA SER C 61 -15.43 17.17 -42.18
C SER C 61 -14.88 15.75 -42.12
N MET C 62 -14.52 15.20 -43.28
CA MET C 62 -13.81 13.92 -43.36
C MET C 62 -12.30 14.10 -43.50
N CYS C 63 -11.79 15.31 -43.34
CA CYS C 63 -10.34 15.53 -43.39
C CYS C 63 -9.65 15.00 -42.13
N PRO C 64 -8.43 14.50 -42.26
CA PRO C 64 -7.67 14.11 -41.07
C PRO C 64 -7.24 15.32 -40.27
N VAL C 65 -6.96 15.10 -38.98
CA VAL C 65 -6.36 16.10 -38.12
C VAL C 65 -5.14 15.49 -37.43
N THR C 66 -4.04 16.23 -37.40
CA THR C 66 -2.77 15.73 -36.87
C THR C 66 -2.39 16.55 -35.64
N THR C 67 -1.92 15.87 -34.62
CA THR C 67 -1.36 16.55 -33.45
C THR C 67 -0.25 15.68 -32.91
N LYS C 68 0.25 16.01 -31.72
CA LYS C 68 1.24 15.15 -31.06
C LYS C 68 0.60 14.45 -29.87
N LEU C 69 0.80 13.13 -29.81
CA LEU C 69 0.34 12.30 -28.70
C LEU C 69 1.49 11.40 -28.30
N LEU C 70 1.78 11.32 -27.00
CA LEU C 70 2.85 10.47 -26.49
C LEU C 70 4.19 10.80 -27.14
N GLY C 71 4.42 12.09 -27.42
CA GLY C 71 5.67 12.55 -28.01
C GLY C 71 5.83 12.38 -29.50
N GLN C 72 4.89 11.75 -30.19
CA GLN C 72 5.02 11.55 -31.64
C GLN C 72 3.77 12.02 -32.36
N ASP C 73 3.89 12.18 -33.68
CA ASP C 73 2.75 12.62 -34.47
C ASP C 73 1.65 11.57 -34.44
N ALA C 74 0.41 12.04 -34.44
CA ALA C 74 -0.72 11.13 -34.55
C ALA C 74 -1.75 11.80 -35.43
N THR C 75 -2.22 11.08 -36.43
CA THR C 75 -3.23 11.60 -37.32
C THR C 75 -4.52 10.85 -37.06
N ILE C 76 -5.61 11.58 -36.85
CA ILE C 76 -6.91 11.00 -36.48
C ILE C 76 -7.79 11.02 -37.72
N VAL C 77 -8.33 9.84 -38.10
CA VAL C 77 -9.13 9.73 -39.29
C VAL C 77 -10.47 9.07 -38.91
N ARG C 78 -11.44 9.20 -39.78
CA ARG C 78 -12.74 8.55 -39.51
C ARG C 78 -13.47 8.39 -40.84
N GLY C 79 -14.57 7.63 -40.79
CA GLY C 79 -15.33 7.32 -42.00
C GLY C 79 -14.75 6.17 -42.83
N SER C 80 -15.42 5.88 -43.95
CA SER C 80 -15.05 4.73 -44.78
C SER C 80 -13.60 4.82 -45.25
N ALA C 81 -13.17 5.99 -45.69
CA ALA C 81 -11.80 6.14 -46.18
C ALA C 81 -10.78 5.95 -45.05
N GLY C 82 -11.10 6.41 -43.84
CA GLY C 82 -10.20 6.18 -42.71
C GLY C 82 -10.13 4.72 -42.31
N ILE C 83 -11.26 4.02 -42.41
CA ILE C 83 -11.28 2.58 -42.19
C ILE C 83 -10.36 1.89 -43.19
N ASP C 84 -10.42 2.28 -44.46
CA ASP C 84 -9.58 1.60 -45.46
C ASP C 84 -8.08 1.82 -45.16
N LEU C 85 -7.71 3.03 -44.76
CA LEU C 85 -6.33 3.29 -44.38
C LEU C 85 -5.93 2.48 -43.15
N PHE C 86 -6.75 2.56 -42.10
CA PHE C 86 -6.42 1.95 -40.81
C PHE C 86 -6.18 0.45 -40.95
N TYR C 87 -6.94 -0.23 -41.82
CA TYR C 87 -6.88 -1.68 -41.94
C TYR C 87 -6.05 -2.11 -43.14
N ASP C 88 -5.30 -1.20 -43.74
CA ASP C 88 -4.38 -1.59 -44.81
C ASP C 88 -3.08 -2.08 -44.16
N GLU C 89 -2.92 -3.39 -44.07
CA GLU C 89 -1.73 -3.90 -43.38
C GLU C 89 -0.45 -3.78 -44.23
N ASP C 90 -0.54 -3.30 -45.47
CA ASP C 90 0.67 -2.93 -46.22
C ASP C 90 1.27 -1.63 -45.72
N VAL C 91 0.52 -0.81 -45.00
CA VAL C 91 1.08 0.44 -44.49
C VAL C 91 0.88 0.64 -42.99
N MET C 92 0.10 -0.22 -42.33
CA MET C 92 -0.17 -0.06 -40.89
C MET C 92 0.28 -1.31 -40.13
N GLN C 93 0.86 -1.11 -38.95
CA GLN C 93 1.16 -2.20 -38.03
C GLN C 93 0.56 -1.88 -36.68
N ARG C 94 0.44 -2.91 -35.81
CA ARG C 94 -0.09 -2.68 -34.47
C ARG C 94 0.96 -2.74 -33.35
N GLU C 95 2.10 -3.39 -33.59
CA GLU C 95 3.09 -3.48 -32.50
C GLU C 95 3.53 -2.09 -32.07
N GLY C 96 3.44 -1.83 -30.76
CA GLY C 96 3.80 -0.56 -30.20
C GLY C 96 2.79 0.58 -30.38
N ALA C 97 1.65 0.34 -31.04
CA ALA C 97 0.69 1.44 -31.26
C ALA C 97 -0.09 1.79 -30.00
N MET C 98 -0.57 0.79 -29.29
CA MET C 98 -1.32 1.03 -28.06
C MET C 98 -0.34 1.31 -26.91
N PRO C 99 -0.52 2.40 -26.18
CA PRO C 99 0.33 2.65 -25.00
C PRO C 99 0.18 1.56 -23.96
N PRO C 100 1.30 1.00 -23.48
CA PRO C 100 1.24 -0.14 -22.55
C PRO C 100 0.43 0.10 -21.29
N VAL C 101 0.33 1.35 -20.82
CA VAL C 101 -0.42 1.58 -19.59
C VAL C 101 -1.90 1.25 -19.79
N ILE C 102 -2.39 1.29 -21.04
CA ILE C 102 -3.72 0.82 -21.39
C ILE C 102 -3.65 -0.65 -21.79
N GLY C 103 -2.83 -0.95 -22.78
CA GLY C 103 -2.86 -2.27 -23.40
C GLY C 103 -2.48 -3.37 -22.43
N ASP C 104 -1.39 -3.17 -21.66
CA ASP C 104 -0.94 -4.22 -20.74
C ASP C 104 -2.00 -4.54 -19.69
N ALA C 105 -2.82 -3.55 -19.31
CA ALA C 105 -3.88 -3.83 -18.36
C ALA C 105 -5.07 -4.49 -19.05
N LEU C 106 -5.52 -3.91 -20.17
CA LEU C 106 -6.77 -4.35 -20.79
C LEU C 106 -6.62 -5.74 -21.43
N VAL C 107 -5.60 -5.96 -22.26
CA VAL C 107 -5.48 -7.20 -23.03
C VAL C 107 -4.28 -8.04 -22.64
N GLY C 108 -3.32 -7.49 -21.89
CA GLY C 108 -2.18 -8.21 -21.36
C GLY C 108 -1.01 -8.27 -22.32
N LYS C 109 0.16 -8.61 -21.78
CA LYS C 109 1.38 -8.62 -22.58
C LYS C 109 1.38 -9.77 -23.60
N GLY C 110 1.96 -9.52 -24.77
CA GLY C 110 2.03 -10.56 -25.79
C GLY C 110 0.73 -10.98 -26.43
N ALA C 111 -0.37 -10.26 -26.20
CA ALA C 111 -1.68 -10.60 -26.75
C ALA C 111 -1.73 -10.39 -28.26
N VAL C 112 -2.69 -11.07 -28.89
CA VAL C 112 -2.88 -11.03 -30.34
C VAL C 112 -2.98 -9.59 -30.87
N HIS C 113 -3.50 -8.67 -30.06
CA HIS C 113 -3.68 -7.28 -30.49
C HIS C 113 -2.37 -6.62 -30.91
N ASN C 114 -1.28 -7.02 -30.29
CA ASN C 114 0.01 -6.37 -30.52
C ASN C 114 0.79 -7.00 -31.66
N LEU C 115 0.26 -8.05 -32.30
CA LEU C 115 1.02 -8.86 -33.25
C LEU C 115 0.82 -8.38 -34.68
N ASP C 116 1.86 -8.57 -35.51
CA ASP C 116 1.78 -8.26 -36.91
C ASP C 116 2.17 -9.47 -37.75
N GLY C 117 1.91 -9.37 -39.04
CA GLY C 117 2.34 -10.31 -40.06
C GLY C 117 1.80 -11.71 -39.84
N GLU C 118 2.65 -12.68 -40.18
CA GLU C 118 2.23 -14.08 -40.08
C GLU C 118 2.02 -14.52 -38.64
N GLU C 119 2.84 -14.03 -37.70
CA GLU C 119 2.56 -14.41 -36.31
C GLU C 119 1.16 -13.95 -35.89
N HIS C 120 0.71 -12.81 -36.39
CA HIS C 120 -0.65 -12.39 -36.08
C HIS C 120 -1.68 -13.28 -36.76
N LYS C 121 -1.48 -13.53 -38.06
CA LYS C 121 -2.42 -14.38 -38.81
C LYS C 121 -2.62 -15.72 -38.12
N VAL C 122 -1.53 -16.36 -37.69
CA VAL C 122 -1.63 -17.68 -37.08
C VAL C 122 -2.33 -17.61 -35.72
N ARG C 123 -2.02 -16.61 -34.91
CA ARG C 123 -2.67 -16.48 -33.61
C ARG C 123 -4.14 -16.14 -33.77
N LYS C 124 -4.45 -15.20 -34.67
CA LYS C 124 -5.84 -14.78 -34.88
C LYS C 124 -6.71 -15.93 -35.40
N ALA C 125 -6.14 -16.80 -36.27
CA ALA C 125 -6.92 -17.91 -36.79
C ALA C 125 -7.34 -18.85 -35.67
N GLN C 126 -6.45 -19.08 -34.70
CA GLN C 126 -6.82 -19.94 -33.59
C GLN C 126 -7.82 -19.28 -32.65
N MET C 127 -7.80 -17.96 -32.53
CA MET C 127 -8.78 -17.32 -31.64
C MET C 127 -10.12 -17.11 -32.33
N ALA C 128 -10.11 -16.77 -33.64
CA ALA C 128 -11.36 -16.69 -34.40
C ALA C 128 -12.03 -18.04 -34.48
N ALA C 129 -11.26 -19.12 -34.61
CA ALA C 129 -11.87 -20.45 -34.63
C ALA C 129 -12.74 -20.68 -33.39
N MET C 130 -12.38 -20.06 -32.25
CA MET C 130 -13.16 -20.24 -31.02
C MET C 130 -14.37 -19.28 -30.94
N ALA C 131 -14.17 -17.98 -31.19
CA ALA C 131 -15.23 -17.01 -30.94
C ALA C 131 -16.14 -16.77 -32.14
N TYR C 132 -15.64 -17.00 -33.35
CA TYR C 132 -16.33 -16.51 -34.55
C TYR C 132 -17.05 -17.62 -35.31
N GLU C 133 -16.83 -18.90 -34.99
CA GLU C 133 -17.52 -19.98 -35.69
C GLU C 133 -18.97 -20.11 -35.24
N ASP C 134 -19.88 -20.15 -36.21
CA ASP C 134 -21.32 -20.15 -35.90
C ASP C 134 -21.70 -21.27 -34.96
N GLU C 135 -21.06 -22.44 -35.07
CA GLU C 135 -21.40 -23.54 -34.20
C GLU C 135 -21.02 -23.24 -32.75
N ARG C 136 -19.94 -22.50 -32.54
CA ARG C 136 -19.55 -22.22 -31.18
C ARG C 136 -20.39 -21.10 -30.58
N VAL C 137 -20.81 -20.15 -31.43
CA VAL C 137 -21.74 -19.11 -30.97
C VAL C 137 -23.06 -19.73 -30.58
N ALA C 138 -23.51 -20.73 -31.33
CA ALA C 138 -24.74 -21.42 -30.95
C ALA C 138 -24.61 -22.15 -29.60
N GLU C 139 -23.41 -22.60 -29.24
CA GLU C 139 -23.27 -23.18 -27.90
C GLU C 139 -23.39 -22.10 -26.82
N PHE C 140 -22.95 -20.89 -27.13
CA PHE C 140 -23.00 -19.80 -26.15
C PHE C 140 -24.43 -19.32 -25.92
N ALA C 141 -25.23 -19.26 -26.99
CA ALA C 141 -26.58 -18.72 -26.93
C ALA C 141 -27.45 -19.26 -25.78
N PRO C 142 -27.66 -20.58 -25.59
CA PRO C 142 -28.49 -21.00 -24.46
C PRO C 142 -27.86 -20.70 -23.12
N LEU C 143 -26.54 -20.70 -23.03
CA LEU C 143 -25.87 -20.45 -21.75
C LEU C 143 -26.07 -19.01 -21.31
N VAL C 144 -25.87 -18.04 -22.22
CA VAL C 144 -26.07 -16.65 -21.80
C VAL C 144 -27.54 -16.37 -21.52
N ALA C 145 -28.47 -16.99 -22.26
CA ALA C 145 -29.88 -16.76 -21.94
C ALA C 145 -30.21 -17.27 -20.54
N GLU C 146 -29.67 -18.43 -20.18
CA GLU C 146 -29.90 -19.01 -18.85
C GLU C 146 -29.35 -18.10 -17.75
N GLU C 147 -28.12 -17.59 -17.93
CA GLU C 147 -27.51 -16.77 -16.88
C GLU C 147 -28.19 -15.41 -16.78
N VAL C 148 -28.64 -14.86 -17.90
CA VAL C 148 -29.40 -13.62 -17.87
C VAL C 148 -30.70 -13.84 -17.13
N GLU C 149 -31.37 -14.97 -17.38
CA GLU C 149 -32.61 -15.24 -16.68
C GLU C 149 -32.39 -15.35 -15.17
N ARG C 150 -31.27 -15.93 -14.75
CA ARG C 150 -31.00 -16.03 -13.31
C ARG C 150 -30.78 -14.66 -12.67
N ALA C 151 -30.03 -13.78 -13.35
CA ALA C 151 -29.86 -12.41 -12.86
C ALA C 151 -31.20 -11.70 -12.70
N VAL C 152 -32.05 -11.77 -13.72
CA VAL C 152 -33.33 -11.07 -13.66
C VAL C 152 -34.23 -11.66 -12.59
N ALA C 153 -34.24 -12.99 -12.45
CA ALA C 153 -34.96 -13.62 -11.34
C ALA C 153 -34.51 -13.06 -9.99
N GLY C 154 -33.21 -12.78 -9.84
CA GLY C 154 -32.67 -12.24 -8.61
C GLY C 154 -33.11 -10.83 -8.28
N TRP C 155 -33.71 -10.13 -9.25
CA TRP C 155 -34.24 -8.78 -9.07
C TRP C 155 -35.64 -8.76 -8.47
N GLU C 156 -36.34 -9.88 -8.41
CA GLU C 156 -37.72 -9.86 -7.96
C GLU C 156 -37.80 -9.40 -6.51
N GLY C 157 -38.50 -8.29 -6.30
CA GLY C 157 -38.58 -7.71 -4.96
C GLY C 157 -37.26 -7.30 -4.37
N ALA C 158 -36.26 -7.00 -5.19
CA ALA C 158 -34.94 -6.64 -4.71
C ALA C 158 -34.36 -5.53 -5.58
N GLN C 159 -33.28 -4.92 -5.12
CA GLN C 159 -32.63 -3.84 -5.85
C GLN C 159 -31.52 -4.44 -6.71
N GLY C 160 -31.71 -4.42 -8.03
CA GLY C 160 -30.70 -4.92 -8.95
C GLY C 160 -29.89 -3.80 -9.61
N ASN C 161 -28.89 -4.22 -10.37
CA ASN C 161 -27.96 -3.29 -11.02
C ASN C 161 -27.65 -3.90 -12.38
N VAL C 162 -28.05 -3.23 -13.47
CA VAL C 162 -27.87 -3.81 -14.79
C VAL C 162 -26.39 -4.06 -15.07
N PHE C 163 -25.54 -3.04 -14.86
CA PHE C 163 -24.11 -3.21 -15.12
C PHE C 163 -23.51 -4.38 -14.32
N GLU C 164 -23.65 -4.34 -12.99
CA GLU C 164 -22.98 -5.34 -12.16
C GLU C 164 -23.54 -6.74 -12.41
N ASP C 165 -24.86 -6.85 -12.46
CA ASP C 165 -25.51 -8.16 -12.43
C ASP C 165 -25.47 -8.82 -13.81
N LEU C 166 -25.63 -8.04 -14.88
CA LEU C 166 -25.52 -8.62 -16.22
C LEU C 166 -24.07 -8.85 -16.63
N SER C 167 -23.11 -8.02 -16.21
CA SER C 167 -21.71 -8.39 -16.44
C SER C 167 -21.39 -9.74 -15.78
N LEU C 168 -21.87 -9.94 -14.56
CA LEU C 168 -21.65 -11.21 -13.88
C LEU C 168 -22.33 -12.36 -14.64
N ALA C 169 -23.57 -12.15 -15.09
CA ALA C 169 -24.27 -13.16 -15.91
C ALA C 169 -23.47 -13.48 -17.18
N PHE C 170 -22.94 -12.46 -17.85
CA PHE C 170 -22.14 -12.70 -19.05
C PHE C 170 -20.86 -13.48 -18.73
N GLY C 171 -20.19 -13.16 -17.61
CA GLY C 171 -18.98 -13.88 -17.26
C GLY C 171 -19.24 -15.34 -16.91
N ARG C 172 -20.31 -15.60 -16.14
CA ARG C 172 -20.69 -16.98 -15.85
C ARG C 172 -20.92 -17.76 -17.13
N ALA C 173 -21.65 -17.16 -18.07
CA ALA C 173 -21.89 -17.83 -19.34
C ALA C 173 -20.60 -18.05 -20.11
N ALA C 174 -19.73 -17.03 -20.14
CA ALA C 174 -18.45 -17.17 -20.84
C ALA C 174 -17.60 -18.31 -20.28
N PHE C 175 -17.52 -18.42 -18.94
CA PHE C 175 -16.68 -19.46 -18.36
C PHE C 175 -17.20 -20.85 -18.70
N ARG C 176 -18.51 -21.03 -18.53
CA ARG C 176 -19.15 -22.30 -18.89
C ARG C 176 -18.95 -22.61 -20.36
N TRP C 177 -19.18 -21.62 -21.22
CA TRP C 177 -18.99 -21.80 -22.65
C TRP C 177 -17.56 -22.23 -22.98
N ALA C 178 -16.56 -21.60 -22.34
CA ALA C 178 -15.16 -21.90 -22.65
C ALA C 178 -14.66 -23.21 -22.08
N GLY C 179 -15.44 -23.87 -21.22
CA GLY C 179 -14.98 -25.08 -20.56
C GLY C 179 -14.12 -24.88 -19.34
N ILE C 180 -14.14 -23.69 -18.74
CA ILE C 180 -13.48 -23.40 -17.46
C ILE C 180 -14.42 -23.89 -16.37
N ASP C 181 -14.17 -25.08 -15.84
CA ASP C 181 -15.05 -25.69 -14.85
C ASP C 181 -14.48 -25.44 -13.46
N LEU C 182 -15.10 -24.53 -12.70
CA LEU C 182 -14.67 -24.18 -11.36
C LEU C 182 -15.89 -24.12 -10.46
N PRO C 183 -15.70 -24.18 -9.14
CA PRO C 183 -16.84 -23.96 -8.23
C PRO C 183 -17.46 -22.59 -8.45
N ALA C 184 -18.74 -22.48 -8.06
CA ALA C 184 -19.50 -21.27 -8.33
C ALA C 184 -18.81 -20.04 -7.76
N GLU C 185 -18.37 -20.13 -6.50
CA GLU C 185 -17.78 -18.97 -5.84
C GLU C 185 -16.49 -18.54 -6.54
N ASN C 186 -15.68 -19.51 -6.99
CA ASN C 186 -14.43 -19.17 -7.65
C ASN C 186 -14.70 -18.46 -8.96
N THR C 187 -15.69 -18.94 -9.72
CA THR C 187 -16.06 -18.30 -10.97
C THR C 187 -16.53 -16.88 -10.75
N ASP C 188 -17.43 -16.67 -9.78
CA ASP C 188 -17.92 -15.32 -9.50
C ASP C 188 -16.78 -14.40 -9.10
N GLU C 189 -15.80 -14.92 -8.35
CA GLU C 189 -14.70 -14.07 -7.92
C GLU C 189 -13.82 -13.63 -9.09
N LEU C 190 -13.49 -14.56 -9.99
CA LEU C 190 -12.68 -14.25 -11.16
C LEU C 190 -13.41 -13.31 -12.11
N VAL C 191 -14.71 -13.55 -12.35
CA VAL C 191 -15.49 -12.60 -13.16
C VAL C 191 -15.50 -11.22 -12.52
N GLY C 192 -15.62 -11.20 -11.19
CA GLY C 192 -15.54 -9.94 -10.45
C GLY C 192 -14.23 -9.20 -10.65
N ARG C 193 -13.10 -9.93 -10.72
CA ARG C 193 -11.82 -9.28 -11.05
C ARG C 193 -11.84 -8.69 -12.45
N MET C 194 -12.43 -9.42 -13.40
CA MET C 194 -12.53 -8.88 -14.76
C MET C 194 -13.38 -7.61 -14.78
N ILE C 195 -14.48 -7.56 -14.03
CA ILE C 195 -15.31 -6.36 -13.99
C ILE C 195 -14.52 -5.19 -13.41
N THR C 196 -13.84 -5.43 -12.29
CA THR C 196 -13.01 -4.39 -11.70
C THR C 196 -11.98 -3.90 -12.70
N LEU C 197 -11.32 -4.84 -13.40
CA LEU C 197 -10.33 -4.44 -14.38
C LEU C 197 -10.97 -3.55 -15.44
N LEU C 198 -12.09 -4.01 -16.01
CA LEU C 198 -12.73 -3.28 -17.09
C LEU C 198 -13.24 -1.92 -16.62
N ASP C 199 -13.62 -1.80 -15.35
CA ASP C 199 -14.19 -0.56 -14.85
C ASP C 199 -13.12 0.45 -14.47
N ASN C 200 -11.84 0.08 -14.53
CA ASN C 200 -10.80 0.95 -13.99
C ASN C 200 -9.62 1.21 -14.91
N PHE C 201 -9.38 0.40 -15.94
CA PHE C 201 -8.16 0.54 -16.74
C PHE C 201 -8.05 1.89 -17.46
N GLY C 202 -9.15 2.61 -17.64
CA GLY C 202 -9.06 3.77 -18.53
C GLY C 202 -8.73 5.11 -17.90
N THR C 203 -8.49 5.17 -16.59
CA THR C 203 -8.38 6.43 -15.88
C THR C 203 -7.09 6.49 -15.07
N ALA C 204 -6.66 7.72 -14.75
CA ALA C 204 -5.47 7.88 -13.93
C ALA C 204 -5.67 7.30 -12.54
N THR C 205 -6.85 7.50 -11.96
CA THR C 205 -7.05 7.05 -10.59
C THR C 205 -7.30 5.55 -10.51
N GLY C 206 -7.86 4.93 -11.55
CA GLY C 206 -8.19 3.51 -11.52
C GLY C 206 -7.12 2.58 -12.03
N THR C 207 -6.14 3.08 -12.77
CA THR C 207 -5.15 2.19 -13.38
C THR C 207 -4.46 1.29 -12.36
N PRO C 208 -4.09 1.74 -11.17
CA PRO C 208 -3.49 0.77 -10.21
C PRO C 208 -4.37 -0.44 -9.92
N LYS C 209 -5.67 -0.24 -9.67
CA LYS C 209 -6.56 -1.38 -9.43
C LYS C 209 -6.63 -2.30 -10.63
N ALA C 210 -6.61 -1.72 -11.83
CA ALA C 210 -6.69 -2.53 -13.03
C ALA C 210 -5.47 -3.43 -13.14
N PHE C 211 -4.27 -2.89 -12.86
CA PHE C 211 -3.09 -3.71 -12.96
C PHE C 211 -3.01 -4.73 -11.83
N TRP C 212 -3.53 -4.40 -10.64
CA TRP C 212 -3.63 -5.41 -9.57
C TRP C 212 -4.41 -6.62 -10.05
N GLN C 213 -5.56 -6.40 -10.66
CA GLN C 213 -6.38 -7.51 -11.13
C GLN C 213 -5.74 -8.21 -12.33
N ARG C 214 -5.14 -7.46 -13.24
CA ARG C 214 -4.47 -8.12 -14.36
C ARG C 214 -3.40 -9.08 -13.87
N ARG C 215 -2.59 -8.68 -12.89
CA ARG C 215 -1.57 -9.58 -12.37
C ARG C 215 -2.20 -10.86 -11.80
N GLN C 216 -3.27 -10.72 -10.99
CA GLN C 216 -3.87 -11.88 -10.36
C GLN C 216 -4.53 -12.78 -11.40
N LEU C 217 -5.22 -12.19 -12.37
CA LEU C 217 -5.85 -12.97 -13.43
C LEU C 217 -4.82 -13.71 -14.28
N ASP C 218 -3.70 -13.04 -14.64
CA ASP C 218 -2.65 -13.69 -15.41
C ASP C 218 -2.06 -14.89 -14.64
N ASN C 219 -1.81 -14.70 -13.35
CA ASN C 219 -1.33 -15.80 -12.51
C ASN C 219 -2.31 -16.98 -12.50
N TRP C 220 -3.59 -16.69 -12.26
CA TRP C 220 -4.63 -17.70 -12.31
C TRP C 220 -4.66 -18.41 -13.65
N ALA C 221 -4.69 -17.65 -14.75
CA ALA C 221 -4.84 -18.26 -16.06
C ALA C 221 -3.61 -19.08 -16.43
N GLU C 222 -2.41 -18.58 -16.11
CA GLU C 222 -1.20 -19.35 -16.38
C GLU C 222 -1.23 -20.68 -15.64
N ALA C 223 -1.64 -20.66 -14.37
CA ALA C 223 -1.70 -21.90 -13.60
C ALA C 223 -2.70 -22.87 -14.22
N LEU C 224 -3.84 -22.36 -14.70
CA LEU C 224 -4.84 -23.24 -15.30
C LEU C 224 -4.32 -23.87 -16.60
N ILE C 225 -3.74 -23.07 -17.50
CA ILE C 225 -3.18 -23.64 -18.73
C ILE C 225 -2.12 -24.68 -18.40
N THR C 226 -1.24 -24.38 -17.44
CA THR C 226 -0.21 -25.33 -17.02
C THR C 226 -0.84 -26.61 -16.50
N ASP C 227 -1.87 -26.50 -15.66
CA ASP C 227 -2.56 -27.66 -15.12
C ASP C 227 -3.16 -28.53 -16.22
N VAL C 228 -3.61 -27.93 -17.33
CA VAL C 228 -4.14 -28.73 -18.42
C VAL C 228 -3.00 -29.38 -19.22
N ARG C 229 -1.93 -28.63 -19.46
CA ARG C 229 -0.80 -29.18 -20.21
C ARG C 229 -0.13 -30.31 -19.45
N GLU C 230 -0.17 -30.29 -18.13
CA GLU C 230 0.50 -31.30 -17.31
C GLU C 230 -0.42 -32.43 -16.89
N GLY C 231 -1.67 -32.42 -17.34
CA GLY C 231 -2.60 -33.48 -17.06
C GLY C 231 -3.34 -33.39 -15.74
N ARG C 232 -3.05 -32.39 -14.90
CA ARG C 232 -3.73 -32.33 -13.60
C ARG C 232 -5.20 -31.92 -13.72
N ILE C 233 -5.57 -31.21 -14.80
CA ILE C 233 -6.95 -30.85 -15.11
C ILE C 233 -7.23 -31.36 -16.51
N THR C 234 -8.38 -32.00 -16.70
CA THR C 234 -8.78 -32.49 -18.01
C THR C 234 -9.83 -31.52 -18.56
N ALA C 235 -9.47 -30.78 -19.60
CA ALA C 235 -10.44 -29.93 -20.27
C ALA C 235 -11.39 -30.77 -21.12
N ARG C 236 -12.65 -30.36 -21.19
CA ARG C 236 -13.61 -30.93 -22.13
C ARG C 236 -12.98 -31.01 -23.52
N PRO C 237 -13.08 -32.13 -24.21
CA PRO C 237 -12.49 -32.20 -25.56
C PRO C 237 -13.16 -31.18 -26.47
N ASP C 238 -12.32 -30.49 -27.25
CA ASP C 238 -12.69 -29.49 -28.25
C ASP C 238 -13.13 -28.15 -27.66
N CYS C 239 -13.03 -27.96 -26.34
CA CYS C 239 -13.49 -26.70 -25.76
C CYS C 239 -12.43 -25.61 -25.90
N VAL C 240 -12.84 -24.36 -25.65
CA VAL C 240 -11.94 -23.22 -25.79
C VAL C 240 -10.68 -23.40 -24.95
N LEU C 241 -10.86 -23.82 -23.69
CA LEU C 241 -9.74 -24.02 -22.79
C LEU C 241 -8.72 -25.00 -23.37
N GLU C 242 -9.19 -26.12 -23.90
CA GLU C 242 -8.29 -27.07 -24.52
C GLU C 242 -7.55 -26.43 -25.68
N HIS C 243 -8.26 -25.69 -26.55
CA HIS C 243 -7.61 -25.08 -27.69
C HIS C 243 -6.63 -23.98 -27.27
N MET C 244 -6.86 -23.32 -26.13
CA MET C 244 -5.86 -22.35 -25.69
C MET C 244 -4.66 -23.06 -25.08
N ALA C 245 -4.88 -24.15 -24.35
CA ALA C 245 -3.74 -24.95 -23.89
C ALA C 245 -2.92 -25.48 -25.06
N GLN C 246 -3.54 -25.67 -26.24
CA GLN C 246 -2.84 -26.11 -27.44
C GLN C 246 -2.41 -24.97 -28.35
N LEU C 247 -2.43 -23.73 -27.85
CA LEU C 247 -2.07 -22.59 -28.69
C LEU C 247 -0.63 -22.71 -29.18
N THR C 248 -0.44 -22.55 -30.50
CA THR C 248 0.87 -22.66 -31.15
C THR C 248 1.17 -21.42 -31.97
N ASP C 249 2.45 -21.21 -32.28
CA ASP C 249 2.89 -20.08 -33.06
C ASP C 249 3.15 -20.50 -34.50
N ALA C 250 3.63 -19.54 -35.30
CA ALA C 250 3.83 -19.76 -36.73
C ALA C 250 4.83 -20.88 -37.01
N SER C 251 5.71 -21.19 -36.06
CA SER C 251 6.66 -22.29 -36.17
C SER C 251 6.09 -23.63 -35.75
N GLY C 252 4.81 -23.68 -35.37
CA GLY C 252 4.22 -24.90 -34.87
C GLY C 252 4.50 -25.22 -33.42
N GLU C 253 5.31 -24.41 -32.72
CA GLU C 253 5.62 -24.67 -31.33
C GLU C 253 4.57 -24.08 -30.39
N ARG C 254 4.42 -24.70 -29.23
CA ARG C 254 3.43 -24.26 -28.25
C ARG C 254 3.81 -22.90 -27.68
N VAL C 255 2.80 -22.02 -27.58
CA VAL C 255 2.98 -20.71 -26.96
C VAL C 255 3.14 -20.89 -25.45
N ASP C 256 3.95 -20.03 -24.85
CA ASP C 256 4.19 -20.16 -23.41
C ASP C 256 2.89 -20.04 -22.64
N ALA C 257 2.86 -20.68 -21.46
CA ALA C 257 1.61 -20.84 -20.73
C ALA C 257 1.00 -19.49 -20.30
N ARG C 258 1.84 -18.53 -19.92
CA ARG C 258 1.26 -17.25 -19.49
C ARG C 258 0.58 -16.54 -20.65
N THR C 259 1.19 -16.55 -21.83
CA THR C 259 0.56 -15.97 -23.02
C THR C 259 -0.71 -16.71 -23.39
N ALA C 260 -0.68 -18.05 -23.34
CA ALA C 260 -1.90 -18.80 -23.62
C ALA C 260 -2.99 -18.48 -22.60
N GLY C 261 -2.61 -18.24 -21.35
CA GLY C 261 -3.59 -17.83 -20.35
C GLY C 261 -4.14 -16.43 -20.62
N ILE C 262 -3.27 -15.53 -21.09
CA ILE C 262 -3.72 -14.21 -21.52
C ILE C 262 -4.74 -14.32 -22.66
N GLU C 263 -4.49 -15.21 -23.63
CA GLU C 263 -5.46 -15.35 -24.73
C GLU C 263 -6.76 -16.03 -24.29
N LEU C 264 -6.71 -16.94 -23.30
CA LEU C 264 -7.94 -17.44 -22.71
C LEU C 264 -8.77 -16.30 -22.11
N GLN C 265 -8.12 -15.37 -21.40
CA GLN C 265 -8.85 -14.21 -20.91
C GLN C 265 -9.38 -13.33 -22.04
N ASN C 266 -8.67 -13.27 -23.17
CA ASN C 266 -9.12 -12.47 -24.31
C ASN C 266 -10.29 -13.13 -25.02
N LEU C 267 -10.72 -14.31 -24.58
CA LEU C 267 -11.93 -14.96 -25.09
C LEU C 267 -13.02 -15.07 -24.04
N THR C 268 -12.85 -14.40 -22.89
CA THR C 268 -13.82 -14.44 -21.80
C THR C 268 -14.08 -13.06 -21.20
N ARG C 269 -13.02 -12.32 -20.85
CA ARG C 269 -13.19 -10.95 -20.36
C ARG C 269 -13.98 -10.07 -21.32
N PRO C 270 -13.79 -10.12 -22.64
CA PRO C 270 -14.60 -9.23 -23.49
C PRO C 270 -16.07 -9.56 -23.48
N THR C 271 -16.44 -10.81 -23.17
CA THR C 271 -17.85 -11.13 -23.00
C THR C 271 -18.41 -10.44 -21.76
N VAL C 272 -17.64 -10.43 -20.66
CA VAL C 272 -18.02 -9.66 -19.48
C VAL C 272 -18.26 -8.18 -19.87
N ALA C 273 -17.40 -7.65 -20.73
CA ALA C 273 -17.47 -6.23 -21.11
C ALA C 273 -18.77 -5.90 -21.86
N VAL C 274 -19.50 -6.90 -22.36
CA VAL C 274 -20.81 -6.55 -22.93
C VAL C 274 -21.72 -5.91 -21.88
N GLY C 275 -21.40 -6.06 -20.58
CA GLY C 275 -22.20 -5.41 -19.56
C GLY C 275 -22.29 -3.91 -19.73
N PHE C 276 -21.27 -3.27 -20.29
CA PHE C 276 -21.39 -1.83 -20.61
C PHE C 276 -22.51 -1.56 -21.62
N PHE C 277 -22.54 -2.31 -22.71
CA PHE C 277 -23.65 -2.16 -23.67
C PHE C 277 -24.99 -2.53 -23.04
N ALA C 278 -25.02 -3.55 -22.16
CA ALA C 278 -26.26 -3.91 -21.50
C ALA C 278 -26.80 -2.76 -20.63
N SER C 279 -25.90 -2.06 -19.91
CA SER C 279 -26.31 -0.86 -19.17
C SER C 279 -26.92 0.18 -20.10
N PHE C 280 -26.24 0.46 -21.21
CA PHE C 280 -26.81 1.42 -22.16
C PHE C 280 -28.14 0.92 -22.74
N ALA C 281 -28.27 -0.40 -22.97
CA ALA C 281 -29.53 -0.88 -23.53
C ALA C 281 -30.67 -0.65 -22.55
N ALA C 282 -30.42 -0.73 -21.23
CA ALA C 282 -31.48 -0.47 -20.26
C ALA C 282 -31.90 0.99 -20.32
N VAL C 283 -30.94 1.92 -20.45
CA VAL C 283 -31.26 3.33 -20.63
C VAL C 283 -32.12 3.50 -21.88
N ALA C 284 -31.69 2.89 -22.97
CA ALA C 284 -32.39 3.03 -24.25
C ALA C 284 -33.82 2.49 -24.16
N LEU C 285 -34.03 1.40 -23.42
CA LEU C 285 -35.39 0.87 -23.29
C LEU C 285 -36.26 1.80 -22.47
N ALA C 286 -35.69 2.43 -21.43
CA ALA C 286 -36.42 3.44 -20.67
C ALA C 286 -36.76 4.63 -21.55
N GLU C 287 -35.87 4.97 -22.48
CA GLU C 287 -36.08 6.12 -23.33
C GLU C 287 -36.94 5.82 -24.55
N ASN C 288 -37.18 4.55 -24.86
CA ASN C 288 -37.86 4.16 -26.10
C ASN C 288 -38.96 3.17 -25.79
N PRO C 289 -40.02 3.61 -25.11
CA PRO C 289 -41.04 2.66 -24.65
C PRO C 289 -41.76 1.95 -25.79
N GLN C 290 -41.94 2.58 -26.96
CA GLN C 290 -42.62 1.87 -28.06
C GLN C 290 -41.77 0.72 -28.60
N TRP C 291 -40.45 0.91 -28.69
CA TRP C 291 -39.58 -0.22 -29.06
C TRP C 291 -39.65 -1.31 -28.03
N ARG C 292 -39.71 -0.93 -26.76
CA ARG C 292 -39.83 -1.91 -25.71
C ARG C 292 -41.06 -2.79 -25.91
N THR C 293 -42.20 -2.18 -26.26
CA THR C 293 -43.40 -2.96 -26.52
C THR C 293 -43.27 -3.86 -27.75
N ARG C 294 -42.70 -3.33 -28.83
CA ARG C 294 -42.46 -4.16 -30.02
C ARG C 294 -41.58 -5.35 -29.71
N ILE C 295 -40.59 -5.18 -28.83
CA ILE C 295 -39.72 -6.30 -28.51
C ILE C 295 -40.49 -7.35 -27.71
N ASN C 296 -41.32 -6.90 -26.77
CA ASN C 296 -42.08 -7.82 -25.92
C ASN C 296 -43.08 -8.63 -26.73
N GLU C 297 -43.67 -8.02 -27.75
CA GLU C 297 -44.71 -8.71 -28.49
C GLU C 297 -44.15 -9.59 -29.60
N SER C 298 -42.85 -9.50 -29.88
CA SER C 298 -42.27 -10.17 -31.04
C SER C 298 -42.11 -11.67 -30.79
N GLU C 299 -42.31 -12.46 -31.84
CA GLU C 299 -41.92 -13.86 -31.79
C GLU C 299 -40.72 -14.16 -32.69
N THR C 300 -40.06 -13.15 -33.23
CA THR C 300 -39.00 -13.38 -34.19
C THR C 300 -37.61 -13.05 -33.68
N GLY C 301 -37.49 -12.25 -32.64
CA GLY C 301 -36.19 -11.78 -32.21
C GLY C 301 -35.60 -10.68 -33.08
N ARG C 302 -36.26 -10.30 -34.19
CA ARG C 302 -35.66 -9.30 -35.08
C ARG C 302 -35.55 -7.94 -34.42
N GLU C 303 -36.61 -7.51 -33.70
CA GLU C 303 -36.59 -6.19 -33.08
C GLU C 303 -35.52 -6.12 -31.99
N ALA C 304 -35.39 -7.18 -31.21
CA ALA C 304 -34.32 -7.22 -30.18
C ALA C 304 -32.95 -7.14 -30.82
N PHE C 305 -32.76 -7.90 -31.91
CA PHE C 305 -31.50 -7.83 -32.67
C PHE C 305 -31.22 -6.41 -33.15
N ALA C 306 -32.22 -5.79 -33.78
CA ALA C 306 -32.02 -4.46 -34.34
C ALA C 306 -31.76 -3.45 -33.23
N PHE C 307 -32.43 -3.62 -32.11
CA PHE C 307 -32.26 -2.70 -30.98
C PHE C 307 -30.86 -2.85 -30.39
N ALA C 308 -30.42 -4.10 -30.27
CA ALA C 308 -29.07 -4.36 -29.78
C ALA C 308 -28.03 -3.75 -30.71
N GLN C 309 -28.22 -3.85 -32.02
CA GLN C 309 -27.25 -3.28 -32.96
C GLN C 309 -27.23 -1.76 -32.86
N GLU C 310 -28.39 -1.14 -32.66
CA GLU C 310 -28.38 0.31 -32.58
C GLU C 310 -27.87 0.82 -31.23
N VAL C 311 -27.91 0.01 -30.20
CA VAL C 311 -27.16 0.33 -28.98
C VAL C 311 -25.66 0.38 -29.27
N ARG C 312 -25.15 -0.64 -29.99
CA ARG C 312 -23.72 -0.64 -30.31
C ARG C 312 -23.36 0.50 -31.25
N ARG C 313 -24.27 0.87 -32.15
CA ARG C 313 -23.94 2.02 -32.99
C ARG C 313 -23.94 3.31 -32.19
N PHE C 314 -24.90 3.46 -31.30
CA PHE C 314 -25.20 4.81 -30.81
C PHE C 314 -24.37 5.20 -29.60
N TYR C 315 -24.18 4.25 -28.64
CA TYR C 315 -23.60 4.60 -27.35
C TYR C 315 -22.07 4.45 -27.41
N PRO C 316 -21.36 5.25 -26.62
CA PRO C 316 -19.90 5.24 -26.69
C PRO C 316 -19.35 4.02 -25.95
N PHE C 317 -18.38 3.35 -26.58
CA PHE C 317 -17.67 2.26 -25.90
C PHE C 317 -16.20 2.35 -26.30
N VAL C 318 -15.86 1.99 -27.53
CA VAL C 318 -14.49 2.21 -28.01
C VAL C 318 -14.41 3.68 -28.44
N PRO C 319 -13.54 4.48 -27.87
CA PRO C 319 -13.46 5.88 -28.32
C PRO C 319 -12.78 6.00 -29.68
N MET C 320 -11.66 5.29 -29.77
CA MET C 320 -10.72 5.40 -30.88
C MET C 320 -9.75 4.24 -30.73
N PHE C 321 -8.94 3.99 -31.78
CA PHE C 321 -8.01 2.85 -31.69
C PHE C 321 -6.77 3.19 -32.50
N PRO C 322 -5.55 2.72 -32.05
CA PRO C 322 -4.32 3.15 -32.73
C PRO C 322 -3.64 2.05 -33.55
N ALA C 323 -2.94 2.50 -34.59
CA ALA C 323 -1.98 1.74 -35.36
C ALA C 323 -0.78 2.64 -35.63
N LYS C 324 0.30 2.06 -36.20
CA LYS C 324 1.48 2.83 -36.59
C LYS C 324 1.79 2.62 -38.07
N ALA C 325 2.16 3.71 -38.75
CA ALA C 325 2.54 3.65 -40.15
C ALA C 325 3.86 2.89 -40.30
N THR C 326 3.90 1.93 -41.23
CA THR C 326 5.13 1.19 -41.53
C THR C 326 5.96 1.82 -42.65
N LYS C 327 5.40 2.76 -43.40
CA LYS C 327 6.11 3.46 -44.45
C LYS C 327 5.44 4.82 -44.60
N ASP C 328 6.15 5.75 -45.23
CA ASP C 328 5.53 7.00 -45.60
C ASP C 328 4.36 6.72 -46.54
N THR C 329 3.26 7.42 -46.31
CA THR C 329 2.10 7.24 -47.16
C THR C 329 1.30 8.53 -47.14
N GLU C 330 0.17 8.53 -47.82
CA GLU C 330 -0.64 9.73 -47.95
C GLU C 330 -2.09 9.38 -47.73
N PHE C 331 -2.81 10.25 -47.02
CA PHE C 331 -4.25 10.08 -46.82
C PHE C 331 -4.92 11.42 -47.13
N GLU C 332 -5.73 11.44 -48.19
CA GLU C 332 -6.49 12.62 -48.59
C GLU C 332 -5.60 13.87 -48.62
N GLY C 333 -4.43 13.73 -49.24
CA GLY C 333 -3.47 14.82 -49.37
C GLY C 333 -2.62 15.08 -48.15
N CYS C 334 -2.94 14.48 -47.01
CA CYS C 334 -2.13 14.66 -45.82
C CYS C 334 -0.95 13.69 -45.85
N PRO C 335 0.28 14.17 -45.59
CA PRO C 335 1.41 13.24 -45.49
C PRO C 335 1.34 12.43 -44.19
N ILE C 336 1.56 11.13 -44.29
CA ILE C 336 1.72 10.27 -43.12
C ILE C 336 3.15 9.74 -43.14
N HIS C 337 3.89 9.97 -42.06
N HIS C 337 3.93 9.99 -42.10
CA HIS C 337 5.29 9.58 -41.98
CA HIS C 337 5.32 9.57 -42.14
C HIS C 337 5.41 8.20 -41.36
C HIS C 337 5.52 8.30 -41.31
N GLN C 338 6.35 7.41 -41.86
CA GLN C 338 6.69 6.15 -41.20
C GLN C 338 6.95 6.36 -39.71
N GLY C 339 6.43 5.46 -38.88
CA GLY C 339 6.58 5.54 -37.45
C GLY C 339 5.51 6.33 -36.71
N GLN C 340 4.74 7.18 -37.40
CA GLN C 340 3.76 7.92 -36.61
C GLN C 340 2.52 7.04 -36.34
N ARG C 341 1.69 7.50 -35.39
CA ARG C 341 0.41 6.86 -35.16
C ARG C 341 -0.66 7.34 -36.13
N VAL C 342 -1.54 6.42 -36.52
CA VAL C 342 -2.79 6.73 -37.19
C VAL C 342 -3.87 6.21 -36.26
N ILE C 343 -4.84 7.06 -35.92
CA ILE C 343 -5.85 6.72 -34.93
C ILE C 343 -7.21 6.75 -35.62
N LEU C 344 -7.91 5.62 -35.63
CA LEU C 344 -9.26 5.58 -36.18
C LEU C 344 -10.24 6.03 -35.09
N ASP C 345 -10.98 7.12 -35.36
CA ASP C 345 -11.98 7.67 -34.46
C ASP C 345 -13.28 6.87 -34.60
N PHE C 346 -13.62 6.07 -33.57
CA PHE C 346 -14.77 5.16 -33.70
C PHE C 346 -16.07 5.93 -33.53
N VAL C 347 -16.14 6.79 -32.51
CA VAL C 347 -17.33 7.60 -32.27
C VAL C 347 -17.69 8.42 -33.51
N GLY C 348 -16.67 9.06 -34.10
CA GLY C 348 -16.95 9.91 -35.25
C GLY C 348 -17.25 9.13 -36.51
N THR C 349 -16.89 7.85 -36.57
CA THR C 349 -17.35 7.04 -37.71
C THR C 349 -18.79 6.58 -37.50
N LEU C 350 -19.09 6.13 -36.29
CA LEU C 350 -20.42 5.66 -35.91
C LEU C 350 -21.46 6.77 -35.92
N HIS C 351 -21.01 8.02 -35.79
CA HIS C 351 -21.93 9.16 -35.73
C HIS C 351 -21.74 10.14 -36.88
N SER C 352 -21.03 9.73 -37.93
CA SER C 352 -20.77 10.65 -39.03
C SER C 352 -22.04 10.90 -39.83
N ALA C 353 -22.32 12.18 -40.12
CA ALA C 353 -23.46 12.50 -40.96
C ALA C 353 -23.21 12.15 -42.42
N GLU C 354 -21.94 12.00 -42.82
CA GLU C 354 -21.67 11.54 -44.18
C GLU C 354 -22.00 10.06 -44.34
N GLU C 355 -21.94 9.28 -43.26
CA GLU C 355 -22.07 7.84 -43.40
C GLU C 355 -23.42 7.30 -42.96
N TRP C 356 -24.18 8.08 -42.17
CA TRP C 356 -25.46 7.66 -41.62
C TRP C 356 -26.50 8.75 -41.80
N ASP C 357 -27.77 8.35 -41.97
CA ASP C 357 -28.88 9.31 -41.92
C ASP C 357 -29.25 9.62 -40.47
N ASN C 358 -29.30 10.90 -40.12
CA ASN C 358 -29.68 11.35 -38.79
C ASN C 358 -28.90 10.59 -37.71
N PRO C 359 -27.56 10.66 -37.73
CA PRO C 359 -26.76 9.85 -36.79
C PRO C 359 -27.04 10.16 -35.34
N ALA C 360 -27.55 11.35 -35.00
CA ALA C 360 -27.82 11.64 -33.59
C ALA C 360 -29.10 10.98 -33.10
N SER C 361 -29.88 10.42 -34.00
CA SER C 361 -31.14 9.77 -33.64
C SER C 361 -30.89 8.30 -33.27
N PHE C 362 -31.42 7.86 -32.13
CA PHE C 362 -31.39 6.45 -31.77
C PHE C 362 -32.56 5.81 -32.50
N ASP C 363 -32.28 4.95 -33.47
CA ASP C 363 -33.34 4.46 -34.35
C ASP C 363 -33.04 3.03 -34.79
N PRO C 364 -33.59 2.05 -34.10
CA PRO C 364 -33.38 0.65 -34.49
C PRO C 364 -33.90 0.29 -35.88
N GLU C 365 -34.76 1.11 -36.50
CA GLU C 365 -35.16 0.79 -37.88
C GLU C 365 -33.98 0.66 -38.80
N ARG C 366 -32.88 1.38 -38.51
CA ARG C 366 -31.64 1.26 -39.30
C ARG C 366 -31.22 -0.18 -39.53
N PHE C 367 -31.48 -1.07 -38.57
CA PHE C 367 -30.99 -2.43 -38.65
C PHE C 367 -32.09 -3.45 -38.83
N MET C 368 -33.36 -3.01 -39.00
CA MET C 368 -34.45 -3.98 -39.06
C MET C 368 -34.41 -4.84 -40.31
N ALA C 369 -33.77 -4.37 -41.38
CA ALA C 369 -33.68 -5.18 -42.60
C ALA C 369 -32.60 -6.23 -42.51
N TYR C 370 -31.78 -6.22 -41.45
CA TYR C 370 -30.66 -7.15 -41.31
C TYR C 370 -31.05 -8.32 -40.42
N GLU C 371 -30.56 -9.52 -40.77
CA GLU C 371 -30.98 -10.72 -40.07
C GLU C 371 -29.93 -11.29 -39.13
N THR C 372 -28.64 -11.05 -39.39
CA THR C 372 -27.57 -11.69 -38.64
C THR C 372 -26.42 -10.71 -38.47
N GLN C 373 -25.51 -11.03 -37.54
CA GLN C 373 -24.32 -10.20 -37.39
C GLN C 373 -23.43 -10.32 -38.63
N SER C 374 -23.37 -11.52 -39.22
CA SER C 374 -22.62 -11.67 -40.46
C SER C 374 -23.11 -10.69 -41.54
N GLU C 375 -24.43 -10.51 -41.65
CA GLU C 375 -24.95 -9.55 -42.62
C GLU C 375 -24.66 -8.10 -42.20
N ALA C 376 -24.73 -7.79 -40.90
CA ALA C 376 -24.40 -6.43 -40.45
C ALA C 376 -22.95 -6.05 -40.73
N GLU C 377 -22.04 -7.03 -40.82
CA GLU C 377 -20.64 -6.75 -41.17
C GLU C 377 -20.51 -6.04 -42.49
N THR C 378 -21.47 -6.22 -43.40
CA THR C 378 -21.39 -5.54 -44.69
C THR C 378 -21.59 -4.03 -44.60
N ILE C 379 -22.02 -3.48 -43.47
CA ILE C 379 -22.19 -2.03 -43.36
C ILE C 379 -20.81 -1.47 -43.02
N LYS C 380 -20.18 -0.79 -43.98
CA LYS C 380 -18.77 -0.42 -43.83
C LYS C 380 -18.51 0.49 -42.63
N PRO C 381 -19.28 1.54 -42.36
CA PRO C 381 -19.00 2.38 -41.18
C PRO C 381 -19.54 1.83 -39.85
N PHE C 382 -20.17 0.66 -39.84
CA PHE C 382 -20.67 0.09 -38.58
C PHE C 382 -19.51 -0.68 -37.92
N ILE C 383 -18.69 0.07 -37.17
CA ILE C 383 -17.45 -0.49 -36.63
C ILE C 383 -17.35 -0.40 -35.10
N PRO C 384 -18.41 -0.68 -34.33
CA PRO C 384 -18.27 -0.58 -32.86
C PRO C 384 -17.17 -1.48 -32.32
N GLN C 385 -16.82 -2.56 -33.04
CA GLN C 385 -15.76 -3.45 -32.58
C GLN C 385 -14.73 -3.63 -33.69
N GLY C 386 -14.56 -2.63 -34.53
CA GLY C 386 -13.57 -2.65 -35.58
C GLY C 386 -14.17 -2.86 -36.96
N GLY C 387 -13.33 -2.64 -37.98
CA GLY C 387 -13.77 -2.72 -39.35
C GLY C 387 -12.98 -3.70 -40.20
N ALA C 388 -13.27 -3.74 -41.50
CA ALA C 388 -12.60 -4.64 -42.45
C ALA C 388 -12.88 -6.09 -42.03
N ASP C 389 -11.93 -7.01 -42.22
CA ASP C 389 -12.20 -8.45 -42.17
C ASP C 389 -11.68 -9.10 -40.88
N VAL C 390 -12.52 -9.97 -40.30
CA VAL C 390 -12.18 -10.61 -39.03
C VAL C 390 -10.95 -11.50 -39.16
N ARG C 391 -10.91 -12.36 -40.18
CA ARG C 391 -9.85 -13.35 -40.21
C ARG C 391 -8.54 -12.79 -40.74
N THR C 392 -8.59 -11.88 -41.72
CA THR C 392 -7.36 -11.37 -42.31
C THR C 392 -6.83 -10.12 -41.64
N GLY C 393 -7.59 -9.52 -40.71
CA GLY C 393 -7.10 -8.31 -40.06
C GLY C 393 -7.32 -8.35 -38.57
N HIS C 394 -7.36 -7.20 -37.90
CA HIS C 394 -7.42 -7.16 -36.45
C HIS C 394 -8.84 -6.98 -35.90
N ARG C 395 -9.86 -6.91 -36.76
CA ARG C 395 -11.23 -6.74 -36.28
C ARG C 395 -11.60 -7.78 -35.23
N CYS C 396 -12.42 -7.34 -34.26
CA CYS C 396 -12.98 -8.19 -33.23
C CYS C 396 -13.54 -9.48 -33.81
N PRO C 397 -13.12 -10.65 -33.30
CA PRO C 397 -13.79 -11.91 -33.68
C PRO C 397 -14.97 -12.24 -32.77
N GLY C 398 -15.31 -11.36 -31.82
CA GLY C 398 -16.30 -11.72 -30.83
C GLY C 398 -17.63 -11.02 -31.04
N GLU C 399 -17.85 -10.45 -32.23
CA GLU C 399 -19.08 -9.68 -32.43
C GLU C 399 -20.32 -10.58 -32.40
N LYS C 400 -20.24 -11.80 -32.94
CA LYS C 400 -21.42 -12.67 -32.85
C LYS C 400 -21.75 -13.02 -31.39
N ILE C 401 -20.71 -13.26 -30.59
CA ILE C 401 -20.92 -13.52 -29.17
C ILE C 401 -21.51 -12.29 -28.49
N ALA C 402 -20.91 -11.11 -28.73
CA ALA C 402 -21.38 -9.88 -28.11
C ALA C 402 -22.85 -9.61 -28.44
N VAL C 403 -23.22 -9.76 -29.72
CA VAL C 403 -24.60 -9.46 -30.10
C VAL C 403 -25.53 -10.52 -29.54
N THR C 404 -25.07 -11.77 -29.42
CA THR C 404 -25.90 -12.77 -28.78
C THR C 404 -26.15 -12.43 -27.33
N ALA C 405 -25.10 -12.04 -26.61
CA ALA C 405 -25.27 -11.68 -25.20
C ALA C 405 -26.13 -10.44 -25.06
N LEU C 406 -25.91 -9.42 -25.90
CA LEU C 406 -26.65 -8.17 -25.73
C LEU C 406 -28.12 -8.34 -26.10
N SER C 407 -28.39 -9.14 -27.15
CA SER C 407 -29.78 -9.46 -27.51
C SER C 407 -30.51 -10.16 -26.38
N ALA C 408 -29.84 -11.10 -25.72
CA ALA C 408 -30.49 -11.77 -24.59
C ALA C 408 -30.78 -10.79 -23.46
N ALA C 409 -29.88 -9.83 -23.22
CA ALA C 409 -30.16 -8.83 -22.19
C ALA C 409 -31.31 -7.92 -22.60
N VAL C 410 -31.34 -7.51 -23.88
CA VAL C 410 -32.43 -6.65 -24.35
C VAL C 410 -33.78 -7.33 -24.17
N GLU C 411 -33.86 -8.61 -24.56
CA GLU C 411 -35.14 -9.31 -24.42
C GLU C 411 -35.60 -9.36 -22.98
N ALA C 412 -34.67 -9.56 -22.05
CA ALA C 412 -35.05 -9.70 -20.64
C ALA C 412 -35.36 -8.34 -20.01
N LEU C 413 -34.57 -7.33 -20.35
CA LEU C 413 -34.81 -5.98 -19.78
C LEU C 413 -36.12 -5.42 -20.28
N ALA C 414 -36.56 -5.81 -21.47
CA ALA C 414 -37.74 -5.19 -22.04
C ALA C 414 -39.02 -5.63 -21.35
N ARG C 415 -39.01 -6.76 -20.68
CA ARG C 415 -40.24 -7.28 -20.10
C ARG C 415 -40.85 -6.26 -19.13
N PRO C 416 -42.18 -6.08 -19.15
CA PRO C 416 -42.78 -4.95 -18.39
C PRO C 416 -42.60 -5.04 -16.89
N GLU C 417 -42.29 -6.21 -16.33
CA GLU C 417 -42.07 -6.32 -14.89
C GLU C 417 -40.72 -5.74 -14.45
N VAL C 418 -39.81 -5.50 -15.39
CA VAL C 418 -38.55 -4.82 -15.10
C VAL C 418 -38.82 -3.32 -14.99
N ARG C 419 -38.57 -2.76 -13.82
CA ARG C 419 -38.77 -1.34 -13.57
C ARG C 419 -37.40 -0.67 -13.61
N ILE C 420 -37.16 0.13 -14.63
CA ILE C 420 -35.86 0.79 -14.81
C ILE C 420 -35.93 2.17 -14.17
N SER C 421 -34.98 2.44 -13.26
CA SER C 421 -34.92 3.73 -12.57
C SER C 421 -34.69 4.86 -13.57
N ALA C 422 -35.41 5.98 -13.40
CA ALA C 422 -35.30 7.13 -14.29
C ALA C 422 -34.52 8.28 -13.66
N GLU C 423 -33.88 8.05 -12.52
CA GLU C 423 -33.18 9.13 -11.86
C GLU C 423 -31.92 9.49 -12.62
N ALA C 424 -31.40 10.70 -12.37
CA ALA C 424 -30.35 11.22 -13.23
C ALA C 424 -29.10 10.36 -13.20
N ILE C 425 -28.73 9.82 -12.03
CA ILE C 425 -27.51 8.99 -12.01
C ILE C 425 -27.69 7.67 -12.74
N ASP C 426 -28.93 7.26 -12.98
CA ASP C 426 -29.20 6.01 -13.69
C ASP C 426 -29.25 6.18 -15.19
N ILE C 427 -29.60 7.37 -15.66
CA ILE C 427 -29.87 7.59 -17.07
C ILE C 427 -28.74 8.34 -17.78
N ASN C 428 -28.03 9.22 -17.08
CA ASN C 428 -27.07 10.02 -17.81
C ASN C 428 -25.69 9.38 -17.71
N TYR C 429 -24.82 9.71 -18.67
CA TYR C 429 -23.46 9.21 -18.66
C TYR C 429 -22.51 10.30 -19.12
N SER C 430 -21.30 10.26 -18.62
CA SER C 430 -20.25 11.20 -19.03
C SER C 430 -19.55 10.73 -20.30
N MET C 431 -19.16 11.69 -21.14
CA MET C 431 -18.35 11.40 -22.31
C MET C 431 -16.86 11.64 -22.07
N THR C 432 -16.47 12.08 -20.88
CA THR C 432 -15.08 12.46 -20.69
C THR C 432 -14.26 11.41 -19.94
N GLU C 433 -14.88 10.29 -19.54
CA GLU C 433 -14.20 9.18 -18.87
C GLU C 433 -14.38 7.90 -19.68
N ILE C 434 -13.32 7.11 -19.76
CA ILE C 434 -13.30 5.85 -20.49
C ILE C 434 -13.17 4.73 -19.46
N LEU C 435 -13.97 3.66 -19.60
CA LEU C 435 -15.13 3.42 -20.45
C LEU C 435 -16.31 4.18 -19.88
N ALA C 436 -17.28 4.47 -20.74
CA ALA C 436 -18.49 5.20 -20.33
C ALA C 436 -19.58 4.25 -19.84
N ARG C 437 -20.30 4.66 -18.81
CA ARG C 437 -21.55 4.02 -18.41
C ARG C 437 -22.28 4.94 -17.45
N PRO C 438 -23.59 4.77 -17.29
CA PRO C 438 -24.31 5.50 -16.24
C PRO C 438 -23.63 5.23 -14.91
N LYS C 439 -23.50 6.29 -14.10
CA LYS C 439 -22.65 6.19 -12.92
C LYS C 439 -23.17 5.16 -11.93
N SER C 440 -24.48 5.00 -11.86
CA SER C 440 -25.01 4.02 -10.91
C SER C 440 -24.91 2.60 -11.43
N GLY C 441 -24.63 2.40 -12.71
CA GLY C 441 -24.80 1.09 -13.33
C GLY C 441 -26.21 0.77 -13.79
N VAL C 442 -27.18 1.67 -13.54
CA VAL C 442 -28.61 1.56 -13.88
C VAL C 442 -29.31 0.64 -12.90
N ARG C 443 -30.04 1.22 -11.97
CA ARG C 443 -30.72 0.48 -10.92
C ARG C 443 -32.05 0.02 -11.46
N VAL C 444 -32.42 -1.22 -11.09
CA VAL C 444 -33.62 -1.88 -11.59
C VAL C 444 -34.23 -2.70 -10.46
N THR C 445 -35.51 -2.98 -10.60
CA THR C 445 -36.10 -3.99 -9.74
C THR C 445 -37.19 -4.70 -10.53
N VAL C 446 -37.62 -5.86 -10.03
CA VAL C 446 -38.71 -6.60 -10.67
C VAL C 446 -39.92 -6.70 -9.72
CHA HEM D . 14.40 11.22 -2.53
CHB HEM D . 18.55 13.72 -2.25
CHC HEM D . 16.58 17.28 -4.89
CHD HEM D . 12.33 15.04 -4.72
C1A HEM D . 15.70 11.55 -2.30
C2A HEM D . 16.67 10.72 -1.61
C3A HEM D . 17.79 11.41 -1.54
C4A HEM D . 17.62 12.69 -2.16
CMA HEM D . 19.11 10.93 -0.88
CAA HEM D . 16.41 9.28 -1.04
CBA HEM D . 16.72 8.20 -2.11
CGA HEM D . 16.31 6.85 -1.53
O1A HEM D . 16.90 5.83 -1.91
O2A HEM D . 15.35 6.77 -0.71
C1B HEM D . 18.34 14.94 -2.88
C2B HEM D . 19.28 16.06 -2.91
C3B HEM D . 18.73 17.04 -3.63
C4B HEM D . 17.42 16.59 -4.07
CMB HEM D . 20.66 16.01 -2.20
CAB HEM D . 19.24 18.44 -4.00
CBB HEM D . 19.90 19.22 -3.18
C1C HEM D . 15.29 16.94 -5.18
C2C HEM D . 14.39 17.65 -6.05
C3C HEM D . 13.20 17.03 -5.98
C4C HEM D . 13.34 15.92 -5.06
CMC HEM D . 14.81 18.90 -6.87
CAC HEM D . 11.88 17.35 -6.70
CBC HEM D . 11.63 18.47 -7.38
C1D HEM D . 12.51 13.84 -4.05
C2D HEM D . 11.45 12.92 -3.69
C3D HEM D . 12.02 11.86 -3.09
C4D HEM D . 13.46 12.08 -3.03
CMD HEM D . 9.92 13.13 -4.00
CAD HEM D . 11.35 10.59 -2.50
CBD HEM D . 11.39 9.47 -3.54
CGD HEM D . 10.92 8.13 -2.97
O1D HEM D . 11.05 7.84 -1.76
O2D HEM D . 10.41 7.31 -3.77
NA HEM D . 16.31 12.76 -2.62
NB HEM D . 17.23 15.32 -3.57
NC HEM D . 14.61 15.87 -4.60
ND HEM D . 13.70 13.28 -3.60
FE HEM D . 15.52 14.19 -3.81
C1 OLA E . 15.17 17.51 0.56
O1 OLA E . 14.96 18.70 0.91
O2 OLA E . 14.34 16.64 0.92
C2 OLA E . 16.37 17.14 -0.33
C3 OLA E . 17.62 17.41 0.47
C4 OLA E . 17.74 16.42 1.64
C5 OLA E . 18.43 15.10 1.31
C6 OLA E . 18.35 14.07 2.46
C7 OLA E . 19.37 14.35 3.56
C8 OLA E . 19.28 13.29 4.65
C9 OLA E . 19.99 13.82 5.86
C10 OLA E . 20.43 12.91 6.92
C11 OLA E . 20.10 11.44 6.83
C12 OLA E . 20.50 10.77 8.13
C13 OLA E . 20.26 9.27 8.03
C14 OLA E . 20.29 8.61 9.38
C15 OLA E . 20.26 7.11 9.18
C16 OLA E . 20.52 6.41 10.50
C17 OLA E . 19.26 5.88 11.15
C18 OLA E . 19.62 5.19 12.46
C1 PEG F . 18.93 15.84 17.04
O1 PEG F . 18.88 15.00 18.17
C2 PEG F . 18.44 15.15 15.80
O2 PEG F . 19.36 14.13 15.44
C3 PEG F . 19.00 12.84 15.93
C4 PEG F . 19.68 11.78 15.11
O4 PEG F . 19.69 10.52 15.77
C1 GOL G . -11.98 21.47 -7.78
O1 GOL G . -13.23 21.41 -8.43
C2 GOL G . -10.91 20.74 -8.67
O2 GOL G . -9.88 21.59 -9.05
C3 GOL G . -10.34 19.59 -7.83
O3 GOL G . -8.95 19.60 -8.05
C1 GOL H . 24.45 24.51 10.40
O1 GOL H . 23.29 23.81 10.86
C2 GOL H . 24.30 26.03 10.70
O2 GOL H . 23.67 26.67 9.66
C3 GOL H . 23.48 26.14 12.02
O3 GOL H . 23.14 27.48 12.16
C1 GOL I . 8.89 28.47 18.38
O1 GOL I . 10.20 28.00 18.61
C2 GOL I . 9.04 29.97 18.05
O2 GOL I . 9.34 30.71 19.19
C3 GOL I . 10.21 30.01 16.99
O3 GOL I . 10.27 31.32 16.48
CL CL J . 36.41 7.67 -12.37
C1 PGE K . 6.68 22.40 16.38
O1 PGE K . 6.59 23.59 17.15
C2 PGE K . 5.40 21.59 16.50
O2 PGE K . 5.59 20.31 15.92
C3 PGE K . 6.42 20.32 14.77
C4 PGE K . 5.69 19.88 13.51
O4 PGE K . 5.95 16.56 10.75
C6 PGE K . 6.13 16.85 12.12
C5 PGE K . 5.12 17.92 12.45
O3 PGE K . 5.41 18.52 13.67
CHA HEM L . 1.48 -13.21 24.28
CHB HEM L . -2.93 -12.98 26.28
CHC HEM L . -1.11 -14.74 30.43
CHD HEM L . 3.34 -14.53 28.60
C1A HEM L . 0.14 -13.05 24.44
C2A HEM L . -0.78 -12.59 23.41
C3A HEM L . -2.01 -12.51 23.97
C4A HEM L . -1.90 -12.94 25.37
CMA HEM L . -3.30 -12.08 23.28
CAA HEM L . -0.35 -12.24 21.96
CBA HEM L . -0.59 -13.43 21.00
CGA HEM L . -0.07 -13.06 19.62
O1A HEM L . -0.53 -13.67 18.61
O2A HEM L . 0.80 -12.13 19.53
C1B HEM L . -2.81 -13.35 27.60
C2B HEM L . -3.85 -13.29 28.62
C3B HEM L . -3.34 -13.76 29.77
C4B HEM L . -1.96 -14.14 29.51
CMB HEM L . -5.25 -12.73 28.35
CAB HEM L . -3.96 -13.93 31.18
CBB HEM L . -5.19 -13.61 31.54
C1C HEM L . 0.22 -14.97 30.26
C2C HEM L . 1.10 -15.62 31.20
C3C HEM L . 2.35 -15.55 30.69
C4C HEM L . 2.27 -14.85 29.42
CMC HEM L . 0.61 -16.27 32.52
CAC HEM L . 3.66 -16.11 31.26
CBC HEM L . 3.85 -16.48 32.56
C1D HEM L . 3.24 -14.06 27.29
C2D HEM L . 4.34 -13.76 26.39
C3D HEM L . 3.82 -13.39 25.21
C4D HEM L . 2.37 -13.47 25.32
CMD HEM L . 5.82 -13.81 26.78
CAD HEM L . 4.60 -12.97 23.93
CBD HEM L . 4.71 -14.20 23.01
CGD HEM L . 5.32 -13.83 21.66
O1D HEM L . 5.11 -12.67 21.22
O2D HEM L . 5.97 -14.68 20.97
NA HEM L . -0.58 -13.25 25.62
NB HEM L . -1.68 -13.86 28.19
NC HEM L . 0.97 -14.51 29.19
ND HEM L . 2.07 -13.86 26.60
FE HEM L . 0.15 -14.11 27.34
C1 OLA M . -0.15 -9.28 29.79
O1 OLA M . -0.05 -8.69 30.87
O2 OLA M . 0.70 -9.05 28.90
C2 OLA M . -1.31 -10.26 29.58
C3 OLA M . -2.59 -9.45 29.71
C4 OLA M . -2.73 -8.47 28.52
C5 OLA M . -3.31 -9.17 27.29
C6 OLA M . -3.17 -8.33 26.02
C7 OLA M . -4.28 -7.28 25.99
C8 OLA M . -4.27 -6.47 24.71
C9 OLA M . -4.97 -5.17 24.98
C10 OLA M . -5.45 -4.31 23.88
C11 OLA M . -4.95 -4.51 22.46
C12 OLA M . -5.44 -3.38 21.58
C13 OLA M . -5.29 -3.75 20.11
C14 OLA M . -4.87 -2.53 19.32
C15 OLA M . -5.01 -2.80 17.83
C16 OLA M . -5.37 -1.50 17.12
C17 OLA M . -4.26 -1.06 16.17
C18 OLA M . -4.72 0.12 15.30
C1 PEG N . 8.06 -6.38 55.48
O1 PEG N . 7.50 -7.55 54.88
C2 PEG N . 9.13 -5.77 54.62
O2 PEG N . 9.34 -4.39 54.97
C3 PEG N . 9.55 -3.53 53.85
C4 PEG N . 10.10 -4.27 52.67
O4 PEG N . 11.48 -4.01 52.50
C1 GOL O . -11.78 -35.39 22.28
O1 GOL O . -12.65 -34.49 21.63
C2 GOL O . -10.39 -34.73 22.26
O2 GOL O . -10.21 -33.90 23.35
C3 GOL O . -9.36 -35.90 22.23
O3 GOL O . -8.17 -35.34 21.72
C1 GOL P . -9.91 1.81 37.88
O1 GOL P . -8.63 2.40 38.06
C2 GOL P . -10.39 2.12 36.42
O2 GOL P . -10.56 3.49 36.21
C3 GOL P . -11.71 1.32 36.23
O3 GOL P . -11.36 0.11 35.64
C1 PGE Q . -5.03 8.67 24.37
O1 PGE Q . -5.02 9.50 23.22
C2 PGE Q . -4.78 7.26 23.89
O2 PGE Q . -5.12 6.36 24.92
C3 PGE Q . -4.75 5.00 24.71
C4 PGE Q . -5.61 4.38 23.64
O4 PGE Q . -4.58 5.37 20.17
C6 PGE Q . -5.23 4.11 20.06
C5 PGE Q . -5.32 3.53 21.46
O3 PGE Q . -4.97 4.55 22.38
CHA HEM R . -10.42 -6.95 -30.84
CHB HEM R . -14.16 -4.31 -29.17
CHC HEM R . -16.22 -8.30 -27.37
CHD HEM R . -12.31 -10.84 -28.63
C1A HEM R . -11.30 -5.91 -30.59
C2A HEM R . -11.10 -4.56 -31.04
C3A HEM R . -12.12 -3.82 -30.58
C4A HEM R . -12.99 -4.69 -29.83
CMA HEM R . -12.35 -2.32 -30.78
CAA HEM R . -9.90 -4.07 -31.88
CBA HEM R . -10.17 -4.05 -33.39
CGA HEM R . -8.91 -3.62 -34.13
O1A HEM R . -9.06 -3.02 -35.23
O2A HEM R . -7.78 -3.87 -33.65
C1B HEM R . -14.99 -5.14 -28.45
C2B HEM R . -16.12 -4.75 -27.65
C3B HEM R . -16.69 -5.85 -27.14
C4B HEM R . -15.93 -6.99 -27.61
CMB HEM R . -16.51 -3.28 -27.45
CAB HEM R . -17.91 -6.03 -26.19
CBB HEM R . -18.68 -5.03 -25.79
C1C HEM R . -15.42 -9.37 -27.66
C2C HEM R . -15.72 -10.76 -27.41
C3C HEM R . -14.62 -11.46 -27.76
C4C HEM R . -13.60 -10.51 -28.22
CMC HEM R . -17.10 -11.29 -26.90
CAC HEM R . -14.37 -12.98 -27.74
CBC HEM R . -15.18 -13.84 -27.09
C1D HEM R . -11.40 -10.00 -29.25
C2D HEM R . -10.06 -10.33 -29.67
C3D HEM R . -9.52 -9.26 -30.30
C4D HEM R . -10.52 -8.21 -30.27
CMD HEM R . -9.40 -11.70 -29.42
CAD HEM R . -8.10 -9.08 -30.93
CBD HEM R . -8.21 -9.37 -32.42
CGD HEM R . -6.96 -9.01 -33.19
O1D HEM R . -6.17 -8.12 -32.74
O2D HEM R . -6.76 -9.58 -34.30
NA HEM R . -12.47 -5.97 -29.85
NB HEM R . -14.92 -6.52 -28.41
NC HEM R . -14.13 -9.24 -28.14
ND HEM R . -11.63 -8.70 -29.63
FE HEM R . -13.42 -7.70 -29.21
C1 OLA S . -12.19 -6.21 -24.16
O1 OLA S . -12.34 -6.52 -22.95
O2 OLA S . -11.07 -6.37 -24.66
C2 OLA S . -13.35 -5.67 -25.00
C3 OLA S . -13.75 -4.35 -24.35
C4 OLA S . -12.59 -3.37 -24.57
C5 OLA S . -12.82 -2.45 -25.77
C6 OLA S . -11.55 -1.72 -26.19
C7 OLA S . -11.54 -0.38 -25.47
C8 OLA S . -10.37 0.46 -25.94
C9 OLA S . -10.36 1.62 -24.99
C10 OLA S . -9.42 2.72 -25.18
C11 OLA S . -8.29 2.62 -26.15
C12 OLA S . -7.76 4.04 -26.29
C13 OLA S . -6.59 4.16 -27.25
C14 OLA S . -6.12 5.60 -27.22
C15 OLA S . -5.28 5.97 -28.43
C16 OLA S . -3.88 5.43 -28.19
C17 OLA S . -2.83 6.31 -28.84
C18 OLA S . -2.62 7.61 -28.05
C1 PEG T . -3.57 7.11 -17.02
O1 PEG T . -2.22 7.54 -17.05
C2 PEG T . -3.90 6.19 -18.16
O2 PEG T . -4.09 6.96 -19.34
C3 PEG T . -2.88 7.26 -20.02
C4 PEG T . -3.14 8.19 -21.16
O4 PEG T . -1.93 8.60 -21.78
C1 GOL U . -3.56 -32.20 -22.60
O1 GOL U . -2.36 -32.83 -22.98
C2 GOL U . -4.39 -31.94 -23.89
O2 GOL U . -4.64 -33.10 -24.60
C3 GOL U . -3.57 -30.92 -24.71
O3 GOL U . -3.10 -29.93 -23.81
CL CL V . -28.62 4.90 -41.92
#